data_2MFC
#
_entry.id   2MFC
#
loop_
_entity.id
_entity.type
_entity.pdbx_description
1 polymer 'Carbon storage regulator homolog'
2 polymer 'SL1(RsmZ) RNA'
#
loop_
_entity_poly.entity_id
_entity_poly.type
_entity_poly.pdbx_seq_one_letter_code
_entity_poly.pdbx_strand_id
1 'polypeptide(L)' MLILTRKVGESINIGDDITITILGVSGQQVRIGINAPKDVAVHREEIYQRIQAGLTAPDKRETPHHHHHH A,C
2 'polyribonucleotide' GGGUGUCGACGGAUAGACACCC B,D
#
loop_
_chem_comp.id
_chem_comp.type
_chem_comp.name
_chem_comp.formula
A RNA linking ADENOSINE-5'-MONOPHOSPHATE 'C10 H14 N5 O7 P'
C RNA linking CYTIDINE-5'-MONOPHOSPHATE 'C9 H14 N3 O8 P'
G RNA linking GUANOSINE-5'-MONOPHOSPHATE 'C10 H14 N5 O8 P'
U RNA linking URIDINE-5'-MONOPHOSPHATE 'C9 H13 N2 O9 P'
#
# COMPACT_ATOMS: atom_id res chain seq x y z
N MET A 1 -6.28 10.75 4.47
CA MET A 1 -5.90 9.46 5.06
C MET A 1 -7.08 8.51 5.07
N LEU A 2 -6.90 7.29 4.56
CA LEU A 2 -7.90 6.25 4.59
C LEU A 2 -7.29 5.05 5.29
N ILE A 3 -7.67 4.82 6.55
CA ILE A 3 -7.18 3.70 7.33
C ILE A 3 -8.00 2.45 6.99
N LEU A 4 -7.34 1.29 7.06
CA LEU A 4 -7.97 0.00 6.92
C LEU A 4 -7.35 -0.93 7.96
N THR A 5 -8.00 -2.06 8.22
CA THR A 5 -7.46 -3.06 9.12
C THR A 5 -7.39 -4.40 8.41
N ARG A 6 -6.31 -5.14 8.61
CA ARG A 6 -6.12 -6.41 7.91
C ARG A 6 -5.40 -7.42 8.77
N LYS A 7 -5.90 -8.65 8.81
CA LYS A 7 -5.23 -9.76 9.48
C LYS A 7 -4.14 -10.30 8.55
N VAL A 8 -3.03 -10.80 9.09
CA VAL A 8 -1.97 -11.31 8.23
C VAL A 8 -2.53 -12.39 7.31
N GLY A 9 -2.16 -12.35 6.03
CA GLY A 9 -2.61 -13.32 5.05
C GLY A 9 -3.69 -12.79 4.12
N GLU A 10 -4.20 -11.57 4.35
CA GLU A 10 -5.23 -10.99 3.49
C GLU A 10 -4.65 -9.86 2.64
N SER A 11 -5.49 -9.14 1.87
CA SER A 11 -5.01 -8.18 0.89
C SER A 11 -5.85 -6.90 0.82
N ILE A 12 -5.33 -5.91 0.09
CA ILE A 12 -5.89 -4.58 -0.12
C ILE A 12 -5.57 -4.16 -1.55
N ASN A 13 -6.23 -3.11 -2.07
CA ASN A 13 -6.04 -2.69 -3.46
C ASN A 13 -5.96 -1.16 -3.59
N ILE A 14 -5.28 -0.71 -4.64
CA ILE A 14 -5.09 0.70 -4.94
C ILE A 14 -5.17 0.90 -6.45
N GLY A 15 -5.75 2.03 -6.87
CA GLY A 15 -5.94 2.31 -8.29
C GLY A 15 -6.71 1.18 -8.95
N ASP A 16 -6.31 0.83 -10.19
CA ASP A 16 -6.90 -0.27 -10.94
C ASP A 16 -5.77 -1.17 -11.47
N ASP A 17 -4.55 -0.95 -10.99
CA ASP A 17 -3.36 -1.65 -11.44
C ASP A 17 -2.42 -2.00 -10.28
N ILE A 18 -2.84 -1.81 -9.02
CA ILE A 18 -1.99 -2.12 -7.88
C ILE A 18 -2.76 -2.95 -6.85
N THR A 19 -2.03 -3.83 -6.17
CA THR A 19 -2.55 -4.70 -5.11
C THR A 19 -1.53 -4.74 -3.98
N ILE A 20 -2.00 -5.01 -2.76
CA ILE A 20 -1.19 -5.02 -1.56
C ILE A 20 -1.55 -6.27 -0.76
N THR A 21 -0.58 -6.83 -0.02
CA THR A 21 -0.81 -8.02 0.77
C THR A 21 -0.02 -7.95 2.07
N ILE A 22 -0.70 -8.12 3.19
CA ILE A 22 -0.05 -8.15 4.50
C ILE A 22 0.55 -9.52 4.72
N LEU A 23 1.82 -9.69 4.30
CA LEU A 23 2.50 -10.98 4.36
C LEU A 23 2.69 -11.43 5.81
N GLY A 24 2.84 -10.47 6.74
CA GLY A 24 2.92 -10.82 8.15
C GLY A 24 3.62 -9.75 8.97
N VAL A 25 3.90 -10.06 10.25
CA VAL A 25 4.62 -9.15 11.13
C VAL A 25 5.71 -9.91 11.90
N SER A 26 6.65 -9.16 12.49
CA SER A 26 7.72 -9.71 13.30
C SER A 26 8.17 -8.64 14.29
N GLY A 27 7.82 -8.81 15.56
CA GLY A 27 8.06 -7.80 16.57
C GLY A 27 7.18 -6.59 16.28
N GLN A 28 7.76 -5.58 15.62
CA GLN A 28 7.02 -4.42 15.16
C GLN A 28 7.23 -4.19 13.67
N GLN A 29 8.03 -5.05 13.02
CA GLN A 29 8.16 -5.04 11.58
C GLN A 29 6.88 -5.57 10.97
N VAL A 30 6.67 -5.24 9.70
CA VAL A 30 5.55 -5.74 8.92
C VAL A 30 6.07 -6.05 7.53
N ARG A 31 5.97 -7.32 7.11
CA ARG A 31 6.25 -7.67 5.73
C ARG A 31 5.02 -7.29 4.92
N ILE A 32 5.23 -6.40 3.95
CA ILE A 32 4.17 -5.94 3.07
C ILE A 32 4.56 -6.26 1.65
N GLY A 33 3.70 -6.99 0.94
CA GLY A 33 3.91 -7.32 -0.45
C GLY A 33 3.14 -6.34 -1.32
N ILE A 34 3.66 -6.06 -2.51
CA ILE A 34 3.01 -5.15 -3.43
C ILE A 34 3.08 -5.76 -4.82
N ASN A 35 2.03 -5.53 -5.61
CA ASN A 35 1.94 -6.10 -6.94
C ASN A 35 1.45 -5.03 -7.90
N ALA A 36 2.37 -4.50 -8.68
CA ALA A 36 2.11 -3.43 -9.64
C ALA A 36 2.98 -3.65 -10.88
N PRO A 37 2.56 -3.14 -12.05
CA PRO A 37 3.35 -3.22 -13.27
C PRO A 37 4.57 -2.31 -13.16
N LYS A 38 5.66 -2.67 -13.85
CA LYS A 38 6.85 -1.82 -13.91
C LYS A 38 6.54 -0.51 -14.64
N ASP A 39 5.29 -0.36 -15.12
CA ASP A 39 4.79 0.87 -15.71
C ASP A 39 4.63 1.95 -14.64
N VAL A 40 4.74 1.57 -13.36
CA VAL A 40 4.62 2.48 -12.22
C VAL A 40 5.69 2.14 -11.19
N ALA A 41 6.00 3.10 -10.31
CA ALA A 41 7.06 2.91 -9.33
C ALA A 41 6.48 2.57 -7.95
N VAL A 42 7.32 1.94 -7.11
CA VAL A 42 6.98 1.64 -5.73
C VAL A 42 8.26 1.55 -4.93
N HIS A 43 8.30 2.20 -3.75
CA HIS A 43 9.50 2.25 -2.92
C HIS A 43 9.15 2.51 -1.46
N ARG A 44 10.15 2.37 -0.58
CA ARG A 44 10.02 2.82 0.81
C ARG A 44 10.04 4.34 0.82
N GLU A 45 9.55 4.94 1.90
CA GLU A 45 9.51 6.39 2.03
C GLU A 45 10.93 6.96 2.13
N GLU A 46 11.88 6.14 2.57
CA GLU A 46 13.28 6.53 2.71
C GLU A 46 14.03 6.38 1.37
N ILE A 47 13.36 5.86 0.34
CA ILE A 47 13.94 5.65 -0.98
C ILE A 47 13.18 6.47 -2.01
N TYR A 48 11.86 6.63 -1.84
CA TYR A 48 11.06 7.38 -2.77
C TYR A 48 11.60 8.80 -2.95
N GLN A 49 12.11 9.40 -1.86
CA GLN A 49 12.64 10.76 -1.91
C GLN A 49 13.89 10.82 -2.79
N ARG A 50 14.54 9.67 -3.02
CA ARG A 50 15.76 9.61 -3.80
C ARG A 50 15.47 9.46 -5.29
N ILE A 51 14.42 8.73 -5.66
CA ILE A 51 14.02 8.62 -7.05
C ILE A 51 13.57 9.99 -7.56
N GLN A 52 13.26 10.89 -6.63
CA GLN A 52 12.82 12.24 -6.94
C GLN A 52 13.96 13.26 -6.76
N ALA A 53 15.15 12.80 -6.42
CA ALA A 53 16.31 13.67 -6.22
C ALA A 53 17.44 13.37 -7.20
N GLY A 54 17.58 12.11 -7.61
CA GLY A 54 18.56 11.71 -8.62
C GLY A 54 19.04 10.27 -8.38
N LEU A 55 19.45 9.60 -9.46
CA LEU A 55 19.89 8.22 -9.42
C LEU A 55 20.65 7.84 -10.68
N THR A 56 21.23 6.63 -10.68
CA THR A 56 21.95 6.07 -11.82
C THR A 56 21.78 4.55 -11.89
N ALA A 57 21.08 3.96 -10.92
CA ALA A 57 20.87 2.52 -10.86
C ALA A 57 19.97 1.97 -11.97
N PRO A 58 18.92 2.69 -12.40
CA PRO A 58 18.07 2.29 -13.52
C PRO A 58 18.85 2.01 -14.81
N ASP A 59 18.16 1.45 -15.81
CA ASP A 59 18.75 1.12 -17.10
C ASP A 59 19.30 2.36 -17.81
N MET C 1 5.64 -9.02 -7.54
CA MET C 1 5.63 -8.95 -6.06
C MET C 1 6.90 -8.28 -5.56
N LEU C 2 6.76 -7.20 -4.79
CA LEU C 2 7.89 -6.50 -4.20
C LEU C 2 7.61 -6.39 -2.70
N ILE C 3 8.40 -7.13 -1.91
CA ILE C 3 8.26 -7.13 -0.46
C ILE C 3 9.15 -6.04 0.14
N LEU C 4 8.67 -5.45 1.24
CA LEU C 4 9.38 -4.48 2.02
C LEU C 4 9.10 -4.77 3.49
N THR C 5 9.94 -4.27 4.39
CA THR C 5 9.71 -4.39 5.82
C THR C 5 9.59 -3.00 6.41
N ARG C 6 8.69 -2.83 7.38
CA ARG C 6 8.46 -1.52 7.98
C ARG C 6 8.10 -1.64 9.45
N LYS C 7 8.80 -0.90 10.33
CA LYS C 7 8.47 -0.85 11.75
C LYS C 7 7.24 0.04 11.91
N VAL C 8 6.42 -0.21 12.93
CA VAL C 8 5.24 0.64 13.12
C VAL C 8 5.67 2.10 13.29
N GLY C 9 4.91 3.03 12.70
CA GLY C 9 5.21 4.45 12.79
C GLY C 9 6.00 4.97 11.57
N GLU C 10 6.37 4.10 10.64
CA GLU C 10 7.11 4.51 9.44
C GLU C 10 6.20 4.49 8.22
N SER C 11 6.75 4.74 7.01
CA SER C 11 5.93 4.91 5.81
C SER C 11 6.54 4.25 4.58
N ILE C 12 5.71 4.16 3.52
CA ILE C 12 6.02 3.54 2.24
C ILE C 12 5.37 4.39 1.15
N ASN C 13 5.76 4.21 -0.13
CA ASN C 13 5.25 5.03 -1.22
C ASN C 13 4.96 4.21 -2.49
N ILE C 14 4.03 4.72 -3.31
CA ILE C 14 3.62 4.09 -4.55
C ILE C 14 3.33 5.19 -5.57
N GLY C 15 3.65 4.92 -6.84
CA GLY C 15 3.46 5.88 -7.91
C GLY C 15 4.18 7.19 -7.60
N ASP C 16 3.52 8.30 -7.93
CA ASP C 16 4.02 9.65 -7.67
C ASP C 16 2.92 10.47 -6.98
N ASP C 17 1.85 9.81 -6.54
CA ASP C 17 0.69 10.45 -5.94
C ASP C 17 0.12 9.63 -4.78
N ILE C 18 0.79 8.57 -4.34
CA ILE C 18 0.28 7.75 -3.25
C ILE C 18 1.35 7.54 -2.18
N THR C 19 0.92 7.49 -0.92
CA THR C 19 1.76 7.24 0.23
C THR C 19 1.03 6.27 1.15
N ILE C 20 1.78 5.54 1.98
CA ILE C 20 1.26 4.52 2.87
C ILE C 20 1.94 4.67 4.23
N THR C 21 1.23 4.36 5.31
CA THR C 21 1.80 4.47 6.65
C THR C 21 1.32 3.31 7.52
N ILE C 22 2.27 2.58 8.11
CA ILE C 22 1.97 1.48 9.01
C ILE C 22 1.63 2.06 10.39
N LEU C 23 0.35 2.32 10.63
CA LEU C 23 -0.09 2.96 11.87
C LEU C 23 0.17 2.05 13.07
N GLY C 24 0.10 0.73 12.88
CA GLY C 24 0.47 -0.20 13.94
C GLY C 24 -0.14 -1.59 13.75
N VAL C 25 0.04 -2.45 14.76
CA VAL C 25 -0.50 -3.81 14.75
C VAL C 25 -1.14 -4.14 16.10
N SER C 26 -2.00 -5.16 16.11
CA SER C 26 -2.61 -5.68 17.32
C SER C 26 -2.95 -7.14 17.07
N GLY C 27 -2.29 -8.05 17.78
CA GLY C 27 -2.40 -9.48 17.52
C GLY C 27 -1.86 -9.78 16.14
N GLN C 28 -2.76 -9.93 15.16
CA GLN C 28 -2.38 -10.12 13.76
C GLN C 28 -3.05 -9.08 12.88
N GLN C 29 -3.87 -8.20 13.48
CA GLN C 29 -4.46 -7.09 12.76
C GLN C 29 -3.37 -6.05 12.53
N VAL C 30 -3.55 -5.23 11.49
CA VAL C 30 -2.60 -4.18 11.16
C VAL C 30 -3.39 -2.97 10.69
N ARG C 31 -3.26 -1.85 11.39
CA ARG C 31 -3.81 -0.59 10.92
C ARG C 31 -2.86 -0.06 9.85
N ILE C 32 -3.37 0.08 8.63
CA ILE C 32 -2.61 0.56 7.51
C ILE C 32 -3.32 1.80 6.98
N GLY C 33 -2.62 2.94 6.99
CA GLY C 33 -3.16 4.18 6.50
C GLY C 33 -2.71 4.39 5.06
N ILE C 34 -3.52 5.11 4.28
CA ILE C 34 -3.21 5.38 2.89
C ILE C 34 -3.50 6.84 2.62
N ASN C 35 -2.70 7.46 1.75
CA ASN C 35 -2.85 8.87 1.43
C ASN C 35 -2.72 9.03 -0.08
N ALA C 36 -3.88 9.25 -0.73
CA ALA C 36 -3.97 9.40 -2.16
C ALA C 36 -5.08 10.40 -2.48
N PRO C 37 -5.03 11.08 -3.63
CA PRO C 37 -6.07 11.99 -4.07
C PRO C 37 -7.31 11.20 -4.47
N LYS C 38 -8.48 11.83 -4.34
CA LYS C 38 -9.73 11.21 -4.78
C LYS C 38 -9.75 11.05 -6.30
N ASP C 39 -8.69 11.51 -6.96
CA ASP C 39 -8.46 11.30 -8.39
C ASP C 39 -8.18 9.82 -8.69
N VAL C 40 -7.94 9.02 -7.64
CA VAL C 40 -7.67 7.59 -7.76
C VAL C 40 -8.42 6.84 -6.66
N ALA C 41 -8.61 5.53 -6.85
CA ALA C 41 -9.38 4.74 -5.92
C ALA C 41 -8.49 3.94 -4.98
N VAL C 42 -9.03 3.56 -3.81
CA VAL C 42 -8.36 2.69 -2.87
C VAL C 42 -9.41 1.94 -2.05
N HIS C 43 -9.25 0.63 -1.89
CA HIS C 43 -10.22 -0.20 -1.19
C HIS C 43 -9.58 -1.48 -0.69
N ARG C 44 -10.28 -2.21 0.19
CA ARG C 44 -9.87 -3.56 0.55
C ARG C 44 -10.08 -4.47 -0.65
N GLU C 45 -9.42 -5.62 -0.66
CA GLU C 45 -9.51 -6.56 -1.78
C GLU C 45 -10.92 -7.16 -1.87
N GLU C 46 -11.65 -7.17 -0.76
CA GLU C 46 -13.02 -7.69 -0.73
C GLU C 46 -14.04 -6.63 -1.18
N ILE C 47 -13.58 -5.40 -1.42
CA ILE C 47 -14.43 -4.29 -1.86
C ILE C 47 -14.02 -3.85 -3.26
N TYR C 48 -12.73 -3.90 -3.60
CA TYR C 48 -12.25 -3.51 -4.91
C TYR C 48 -12.97 -4.25 -6.01
N GLN C 49 -13.27 -5.54 -5.79
CA GLN C 49 -13.93 -6.37 -6.79
C GLN C 49 -15.35 -5.87 -7.05
N ARG C 50 -15.93 -5.11 -6.11
CA ARG C 50 -17.29 -4.63 -6.21
C ARG C 50 -17.37 -3.32 -6.98
N ILE C 51 -16.33 -2.48 -6.90
CA ILE C 51 -16.28 -1.25 -7.68
C ILE C 51 -16.21 -1.62 -9.17
N GLN C 52 -15.82 -2.86 -9.46
CA GLN C 52 -15.62 -3.35 -10.82
C GLN C 52 -16.75 -4.28 -11.28
N ALA C 53 -17.78 -4.49 -10.45
CA ALA C 53 -18.82 -5.47 -10.75
C ALA C 53 -20.19 -4.86 -11.06
N GLY C 54 -20.40 -3.56 -10.80
CA GLY C 54 -21.68 -2.92 -11.11
C GLY C 54 -22.12 -1.92 -10.05
N LEU C 55 -21.34 -1.78 -8.97
CA LEU C 55 -21.60 -0.91 -7.84
C LEU C 55 -22.88 -1.28 -7.07
N THR C 56 -22.96 -0.80 -5.83
CA THR C 56 -24.11 -1.01 -4.94
C THR C 56 -24.28 0.21 -4.02
N ALA C 57 -23.47 1.24 -4.22
CA ALA C 57 -23.49 2.45 -3.40
C ALA C 57 -22.98 3.68 -4.18
N PRO C 58 -23.39 3.91 -5.43
CA PRO C 58 -22.91 5.05 -6.22
C PRO C 58 -22.97 6.37 -5.47
N ASP C 59 -24.05 6.60 -4.72
CA ASP C 59 -24.25 7.81 -3.95
C ASP C 59 -25.44 7.66 -3.00
N MET A 1 -6.06 10.68 4.31
CA MET A 1 -5.73 9.38 4.93
C MET A 1 -6.95 8.46 4.93
N LEU A 2 -6.77 7.22 4.49
CA LEU A 2 -7.81 6.21 4.56
C LEU A 2 -7.21 5.00 5.27
N ILE A 3 -7.66 4.75 6.50
CA ILE A 3 -7.17 3.64 7.31
C ILE A 3 -7.96 2.38 6.97
N LEU A 4 -7.26 1.25 7.02
CA LEU A 4 -7.86 -0.07 6.85
C LEU A 4 -7.13 -1.03 7.79
N THR A 5 -7.88 -1.87 8.49
CA THR A 5 -7.28 -2.91 9.32
C THR A 5 -7.21 -4.18 8.49
N ARG A 6 -6.14 -4.95 8.67
CA ARG A 6 -5.97 -6.18 7.90
C ARG A 6 -5.27 -7.23 8.75
N LYS A 7 -5.84 -8.44 8.82
CA LYS A 7 -5.21 -9.55 9.52
C LYS A 7 -4.12 -10.11 8.61
N VAL A 8 -3.02 -10.61 9.19
CA VAL A 8 -1.95 -11.17 8.38
C VAL A 8 -2.51 -12.30 7.51
N GLY A 9 -2.32 -12.18 6.19
CA GLY A 9 -2.79 -13.18 5.23
C GLY A 9 -3.82 -12.63 4.24
N GLU A 10 -4.28 -11.38 4.42
CA GLU A 10 -5.29 -10.80 3.54
C GLU A 10 -4.69 -9.71 2.64
N SER A 11 -5.52 -9.02 1.86
CA SER A 11 -5.04 -8.08 0.84
C SER A 11 -5.87 -6.80 0.75
N ILE A 12 -5.35 -5.83 -0.02
CA ILE A 12 -5.92 -4.51 -0.23
C ILE A 12 -5.62 -4.11 -1.69
N ASN A 13 -6.28 -3.09 -2.24
CA ASN A 13 -6.13 -2.69 -3.63
C ASN A 13 -6.05 -1.18 -3.77
N ILE A 14 -5.39 -0.74 -4.86
CA ILE A 14 -5.21 0.67 -5.19
C ILE A 14 -5.30 0.84 -6.70
N GLY A 15 -5.98 1.90 -7.14
CA GLY A 15 -6.18 2.15 -8.56
C GLY A 15 -6.83 0.93 -9.22
N ASP A 16 -6.36 0.61 -10.42
CA ASP A 16 -6.82 -0.56 -11.18
C ASP A 16 -5.63 -1.38 -11.67
N ASP A 17 -4.43 -1.05 -11.18
CA ASP A 17 -3.20 -1.71 -11.59
C ASP A 17 -2.27 -1.99 -10.40
N ILE A 18 -2.73 -1.78 -9.16
CA ILE A 18 -1.90 -2.03 -7.99
C ILE A 18 -2.68 -2.83 -6.95
N THR A 19 -1.96 -3.71 -6.24
CA THR A 19 -2.52 -4.54 -5.17
C THR A 19 -1.51 -4.58 -4.03
N ILE A 20 -2.00 -4.82 -2.81
CA ILE A 20 -1.19 -4.82 -1.60
C ILE A 20 -1.55 -6.06 -0.79
N THR A 21 -0.59 -6.60 -0.04
CA THR A 21 -0.80 -7.80 0.75
C THR A 21 -0.05 -7.67 2.07
N ILE A 22 -0.62 -8.20 3.16
CA ILE A 22 0.01 -8.19 4.46
C ILE A 22 0.58 -9.58 4.72
N LEU A 23 1.83 -9.78 4.32
CA LEU A 23 2.48 -11.07 4.39
C LEU A 23 2.67 -11.53 5.83
N GLY A 24 2.83 -10.58 6.76
CA GLY A 24 2.90 -10.91 8.18
C GLY A 24 3.64 -9.84 8.97
N VAL A 25 3.98 -10.15 10.22
CA VAL A 25 4.72 -9.22 11.07
C VAL A 25 6.01 -9.86 11.56
N SER A 26 6.88 -9.03 12.12
CA SER A 26 8.22 -9.40 12.58
C SER A 26 8.53 -8.57 13.82
N GLY A 27 7.71 -8.73 14.86
CA GLY A 27 7.80 -7.89 16.03
C GLY A 27 7.05 -6.60 15.74
N GLN A 28 7.77 -5.49 15.69
CA GLN A 28 7.19 -4.21 15.32
C GLN A 28 7.41 -3.99 13.83
N GLN A 29 8.10 -4.91 13.16
CA GLN A 29 8.20 -4.87 11.71
C GLN A 29 6.95 -5.49 11.11
N VAL A 30 6.71 -5.17 9.84
CA VAL A 30 5.61 -5.72 9.08
C VAL A 30 6.10 -6.04 7.68
N ARG A 31 5.96 -7.30 7.25
CA ARG A 31 6.24 -7.67 5.88
C ARG A 31 5.03 -7.33 5.05
N ILE A 32 5.22 -6.40 4.11
CA ILE A 32 4.17 -5.95 3.23
C ILE A 32 4.59 -6.28 1.81
N GLY A 33 3.65 -6.79 1.01
CA GLY A 33 3.90 -7.15 -0.38
C GLY A 33 3.14 -6.18 -1.27
N ILE A 34 3.68 -5.91 -2.45
CA ILE A 34 3.05 -5.00 -3.40
C ILE A 34 3.12 -5.66 -4.78
N ASN A 35 2.08 -5.45 -5.58
CA ASN A 35 1.99 -6.03 -6.90
C ASN A 35 1.51 -4.97 -7.88
N ALA A 36 2.45 -4.46 -8.67
CA ALA A 36 2.19 -3.41 -9.64
C ALA A 36 3.07 -3.65 -10.86
N PRO A 37 2.68 -3.14 -12.04
CA PRO A 37 3.47 -3.26 -13.24
C PRO A 37 4.70 -2.36 -13.16
N LYS A 38 5.79 -2.73 -13.84
CA LYS A 38 6.98 -1.90 -13.91
C LYS A 38 6.68 -0.60 -14.65
N ASP A 39 5.46 -0.46 -15.19
CA ASP A 39 4.97 0.77 -15.78
C ASP A 39 4.75 1.86 -14.73
N VAL A 40 4.87 1.50 -13.44
CA VAL A 40 4.75 2.43 -12.33
C VAL A 40 5.81 2.10 -11.28
N ALA A 41 6.12 3.06 -10.42
CA ALA A 41 7.18 2.91 -9.43
C ALA A 41 6.62 2.59 -8.04
N VAL A 42 7.45 1.98 -7.19
CA VAL A 42 7.11 1.71 -5.80
C VAL A 42 8.41 1.64 -5.00
N HIS A 43 8.44 2.27 -3.81
CA HIS A 43 9.63 2.33 -2.98
C HIS A 43 9.28 2.59 -1.52
N ARG A 44 10.27 2.40 -0.64
CA ARG A 44 10.15 2.83 0.75
C ARG A 44 10.14 4.35 0.77
N GLU A 45 9.55 4.98 1.78
CA GLU A 45 9.50 6.44 1.86
C GLU A 45 10.91 7.02 2.01
N GLU A 46 11.85 6.23 2.54
CA GLU A 46 13.24 6.65 2.70
C GLU A 46 14.03 6.50 1.41
N ILE A 47 13.41 5.94 0.36
CA ILE A 47 14.03 5.72 -0.94
C ILE A 47 13.30 6.52 -2.01
N TYR A 48 11.99 6.68 -1.90
CA TYR A 48 11.21 7.44 -2.87
C TYR A 48 11.74 8.86 -3.00
N GLN A 49 12.19 9.45 -1.89
CA GLN A 49 12.72 10.80 -1.90
C GLN A 49 14.01 10.88 -2.72
N ARG A 50 14.68 9.74 -2.92
CA ARG A 50 15.94 9.69 -3.63
C ARG A 50 15.71 9.56 -5.14
N ILE A 51 14.68 8.81 -5.55
CA ILE A 51 14.35 8.71 -6.97
C ILE A 51 13.91 10.09 -7.49
N GLN A 52 13.56 10.99 -6.57
CA GLN A 52 13.13 12.34 -6.89
C GLN A 52 14.24 13.37 -6.65
N ALA A 53 15.43 12.90 -6.24
CA ALA A 53 16.57 13.77 -5.98
C ALA A 53 17.73 13.49 -6.93
N GLY A 54 17.87 12.25 -7.39
CA GLY A 54 18.88 11.86 -8.36
C GLY A 54 19.39 10.45 -8.07
N LEU A 55 19.87 9.77 -9.12
CA LEU A 55 20.37 8.41 -9.01
C LEU A 55 21.24 8.03 -10.22
N THR A 56 21.88 6.86 -10.14
CA THR A 56 22.76 6.35 -11.18
C THR A 56 22.60 4.85 -11.35
N ALA A 57 21.62 4.24 -10.67
CA ALA A 57 21.35 2.81 -10.77
C ALA A 57 20.95 2.37 -12.19
N PRO A 58 20.23 3.18 -12.99
CA PRO A 58 19.95 2.90 -14.38
C PRO A 58 21.20 2.64 -15.22
N ASP A 59 20.99 2.34 -16.51
CA ASP A 59 22.08 2.10 -17.46
C ASP A 59 22.99 3.33 -17.57
N MET C 1 5.65 -9.05 -7.44
CA MET C 1 5.65 -8.92 -5.97
C MET C 1 6.93 -8.25 -5.51
N LEU C 2 6.79 -7.14 -4.78
CA LEU C 2 7.92 -6.44 -4.18
C LEU C 2 7.65 -6.34 -2.69
N ILE C 3 8.39 -7.11 -1.89
CA ILE C 3 8.26 -7.12 -0.44
C ILE C 3 9.09 -5.98 0.14
N LEU C 4 8.59 -5.43 1.26
CA LEU C 4 9.28 -4.41 2.03
C LEU C 4 9.04 -4.73 3.50
N THR C 5 9.93 -4.23 4.38
CA THR C 5 9.76 -4.36 5.81
C THR C 5 9.65 -2.96 6.39
N ARG C 6 8.75 -2.77 7.35
CA ARG C 6 8.51 -1.45 7.89
C ARG C 6 8.15 -1.53 9.37
N LYS C 7 8.84 -0.74 10.21
CA LYS C 7 8.52 -0.68 11.63
C LYS C 7 7.30 0.20 11.81
N VAL C 8 6.48 -0.07 12.82
CA VAL C 8 5.30 0.74 13.07
C VAL C 8 5.72 2.20 13.25
N GLY C 9 5.06 3.13 12.54
CA GLY C 9 5.37 4.54 12.64
C GLY C 9 6.13 5.07 11.41
N GLU C 10 6.43 4.20 10.43
CA GLU C 10 7.15 4.60 9.23
C GLU C 10 6.23 4.54 8.00
N SER C 11 6.78 4.80 6.80
CA SER C 11 5.97 4.94 5.60
C SER C 11 6.61 4.32 4.35
N ILE C 12 5.80 4.23 3.28
CA ILE C 12 6.15 3.64 1.99
C ILE C 12 5.47 4.49 0.90
N ASN C 13 5.86 4.34 -0.37
CA ASN C 13 5.32 5.15 -1.46
C ASN C 13 5.05 4.33 -2.72
N ILE C 14 4.11 4.81 -3.53
CA ILE C 14 3.70 4.18 -4.78
C ILE C 14 3.40 5.26 -5.81
N GLY C 15 3.75 5.00 -7.07
CA GLY C 15 3.52 5.96 -8.15
C GLY C 15 4.19 7.29 -7.82
N ASP C 16 3.52 8.38 -8.17
CA ASP C 16 3.98 9.74 -7.92
C ASP C 16 2.87 10.54 -7.23
N ASP C 17 1.81 9.85 -6.81
CA ASP C 17 0.63 10.48 -6.20
C ASP C 17 0.07 9.64 -5.05
N ILE C 18 0.77 8.59 -4.60
CA ILE C 18 0.28 7.77 -3.50
C ILE C 18 1.36 7.56 -2.45
N THR C 19 0.91 7.47 -1.19
CA THR C 19 1.76 7.21 -0.04
C THR C 19 1.06 6.19 0.85
N ILE C 20 1.84 5.44 1.63
CA ILE C 20 1.33 4.37 2.49
C ILE C 20 1.99 4.52 3.85
N THR C 21 1.30 4.12 4.92
CA THR C 21 1.82 4.26 6.27
C THR C 21 1.43 3.04 7.09
N ILE C 22 2.26 2.69 8.08
CA ILE C 22 2.01 1.58 8.98
C ILE C 22 1.73 2.16 10.37
N LEU C 23 0.45 2.47 10.63
CA LEU C 23 0.03 3.12 11.86
C LEU C 23 0.32 2.24 13.07
N GLY C 24 0.27 0.92 12.90
CA GLY C 24 0.62 0.00 13.99
C GLY C 24 0.00 -1.37 13.82
N VAL C 25 0.07 -2.19 14.89
CA VAL C 25 -0.54 -3.52 14.91
C VAL C 25 -1.30 -3.71 16.22
N SER C 26 -2.21 -4.69 16.24
CA SER C 26 -2.97 -5.06 17.41
C SER C 26 -3.35 -6.52 17.26
N GLY C 27 -2.58 -7.41 17.91
CA GLY C 27 -2.75 -8.83 17.67
C GLY C 27 -2.21 -9.14 16.28
N GLN C 28 -3.03 -9.78 15.45
CA GLN C 28 -2.65 -10.14 14.10
C GLN C 28 -3.20 -9.11 13.11
N GLN C 29 -3.88 -8.08 13.63
CA GLN C 29 -4.33 -6.98 12.81
C GLN C 29 -3.19 -6.02 12.57
N VAL C 30 -3.34 -5.19 11.52
CA VAL C 30 -2.38 -4.18 11.18
C VAL C 30 -3.15 -2.95 10.74
N ARG C 31 -3.03 -1.83 11.46
CA ARG C 31 -3.60 -0.58 11.01
C ARG C 31 -2.69 -0.03 9.94
N ILE C 32 -3.20 -0.02 8.71
CA ILE C 32 -2.50 0.51 7.55
C ILE C 32 -3.20 1.80 7.14
N GLY C 33 -2.42 2.77 6.66
CA GLY C 33 -2.97 4.04 6.21
C GLY C 33 -2.55 4.27 4.78
N ILE C 34 -3.38 5.01 4.04
CA ILE C 34 -3.11 5.30 2.64
C ILE C 34 -3.44 6.76 2.38
N ASN C 35 -2.67 7.40 1.50
CA ASN C 35 -2.85 8.80 1.20
C ASN C 35 -2.74 8.99 -0.31
N ALA C 36 -3.90 9.17 -0.94
CA ALA C 36 -4.00 9.35 -2.38
C ALA C 36 -5.11 10.34 -2.69
N PRO C 37 -5.06 11.03 -3.84
CA PRO C 37 -6.09 11.94 -4.26
C PRO C 37 -7.36 11.18 -4.62
N LYS C 38 -8.52 11.81 -4.46
CA LYS C 38 -9.79 11.20 -4.87
C LYS C 38 -9.84 11.04 -6.39
N ASP C 39 -8.79 11.49 -7.08
CA ASP C 39 -8.60 11.28 -8.51
C ASP C 39 -8.33 9.80 -8.81
N VAL C 40 -8.08 9.00 -7.77
CA VAL C 40 -7.83 7.57 -7.89
C VAL C 40 -8.55 6.82 -6.78
N ALA C 41 -8.77 5.52 -6.95
CA ALA C 41 -9.52 4.73 -5.99
C ALA C 41 -8.60 3.90 -5.09
N VAL C 42 -9.10 3.54 -3.91
CA VAL C 42 -8.40 2.65 -2.98
C VAL C 42 -9.42 1.93 -2.13
N HIS C 43 -9.29 0.61 -1.98
CA HIS C 43 -10.25 -0.20 -1.24
C HIS C 43 -9.61 -1.50 -0.77
N ARG C 44 -10.29 -2.21 0.14
CA ARG C 44 -9.91 -3.56 0.51
C ARG C 44 -10.16 -4.47 -0.69
N GLU C 45 -9.52 -5.64 -0.71
CA GLU C 45 -9.67 -6.58 -1.82
C GLU C 45 -11.10 -7.13 -1.87
N GLU C 46 -11.79 -7.11 -0.73
CA GLU C 46 -13.17 -7.59 -0.62
C GLU C 46 -14.19 -6.50 -1.00
N ILE C 47 -13.70 -5.26 -1.24
CA ILE C 47 -14.55 -4.13 -1.63
C ILE C 47 -14.22 -3.70 -3.05
N TYR C 48 -12.95 -3.79 -3.45
CA TYR C 48 -12.54 -3.39 -4.78
C TYR C 48 -13.35 -4.13 -5.85
N GLN C 49 -13.63 -5.41 -5.61
CA GLN C 49 -14.38 -6.21 -6.57
C GLN C 49 -15.81 -5.70 -6.73
N ARG C 50 -16.30 -4.94 -5.75
CA ARG C 50 -17.68 -4.46 -5.75
C ARG C 50 -17.81 -3.15 -6.53
N ILE C 51 -16.78 -2.31 -6.51
CA ILE C 51 -16.77 -1.09 -7.31
C ILE C 51 -16.79 -1.47 -8.80
N GLN C 52 -16.43 -2.72 -9.11
CA GLN C 52 -16.32 -3.22 -10.47
C GLN C 52 -17.49 -4.14 -10.85
N ALA C 53 -18.47 -4.34 -9.96
CA ALA C 53 -19.53 -5.32 -10.17
C ALA C 53 -20.92 -4.71 -10.38
N GLY C 54 -21.09 -3.40 -10.15
CA GLY C 54 -22.38 -2.75 -10.37
C GLY C 54 -22.76 -1.78 -9.25
N LEU C 55 -21.90 -1.65 -8.25
CA LEU C 55 -22.09 -0.80 -7.08
C LEU C 55 -23.30 -1.21 -6.23
N THR C 56 -23.34 -0.68 -5.01
CA THR C 56 -24.41 -0.90 -4.04
C THR C 56 -24.55 0.34 -3.14
N ALA C 57 -23.78 1.39 -3.44
CA ALA C 57 -23.74 2.62 -2.66
C ALA C 57 -23.47 3.82 -3.57
N PRO C 58 -24.38 4.14 -4.50
CA PRO C 58 -24.28 5.29 -5.41
C PRO C 58 -24.05 6.63 -4.73
N ASP C 59 -24.12 7.68 -5.56
CA ASP C 59 -23.81 9.05 -5.16
C ASP C 59 -24.88 10.02 -5.66
N MET A 1 -6.10 10.66 4.18
CA MET A 1 -5.79 9.41 4.90
C MET A 1 -6.99 8.49 4.94
N LEU A 2 -6.81 7.25 4.48
CA LEU A 2 -7.86 6.24 4.55
C LEU A 2 -7.24 5.02 5.25
N ILE A 3 -7.71 4.73 6.47
CA ILE A 3 -7.22 3.62 7.27
C ILE A 3 -7.99 2.36 6.90
N LEU A 4 -7.28 1.22 6.95
CA LEU A 4 -7.86 -0.10 6.80
C LEU A 4 -7.13 -1.05 7.75
N THR A 5 -7.88 -1.87 8.48
CA THR A 5 -7.30 -2.92 9.31
C THR A 5 -7.18 -4.17 8.45
N ARG A 6 -6.14 -4.97 8.69
CA ARG A 6 -5.98 -6.21 7.94
C ARG A 6 -5.27 -7.27 8.78
N LYS A 7 -5.83 -8.48 8.82
CA LYS A 7 -5.19 -9.60 9.51
C LYS A 7 -4.11 -10.18 8.59
N VAL A 8 -3.02 -10.69 9.17
CA VAL A 8 -1.95 -11.27 8.37
C VAL A 8 -2.50 -12.38 7.48
N GLY A 9 -2.22 -12.29 6.17
CA GLY A 9 -2.68 -13.27 5.21
C GLY A 9 -3.71 -12.71 4.23
N GLU A 10 -4.16 -11.45 4.41
CA GLU A 10 -5.16 -10.85 3.53
C GLU A 10 -4.55 -9.73 2.68
N SER A 11 -5.39 -9.01 1.92
CA SER A 11 -4.92 -8.04 0.94
C SER A 11 -5.78 -6.78 0.90
N ILE A 12 -5.30 -5.78 0.15
CA ILE A 12 -5.91 -4.46 -0.05
C ILE A 12 -5.61 -4.05 -1.49
N ASN A 13 -6.30 -3.03 -2.03
CA ASN A 13 -6.14 -2.61 -3.42
C ASN A 13 -6.09 -1.10 -3.58
N ILE A 14 -5.42 -0.65 -4.65
CA ILE A 14 -5.25 0.76 -4.98
C ILE A 14 -5.33 0.91 -6.50
N GLY A 15 -5.95 2.01 -6.95
CA GLY A 15 -6.14 2.27 -8.37
C GLY A 15 -6.85 1.08 -9.03
N ASP A 16 -6.43 0.75 -10.24
CA ASP A 16 -6.94 -0.40 -10.98
C ASP A 16 -5.79 -1.25 -11.51
N ASP A 17 -4.56 -0.97 -11.04
CA ASP A 17 -3.35 -1.68 -11.45
C ASP A 17 -2.46 -2.00 -10.25
N ILE A 18 -2.90 -1.77 -9.01
CA ILE A 18 -2.06 -2.04 -7.85
C ILE A 18 -2.82 -2.86 -6.81
N THR A 19 -2.08 -3.71 -6.10
CA THR A 19 -2.59 -4.54 -5.02
C THR A 19 -1.56 -4.55 -3.90
N ILE A 20 -2.01 -4.79 -2.67
CA ILE A 20 -1.18 -4.77 -1.48
C ILE A 20 -1.52 -6.01 -0.64
N THR A 21 -0.55 -6.54 0.09
CA THR A 21 -0.74 -7.74 0.90
C THR A 21 0.02 -7.60 2.22
N ILE A 22 -0.48 -8.26 3.25
CA ILE A 22 0.12 -8.25 4.57
C ILE A 22 0.68 -9.64 4.87
N LEU A 23 1.94 -9.84 4.51
CA LEU A 23 2.60 -11.14 4.64
C LEU A 23 2.75 -11.54 6.10
N GLY A 24 2.89 -10.57 7.01
CA GLY A 24 2.92 -10.86 8.43
C GLY A 24 3.62 -9.79 9.25
N VAL A 25 3.85 -10.06 10.54
CA VAL A 25 4.54 -9.14 11.43
C VAL A 25 5.59 -9.89 12.28
N SER A 26 6.51 -9.14 12.88
CA SER A 26 7.52 -9.69 13.78
C SER A 26 7.92 -8.59 14.76
N GLY A 27 7.54 -8.73 16.03
CA GLY A 27 7.75 -7.66 17.00
C GLY A 27 6.92 -6.46 16.62
N GLN A 28 7.55 -5.49 15.96
CA GLN A 28 6.87 -4.32 15.42
C GLN A 28 7.16 -4.16 13.93
N GLN A 29 7.92 -5.11 13.35
CA GLN A 29 8.10 -5.14 11.92
C GLN A 29 6.82 -5.64 11.26
N VAL A 30 6.69 -5.35 9.97
CA VAL A 30 5.57 -5.80 9.17
C VAL A 30 6.12 -6.12 7.79
N ARG A 31 6.00 -7.37 7.36
CA ARG A 31 6.31 -7.73 5.97
C ARG A 31 5.08 -7.37 5.15
N ILE A 32 5.27 -6.47 4.19
CA ILE A 32 4.21 -6.01 3.31
C ILE A 32 4.62 -6.35 1.89
N GLY A 33 3.64 -6.80 1.09
CA GLY A 33 3.87 -7.15 -0.31
C GLY A 33 3.13 -6.16 -1.18
N ILE A 34 3.66 -5.89 -2.37
CA ILE A 34 3.03 -4.99 -3.31
C ILE A 34 3.07 -5.63 -4.68
N ASN A 35 2.02 -5.41 -5.47
CA ASN A 35 1.91 -6.01 -6.79
C ASN A 35 1.41 -4.95 -7.76
N ALA A 36 2.33 -4.43 -8.57
CA ALA A 36 2.06 -3.39 -9.53
C ALA A 36 2.91 -3.63 -10.78
N PRO A 37 2.49 -3.12 -11.96
CA PRO A 37 3.25 -3.26 -13.18
C PRO A 37 4.49 -2.39 -13.13
N LYS A 38 5.55 -2.77 -13.83
CA LYS A 38 6.77 -1.96 -13.91
C LYS A 38 6.48 -0.65 -14.65
N ASP A 39 5.26 -0.51 -15.17
CA ASP A 39 4.75 0.72 -15.75
C ASP A 39 4.58 1.82 -14.69
N VAL A 40 4.73 1.47 -13.40
CA VAL A 40 4.65 2.41 -12.29
C VAL A 40 5.74 2.08 -11.28
N ALA A 41 6.06 3.05 -10.42
CA ALA A 41 7.14 2.90 -9.46
C ALA A 41 6.61 2.59 -8.06
N VAL A 42 7.46 1.97 -7.24
CA VAL A 42 7.15 1.70 -5.83
C VAL A 42 8.44 1.62 -5.04
N HIS A 43 8.51 2.32 -3.90
CA HIS A 43 9.73 2.39 -3.10
C HIS A 43 9.44 2.72 -1.64
N ARG A 44 10.43 2.52 -0.77
CA ARG A 44 10.37 2.98 0.61
C ARG A 44 10.37 4.51 0.59
N GLU A 45 9.82 5.16 1.62
CA GLU A 45 9.68 6.61 1.62
C GLU A 45 11.05 7.31 1.62
N GLU A 46 12.11 6.65 2.09
CA GLU A 46 13.45 7.23 2.07
C GLU A 46 14.18 6.91 0.76
N ILE A 47 13.61 6.06 -0.09
CA ILE A 47 14.17 5.72 -1.39
C ILE A 47 13.40 6.46 -2.48
N TYR A 48 12.09 6.64 -2.32
CA TYR A 48 11.28 7.35 -3.30
C TYR A 48 11.86 8.74 -3.58
N GLN A 49 12.28 9.44 -2.52
CA GLN A 49 12.82 10.80 -2.66
C GLN A 49 14.11 10.78 -3.46
N ARG A 50 14.77 9.62 -3.55
CA ARG A 50 16.03 9.49 -4.26
C ARG A 50 15.81 9.27 -5.75
N ILE A 51 14.78 8.52 -6.13
CA ILE A 51 14.47 8.34 -7.55
C ILE A 51 14.15 9.70 -8.17
N GLN A 52 13.82 10.68 -7.33
CA GLN A 52 13.48 12.02 -7.78
C GLN A 52 14.68 12.97 -7.65
N ALA A 53 15.85 12.46 -7.26
CA ALA A 53 17.02 13.29 -7.01
C ALA A 53 18.30 12.78 -7.69
N GLY A 54 18.30 11.53 -8.18
CA GLY A 54 19.46 10.96 -8.86
C GLY A 54 19.41 9.44 -8.80
N LEU A 55 19.98 8.76 -9.81
CA LEU A 55 19.81 7.32 -9.94
C LEU A 55 21.16 6.61 -10.03
N THR A 56 21.17 5.35 -9.61
CA THR A 56 22.32 4.45 -9.70
C THR A 56 21.84 2.99 -9.80
N ALA A 57 20.51 2.81 -9.84
CA ALA A 57 19.86 1.52 -9.94
C ALA A 57 18.54 1.68 -10.69
N PRO A 58 18.59 2.00 -12.00
CA PRO A 58 17.45 2.25 -12.85
C PRO A 58 16.37 1.16 -12.83
N ASP A 59 15.26 1.42 -13.53
CA ASP A 59 14.13 0.51 -13.64
C ASP A 59 14.51 -0.83 -14.28
N MET C 1 5.56 -8.96 -7.38
CA MET C 1 5.60 -8.87 -5.91
C MET C 1 6.89 -8.21 -5.45
N LEU C 2 6.76 -7.11 -4.69
CA LEU C 2 7.90 -6.42 -4.12
C LEU C 2 7.64 -6.30 -2.61
N ILE C 3 8.40 -7.05 -1.81
CA ILE C 3 8.26 -7.04 -0.37
C ILE C 3 9.10 -5.90 0.22
N LEU C 4 8.60 -5.30 1.29
CA LEU C 4 9.30 -4.30 2.06
C LEU C 4 8.94 -4.50 3.53
N THR C 5 9.94 -4.46 4.40
CA THR C 5 9.72 -4.55 5.84
C THR C 5 9.69 -3.15 6.41
N ARG C 6 8.88 -2.92 7.45
CA ARG C 6 8.89 -1.64 8.14
C ARG C 6 8.43 -1.79 9.58
N LYS C 7 8.75 -0.78 10.40
CA LYS C 7 8.41 -0.77 11.82
C LYS C 7 7.22 0.17 12.01
N VAL C 8 6.38 -0.05 13.03
CA VAL C 8 5.23 0.81 13.22
C VAL C 8 5.66 2.27 13.33
N GLY C 9 5.01 3.16 12.57
CA GLY C 9 5.29 4.59 12.56
C GLY C 9 5.97 5.07 11.28
N GLU C 10 6.37 4.17 10.37
CA GLU C 10 7.10 4.53 9.16
C GLU C 10 6.18 4.60 7.93
N SER C 11 6.76 4.92 6.76
CA SER C 11 5.96 5.10 5.53
C SER C 11 6.64 4.50 4.29
N ILE C 12 5.85 4.37 3.20
CA ILE C 12 6.25 3.82 1.91
C ILE C 12 5.53 4.61 0.82
N ASN C 13 5.95 4.47 -0.44
CA ASN C 13 5.40 5.24 -1.55
C ASN C 13 5.13 4.36 -2.77
N ILE C 14 4.15 4.81 -3.58
CA ILE C 14 3.73 4.16 -4.81
C ILE C 14 3.40 5.23 -5.84
N GLY C 15 3.73 4.98 -7.10
CA GLY C 15 3.53 5.95 -8.16
C GLY C 15 4.21 7.27 -7.80
N ASP C 16 3.55 8.39 -8.11
CA ASP C 16 4.02 9.72 -7.79
C ASP C 16 2.91 10.52 -7.12
N ASP C 17 1.81 9.85 -6.75
CA ASP C 17 0.65 10.47 -6.12
C ASP C 17 0.10 9.62 -4.96
N ILE C 18 0.81 8.58 -4.53
CA ILE C 18 0.32 7.72 -3.44
C ILE C 18 1.40 7.52 -2.39
N THR C 19 0.96 7.41 -1.13
CA THR C 19 1.83 7.17 0.01
C THR C 19 1.11 6.17 0.93
N ILE C 20 1.89 5.45 1.74
CA ILE C 20 1.39 4.39 2.63
C ILE C 20 2.03 4.58 4.00
N THR C 21 1.32 4.21 5.06
CA THR C 21 1.81 4.37 6.43
C THR C 21 1.43 3.15 7.26
N ILE C 22 2.23 2.84 8.29
CA ILE C 22 1.98 1.71 9.19
C ILE C 22 1.63 2.26 10.56
N LEU C 23 0.34 2.56 10.76
CA LEU C 23 -0.14 3.18 11.98
C LEU C 23 0.10 2.29 13.19
N GLY C 24 0.13 0.97 13.00
CA GLY C 24 0.48 0.05 14.08
C GLY C 24 -0.11 -1.33 13.88
N VAL C 25 -0.04 -2.16 14.93
CA VAL C 25 -0.62 -3.50 14.93
C VAL C 25 -1.48 -3.69 16.18
N SER C 26 -2.34 -4.72 16.15
CA SER C 26 -3.21 -5.06 17.27
C SER C 26 -3.51 -6.56 17.19
N GLY C 27 -2.66 -7.36 17.83
CA GLY C 27 -2.72 -8.80 17.66
C GLY C 27 -2.17 -9.12 16.27
N GLN C 28 -2.99 -9.76 15.43
CA GLN C 28 -2.60 -10.11 14.07
C GLN C 28 -3.17 -9.08 13.10
N GLN C 29 -3.88 -8.07 13.62
CA GLN C 29 -4.33 -6.97 12.79
C GLN C 29 -3.19 -6.01 12.56
N VAL C 30 -3.33 -5.19 11.51
CA VAL C 30 -2.37 -4.15 11.18
C VAL C 30 -3.18 -2.94 10.73
N ARG C 31 -3.04 -1.81 11.44
CA ARG C 31 -3.64 -0.56 10.99
C ARG C 31 -2.72 0.03 9.95
N ILE C 32 -3.22 0.08 8.71
CA ILE C 32 -2.49 0.62 7.58
C ILE C 32 -3.18 1.89 7.15
N GLY C 33 -2.41 2.90 6.74
CA GLY C 33 -2.95 4.17 6.28
C GLY C 33 -2.55 4.37 4.83
N ILE C 34 -3.38 5.07 4.07
CA ILE C 34 -3.11 5.34 2.67
C ILE C 34 -3.41 6.81 2.42
N ASN C 35 -2.62 7.43 1.54
CA ASN C 35 -2.77 8.85 1.23
C ASN C 35 -2.66 9.02 -0.28
N ALA C 36 -3.81 9.23 -0.91
CA ALA C 36 -3.91 9.39 -2.36
C ALA C 36 -5.00 10.40 -2.68
N PRO C 37 -4.93 11.06 -3.84
CA PRO C 37 -5.94 12.02 -4.25
C PRO C 37 -7.23 11.28 -4.63
N LYS C 38 -8.37 11.96 -4.48
CA LYS C 38 -9.65 11.39 -4.89
C LYS C 38 -9.70 11.22 -6.41
N ASP C 39 -8.65 11.68 -7.11
CA ASP C 39 -8.44 11.45 -8.52
C ASP C 39 -8.16 9.97 -8.81
N VAL C 40 -7.96 9.16 -7.76
CA VAL C 40 -7.73 7.72 -7.88
C VAL C 40 -8.50 7.01 -6.78
N ALA C 41 -8.74 5.69 -6.97
CA ALA C 41 -9.53 4.92 -6.04
C ALA C 41 -8.65 4.07 -5.12
N VAL C 42 -9.18 3.70 -3.95
CA VAL C 42 -8.51 2.80 -3.02
C VAL C 42 -9.56 2.09 -2.19
N HIS C 43 -9.41 0.78 -1.99
CA HIS C 43 -10.37 -0.01 -1.22
C HIS C 43 -9.72 -1.25 -0.62
N ARG C 44 -10.45 -1.88 0.32
CA ARG C 44 -10.09 -3.17 0.87
C ARG C 44 -10.33 -4.22 -0.23
N GLU C 45 -9.58 -5.32 -0.23
CA GLU C 45 -9.66 -6.31 -1.31
C GLU C 45 -11.05 -6.94 -1.41
N GLU C 46 -11.82 -6.94 -0.30
CA GLU C 46 -13.17 -7.49 -0.29
C GLU C 46 -14.20 -6.46 -0.74
N ILE C 47 -13.76 -5.24 -1.05
CA ILE C 47 -14.60 -4.15 -1.53
C ILE C 47 -14.18 -3.74 -2.94
N TYR C 48 -12.89 -3.81 -3.24
CA TYR C 48 -12.41 -3.44 -4.57
C TYR C 48 -13.13 -4.27 -5.64
N GLN C 49 -13.36 -5.55 -5.36
CA GLN C 49 -14.02 -6.43 -6.32
C GLN C 49 -15.46 -5.99 -6.57
N ARG C 50 -16.04 -5.22 -5.64
CA ARG C 50 -17.42 -4.76 -5.74
C ARG C 50 -17.51 -3.50 -6.60
N ILE C 51 -16.53 -2.59 -6.49
CA ILE C 51 -16.52 -1.41 -7.33
C ILE C 51 -16.34 -1.83 -8.80
N GLN C 52 -15.90 -3.07 -9.02
CA GLN C 52 -15.70 -3.61 -10.36
C GLN C 52 -16.85 -4.55 -10.76
N ALA C 53 -17.88 -4.67 -9.92
CA ALA C 53 -19.02 -5.55 -10.18
C ALA C 53 -20.35 -4.81 -10.22
N GLY C 54 -20.47 -3.73 -9.43
CA GLY C 54 -21.65 -2.88 -9.40
C GLY C 54 -21.83 -2.28 -8.01
N LEU C 55 -22.41 -1.08 -7.94
CA LEU C 55 -22.52 -0.36 -6.69
C LEU C 55 -23.57 0.76 -6.75
N THR C 56 -23.91 1.29 -5.57
CA THR C 56 -24.90 2.37 -5.41
C THR C 56 -24.53 3.27 -4.22
N ALA C 57 -23.29 3.20 -3.75
CA ALA C 57 -22.87 3.92 -2.54
C ALA C 57 -21.50 4.64 -2.61
N PRO C 58 -20.74 4.64 -3.71
CA PRO C 58 -19.53 5.45 -3.82
C PRO C 58 -19.75 6.92 -3.48
N ASP C 59 -18.64 7.67 -3.39
CA ASP C 59 -18.64 9.09 -3.08
C ASP C 59 -19.34 9.92 -4.17
N MET A 1 -6.14 10.70 4.11
CA MET A 1 -5.81 9.47 4.87
C MET A 1 -7.00 8.53 4.91
N LEU A 2 -6.80 7.28 4.51
CA LEU A 2 -7.84 6.26 4.57
C LEU A 2 -7.23 5.05 5.29
N ILE A 3 -7.69 4.78 6.52
CA ILE A 3 -7.21 3.67 7.33
C ILE A 3 -8.04 2.44 7.02
N LEU A 4 -7.39 1.28 7.11
CA LEU A 4 -8.02 -0.02 6.98
C LEU A 4 -7.39 -0.96 8.00
N THR A 5 -8.06 -2.06 8.33
CA THR A 5 -7.49 -3.08 9.21
C THR A 5 -7.44 -4.40 8.45
N ARG A 6 -6.35 -5.15 8.64
CA ARG A 6 -6.19 -6.39 7.90
C ARG A 6 -5.44 -7.43 8.74
N LYS A 7 -5.92 -8.67 8.74
CA LYS A 7 -5.23 -9.77 9.41
C LYS A 7 -4.12 -10.27 8.48
N VAL A 8 -3.02 -10.78 9.02
CA VAL A 8 -1.96 -11.29 8.17
C VAL A 8 -2.50 -12.35 7.23
N GLY A 9 -2.07 -12.32 5.96
CA GLY A 9 -2.50 -13.28 4.96
C GLY A 9 -3.62 -12.75 4.06
N GLU A 10 -4.09 -11.52 4.30
CA GLU A 10 -5.15 -10.93 3.48
C GLU A 10 -4.60 -9.77 2.63
N SER A 11 -5.47 -9.10 1.86
CA SER A 11 -5.01 -8.11 0.88
C SER A 11 -5.86 -6.83 0.85
N ILE A 12 -5.36 -5.84 0.11
CA ILE A 12 -5.94 -4.51 -0.07
C ILE A 12 -5.67 -4.09 -1.51
N ASN A 13 -6.34 -3.04 -2.02
CA ASN A 13 -6.22 -2.62 -3.41
C ASN A 13 -5.99 -1.12 -3.55
N ILE A 14 -5.35 -0.71 -4.65
CA ILE A 14 -5.07 0.68 -4.96
C ILE A 14 -5.17 0.90 -6.46
N GLY A 15 -5.75 2.03 -6.88
CA GLY A 15 -5.93 2.34 -8.29
C GLY A 15 -6.69 1.21 -8.98
N ASP A 16 -6.27 0.89 -10.20
CA ASP A 16 -6.83 -0.20 -10.98
C ASP A 16 -5.72 -1.10 -11.53
N ASP A 17 -4.48 -0.89 -11.05
CA ASP A 17 -3.31 -1.63 -11.49
C ASP A 17 -2.39 -1.98 -10.31
N ILE A 18 -2.81 -1.75 -9.06
CA ILE A 18 -1.97 -2.04 -7.91
C ILE A 18 -2.74 -2.83 -6.85
N THR A 19 -2.04 -3.72 -6.16
CA THR A 19 -2.61 -4.52 -5.08
C THR A 19 -1.59 -4.62 -3.97
N ILE A 20 -2.06 -4.88 -2.74
CA ILE A 20 -1.22 -4.92 -1.55
C ILE A 20 -1.59 -6.17 -0.75
N THR A 21 -0.62 -6.75 -0.04
CA THR A 21 -0.85 -7.93 0.77
C THR A 21 -0.04 -7.84 2.06
N ILE A 22 -0.73 -8.02 3.20
CA ILE A 22 -0.08 -8.02 4.51
C ILE A 22 0.53 -9.41 4.74
N LEU A 23 1.81 -9.56 4.39
CA LEU A 23 2.48 -10.84 4.44
C LEU A 23 2.66 -11.33 5.88
N GLY A 24 2.81 -10.41 6.84
CA GLY A 24 2.89 -10.79 8.24
C GLY A 24 3.55 -9.73 9.11
N VAL A 25 3.82 -10.10 10.37
CA VAL A 25 4.49 -9.22 11.32
C VAL A 25 5.59 -10.00 12.03
N SER A 26 6.55 -9.27 12.62
CA SER A 26 7.68 -9.84 13.33
C SER A 26 8.05 -8.88 14.45
N GLY A 27 7.34 -8.97 15.58
CA GLY A 27 7.47 -8.00 16.64
C GLY A 27 6.72 -6.74 16.22
N GLN A 28 7.45 -5.64 16.04
CA GLN A 28 6.86 -4.39 15.58
C GLN A 28 7.14 -4.19 14.10
N GLN A 29 7.84 -5.14 13.47
CA GLN A 29 8.01 -5.13 12.04
C GLN A 29 6.75 -5.63 11.36
N VAL A 30 6.59 -5.27 10.09
CA VAL A 30 5.50 -5.74 9.25
C VAL A 30 6.06 -5.99 7.85
N ARG A 31 5.91 -7.22 7.36
CA ARG A 31 6.22 -7.54 5.97
C ARG A 31 5.00 -7.16 5.15
N ILE A 32 5.21 -6.27 4.19
CA ILE A 32 4.16 -5.80 3.30
C ILE A 32 4.58 -6.10 1.87
N GLY A 33 3.70 -6.76 1.12
CA GLY A 33 3.95 -7.10 -0.26
C GLY A 33 3.16 -6.17 -1.16
N ILE A 34 3.68 -5.92 -2.36
CA ILE A 34 3.04 -5.03 -3.31
C ILE A 34 3.07 -5.69 -4.68
N ASN A 35 2.02 -5.48 -5.47
CA ASN A 35 1.89 -6.08 -6.78
C ASN A 35 1.42 -5.03 -7.77
N ALA A 36 2.36 -4.54 -8.58
CA ALA A 36 2.12 -3.50 -9.56
C ALA A 36 2.98 -3.77 -10.80
N PRO A 37 2.59 -3.26 -11.97
CA PRO A 37 3.36 -3.38 -13.18
C PRO A 37 4.57 -2.47 -13.13
N LYS A 38 5.64 -2.82 -13.86
CA LYS A 38 6.83 -1.97 -13.96
C LYS A 38 6.49 -0.68 -14.70
N ASP A 39 5.25 -0.55 -15.17
CA ASP A 39 4.74 0.67 -15.78
C ASP A 39 4.60 1.77 -14.72
N VAL A 40 4.72 1.41 -13.44
CA VAL A 40 4.63 2.33 -12.32
C VAL A 40 5.70 2.00 -11.29
N ALA A 41 6.01 2.95 -10.42
CA ALA A 41 7.08 2.80 -9.45
C ALA A 41 6.55 2.50 -8.06
N VAL A 42 7.39 1.88 -7.21
CA VAL A 42 7.08 1.63 -5.81
C VAL A 42 8.38 1.55 -5.02
N HIS A 43 8.42 2.22 -3.85
CA HIS A 43 9.64 2.26 -3.04
C HIS A 43 9.31 2.57 -1.59
N ARG A 44 10.31 2.42 -0.71
CA ARG A 44 10.21 2.88 0.66
C ARG A 44 10.23 4.40 0.68
N GLU A 45 9.77 5.00 1.78
CA GLU A 45 9.74 6.45 1.91
C GLU A 45 11.16 7.01 1.96
N GLU A 46 12.14 6.20 2.37
CA GLU A 46 13.53 6.62 2.43
C GLU A 46 14.24 6.47 1.08
N ILE A 47 13.59 5.85 0.10
CA ILE A 47 14.14 5.65 -1.24
C ILE A 47 13.35 6.45 -2.26
N TYR A 48 12.04 6.63 -2.04
CA TYR A 48 11.20 7.36 -2.97
C TYR A 48 11.74 8.78 -3.18
N GLN A 49 12.27 9.40 -2.12
CA GLN A 49 12.79 10.75 -2.21
C GLN A 49 14.02 10.80 -3.13
N ARG A 50 14.66 9.65 -3.36
CA ARG A 50 15.87 9.59 -4.17
C ARG A 50 15.52 9.43 -5.65
N ILE A 51 14.48 8.67 -5.98
CA ILE A 51 14.05 8.53 -7.36
C ILE A 51 13.58 9.90 -7.88
N GLN A 52 13.27 10.80 -6.95
CA GLN A 52 12.81 12.15 -7.28
C GLN A 52 13.93 13.18 -7.15
N ALA A 53 15.15 12.74 -6.82
CA ALA A 53 16.30 13.62 -6.66
C ALA A 53 17.39 13.32 -7.69
N GLY A 54 17.52 12.06 -8.11
CA GLY A 54 18.47 11.65 -9.15
C GLY A 54 18.98 10.24 -8.88
N LEU A 55 19.41 9.56 -9.96
CA LEU A 55 19.89 8.19 -9.89
C LEU A 55 20.64 7.81 -11.16
N THR A 56 21.19 6.60 -11.17
CA THR A 56 21.93 6.07 -12.32
C THR A 56 21.80 4.55 -12.40
N ALA A 57 20.96 3.95 -11.53
CA ALA A 57 20.74 2.52 -11.48
C ALA A 57 20.06 1.95 -12.74
N PRO A 58 19.15 2.69 -13.40
CA PRO A 58 18.52 2.26 -14.64
C PRO A 58 19.52 1.87 -15.74
N ASP A 59 18.98 1.31 -16.82
CA ASP A 59 19.77 0.88 -17.98
C ASP A 59 20.48 2.06 -18.64
N MET C 1 5.61 -9.26 -7.31
CA MET C 1 5.62 -9.00 -5.86
C MET C 1 6.89 -8.28 -5.44
N LEU C 2 6.76 -7.18 -4.70
CA LEU C 2 7.90 -6.47 -4.13
C LEU C 2 7.63 -6.32 -2.64
N ILE C 3 8.37 -7.07 -1.82
CA ILE C 3 8.22 -7.04 -0.38
C ILE C 3 9.08 -5.91 0.19
N LEU C 4 8.59 -5.31 1.28
CA LEU C 4 9.32 -4.32 2.04
C LEU C 4 9.00 -4.58 3.51
N THR C 5 9.86 -4.09 4.40
CA THR C 5 9.61 -4.18 5.83
C THR C 5 9.58 -2.78 6.43
N ARG C 6 8.73 -2.62 7.45
CA ARG C 6 8.59 -1.37 8.17
C ARG C 6 8.36 -1.66 9.64
N LYS C 7 8.54 -0.66 10.49
CA LYS C 7 8.24 -0.74 11.91
C LYS C 7 7.04 0.18 12.14
N VAL C 8 6.21 -0.10 13.14
CA VAL C 8 5.04 0.73 13.38
C VAL C 8 5.45 2.19 13.58
N GLY C 9 5.06 3.06 12.66
CA GLY C 9 5.43 4.47 12.69
C GLY C 9 6.20 4.91 11.45
N GLU C 10 6.34 4.02 10.45
CA GLU C 10 7.09 4.32 9.23
C GLU C 10 6.18 4.32 8.00
N SER C 11 6.75 4.58 6.82
CA SER C 11 5.96 4.76 5.60
C SER C 11 6.62 4.15 4.36
N ILE C 12 5.82 4.06 3.29
CA ILE C 12 6.19 3.50 1.99
C ILE C 12 5.51 4.35 0.92
N ASN C 13 5.92 4.24 -0.36
CA ASN C 13 5.39 5.06 -1.44
C ASN C 13 5.13 4.25 -2.70
N ILE C 14 4.18 4.74 -3.50
CA ILE C 14 3.78 4.13 -4.76
C ILE C 14 3.49 5.24 -5.76
N GLY C 15 3.86 5.03 -7.02
CA GLY C 15 3.71 6.03 -8.05
C GLY C 15 4.39 7.33 -7.63
N ASP C 16 3.75 8.45 -7.93
CA ASP C 16 4.22 9.77 -7.52
C ASP C 16 3.08 10.56 -6.88
N ASP C 17 1.98 9.87 -6.54
CA ASP C 17 0.79 10.47 -5.95
C ASP C 17 0.22 9.61 -4.82
N ILE C 18 0.92 8.55 -4.38
CA ILE C 18 0.41 7.69 -3.32
C ILE C 18 1.47 7.46 -2.25
N THR C 19 1.02 7.36 -0.99
CA THR C 19 1.86 7.08 0.16
C THR C 19 1.12 6.09 1.07
N ILE C 20 1.88 5.33 1.87
CA ILE C 20 1.36 4.30 2.75
C ILE C 20 2.04 4.46 4.11
N THR C 21 1.34 4.13 5.20
CA THR C 21 1.89 4.27 6.54
C THR C 21 1.40 3.13 7.42
N ILE C 22 2.33 2.49 8.13
CA ILE C 22 2.00 1.41 9.07
C ILE C 22 1.66 2.06 10.42
N LEU C 23 0.36 2.19 10.70
CA LEU C 23 -0.11 2.85 11.90
C LEU C 23 0.09 1.98 13.14
N GLY C 24 0.02 0.65 12.98
CA GLY C 24 0.33 -0.26 14.08
C GLY C 24 -0.26 -1.64 13.88
N VAL C 25 -0.15 -2.51 14.89
CA VAL C 25 -0.69 -3.87 14.83
C VAL C 25 -1.38 -4.23 16.14
N SER C 26 -2.24 -5.25 16.09
CA SER C 26 -2.97 -5.75 17.24
C SER C 26 -3.20 -7.25 17.02
N GLY C 27 -2.43 -8.09 17.72
CA GLY C 27 -2.46 -9.53 17.47
C GLY C 27 -1.88 -9.80 16.10
N GLN C 28 -2.76 -10.00 15.11
CA GLN C 28 -2.38 -10.16 13.72
C GLN C 28 -3.06 -9.12 12.84
N GLN C 29 -3.89 -8.26 13.44
CA GLN C 29 -4.49 -7.14 12.73
C GLN C 29 -3.41 -6.09 12.52
N VAL C 30 -3.58 -5.27 11.48
CA VAL C 30 -2.65 -4.21 11.17
C VAL C 30 -3.44 -3.00 10.72
N ARG C 31 -3.30 -1.88 11.45
CA ARG C 31 -3.84 -0.62 10.98
C ARG C 31 -2.88 -0.08 9.93
N ILE C 32 -3.40 0.13 8.72
CA ILE C 32 -2.62 0.63 7.60
C ILE C 32 -3.31 1.88 7.08
N GLY C 33 -2.54 2.97 6.95
CA GLY C 33 -3.04 4.24 6.45
C GLY C 33 -2.59 4.40 5.01
N ILE C 34 -3.41 5.10 4.22
CA ILE C 34 -3.10 5.35 2.82
C ILE C 34 -3.39 6.81 2.53
N ASN C 35 -2.59 7.42 1.66
CA ASN C 35 -2.74 8.82 1.32
C ASN C 35 -2.61 8.98 -0.19
N ALA C 36 -3.76 9.18 -0.84
CA ALA C 36 -3.84 9.32 -2.28
C ALA C 36 -4.95 10.33 -2.61
N PRO C 37 -4.88 11.00 -3.76
CA PRO C 37 -5.90 11.92 -4.20
C PRO C 37 -7.16 11.17 -4.59
N LYS C 38 -8.33 11.82 -4.44
CA LYS C 38 -9.60 11.24 -4.87
C LYS C 38 -9.63 11.06 -6.38
N ASP C 39 -8.55 11.47 -7.06
CA ASP C 39 -8.34 11.24 -8.48
C ASP C 39 -8.08 9.76 -8.76
N VAL C 40 -7.87 8.97 -7.70
CA VAL C 40 -7.63 7.53 -7.81
C VAL C 40 -8.40 6.80 -6.70
N ALA C 41 -8.62 5.50 -6.89
CA ALA C 41 -9.41 4.70 -5.95
C ALA C 41 -8.51 3.92 -5.01
N VAL C 42 -9.05 3.56 -3.84
CA VAL C 42 -8.38 2.69 -2.89
C VAL C 42 -9.44 1.97 -2.04
N HIS C 43 -9.28 0.65 -1.86
CA HIS C 43 -10.24 -0.14 -1.10
C HIS C 43 -9.61 -1.42 -0.58
N ARG C 44 -10.36 -2.17 0.24
CA ARG C 44 -10.01 -3.53 0.60
C ARG C 44 -10.20 -4.42 -0.62
N GLU C 45 -9.63 -5.61 -0.60
CA GLU C 45 -9.71 -6.51 -1.75
C GLU C 45 -11.16 -6.95 -1.99
N GLU C 46 -11.97 -7.04 -0.93
CA GLU C 46 -13.38 -7.39 -1.03
C GLU C 46 -14.15 -6.28 -1.73
N ILE C 47 -13.95 -5.05 -1.26
CA ILE C 47 -14.69 -3.89 -1.70
C ILE C 47 -14.29 -3.50 -3.11
N TYR C 48 -13.01 -3.69 -3.47
CA TYR C 48 -12.56 -3.34 -4.79
C TYR C 48 -13.37 -4.07 -5.86
N GLN C 49 -13.66 -5.35 -5.65
CA GLN C 49 -14.42 -6.14 -6.61
C GLN C 49 -15.84 -5.60 -6.71
N ARG C 50 -16.32 -4.88 -5.70
CA ARG C 50 -17.67 -4.38 -5.67
C ARG C 50 -17.80 -3.08 -6.45
N ILE C 51 -16.80 -2.19 -6.39
CA ILE C 51 -16.84 -0.97 -7.19
C ILE C 51 -16.85 -1.35 -8.67
N GLN C 52 -16.43 -2.58 -8.99
CA GLN C 52 -16.38 -3.08 -10.35
C GLN C 52 -17.60 -3.95 -10.68
N ALA C 53 -18.56 -4.07 -9.75
CA ALA C 53 -19.72 -4.94 -9.93
C ALA C 53 -21.06 -4.23 -9.69
N GLY C 54 -21.06 -3.05 -9.07
CA GLY C 54 -22.29 -2.31 -8.82
C GLY C 54 -22.07 -1.31 -7.69
N LEU C 55 -22.78 -0.18 -7.72
CA LEU C 55 -22.54 0.90 -6.77
C LEU C 55 -23.83 1.34 -6.10
N THR C 56 -23.70 1.86 -4.88
CA THR C 56 -24.81 2.40 -4.10
C THR C 56 -24.35 3.61 -3.28
N ALA C 57 -23.04 3.89 -3.30
CA ALA C 57 -22.42 5.01 -2.61
C ALA C 57 -21.10 5.39 -3.28
N PRO C 58 -21.14 5.82 -4.56
CA PRO C 58 -19.96 6.14 -5.34
C PRO C 58 -18.98 7.09 -4.64
N ASP C 59 -17.76 7.15 -5.19
CA ASP C 59 -16.68 7.97 -4.68
C ASP C 59 -16.97 9.47 -4.82
N MET A 1 -6.05 10.68 4.43
CA MET A 1 -5.76 9.35 5.00
C MET A 1 -6.98 8.46 4.95
N LEU A 2 -6.81 7.20 4.52
CA LEU A 2 -7.86 6.21 4.56
C LEU A 2 -7.28 4.97 5.23
N ILE A 3 -7.71 4.71 6.46
CA ILE A 3 -7.24 3.59 7.26
C ILE A 3 -8.02 2.33 6.89
N LEU A 4 -7.34 1.19 6.92
CA LEU A 4 -7.94 -0.12 6.70
C LEU A 4 -7.24 -1.10 7.62
N THR A 5 -8.01 -1.96 8.29
CA THR A 5 -7.46 -3.01 9.13
C THR A 5 -7.40 -4.30 8.32
N ARG A 6 -6.36 -5.09 8.57
CA ARG A 6 -6.18 -6.39 7.93
C ARG A 6 -5.57 -7.35 8.94
N LYS A 7 -5.65 -8.64 8.66
CA LYS A 7 -5.03 -9.68 9.48
C LYS A 7 -3.91 -10.28 8.64
N VAL A 8 -2.88 -10.85 9.27
CA VAL A 8 -1.75 -11.39 8.51
C VAL A 8 -2.24 -12.40 7.46
N GLY A 9 -2.07 -12.05 6.19
CA GLY A 9 -2.44 -12.90 5.06
C GLY A 9 -3.47 -12.24 4.14
N GLU A 10 -4.16 -11.20 4.60
CA GLU A 10 -5.18 -10.51 3.82
C GLU A 10 -4.55 -9.51 2.84
N SER A 11 -5.40 -8.79 2.08
CA SER A 11 -4.94 -7.89 1.02
C SER A 11 -5.79 -6.62 0.92
N ILE A 12 -5.29 -5.66 0.14
CA ILE A 12 -5.88 -4.35 -0.10
C ILE A 12 -5.59 -3.97 -1.55
N ASN A 13 -6.27 -2.96 -2.11
CA ASN A 13 -6.12 -2.56 -3.51
C ASN A 13 -6.05 -1.05 -3.68
N ILE A 14 -5.39 -0.62 -4.75
CA ILE A 14 -5.20 0.79 -5.08
C ILE A 14 -5.28 0.94 -6.60
N GLY A 15 -5.86 2.06 -7.05
CA GLY A 15 -6.02 2.33 -8.47
C GLY A 15 -6.76 1.19 -9.15
N ASP A 16 -6.33 0.85 -10.36
CA ASP A 16 -6.89 -0.26 -11.13
C ASP A 16 -5.77 -1.17 -11.62
N ASP A 17 -4.55 -0.95 -11.11
CA ASP A 17 -3.37 -1.68 -11.54
C ASP A 17 -2.45 -2.01 -10.35
N ILE A 18 -2.89 -1.78 -9.11
CA ILE A 18 -2.06 -2.09 -7.95
C ILE A 18 -2.83 -2.90 -6.92
N THR A 19 -2.10 -3.79 -6.23
CA THR A 19 -2.63 -4.61 -5.16
C THR A 19 -1.60 -4.63 -4.04
N ILE A 20 -2.06 -4.87 -2.81
CA ILE A 20 -1.24 -4.86 -1.62
C ILE A 20 -1.57 -6.10 -0.79
N THR A 21 -0.59 -6.63 -0.06
CA THR A 21 -0.79 -7.80 0.78
C THR A 21 0.00 -7.62 2.07
N ILE A 22 -0.48 -8.21 3.17
CA ILE A 22 0.20 -8.11 4.45
C ILE A 22 0.71 -9.50 4.83
N LEU A 23 1.96 -9.79 4.47
CA LEU A 23 2.54 -11.12 4.60
C LEU A 23 2.65 -11.56 6.06
N GLY A 24 2.82 -10.62 7.00
CA GLY A 24 2.85 -10.97 8.42
C GLY A 24 3.58 -9.93 9.26
N VAL A 25 3.85 -10.27 10.53
CA VAL A 25 4.57 -9.40 11.45
C VAL A 25 5.64 -10.19 12.20
N SER A 26 6.57 -9.47 12.80
CA SER A 26 7.63 -10.05 13.62
C SER A 26 8.05 -8.99 14.63
N GLY A 27 7.46 -9.02 15.81
CA GLY A 27 7.63 -7.95 16.77
C GLY A 27 6.84 -6.74 16.29
N GLN A 28 7.53 -5.61 16.10
CA GLN A 28 6.91 -4.39 15.63
C GLN A 28 7.16 -4.21 14.13
N GLN A 29 7.84 -5.19 13.52
CA GLN A 29 7.99 -5.21 12.08
C GLN A 29 6.73 -5.73 11.42
N VAL A 30 6.57 -5.42 10.14
CA VAL A 30 5.49 -5.91 9.32
C VAL A 30 6.05 -6.20 7.93
N ARG A 31 5.95 -7.44 7.47
CA ARG A 31 6.25 -7.77 6.09
C ARG A 31 5.03 -7.40 5.27
N ILE A 32 5.22 -6.52 4.29
CA ILE A 32 4.16 -6.07 3.41
C ILE A 32 4.59 -6.42 1.99
N GLY A 33 3.64 -6.75 1.13
CA GLY A 33 3.91 -7.10 -0.26
C GLY A 33 3.11 -6.18 -1.16
N ILE A 34 3.62 -5.94 -2.37
CA ILE A 34 2.97 -5.06 -3.32
C ILE A 34 3.04 -5.72 -4.69
N ASN A 35 2.00 -5.52 -5.50
CA ASN A 35 1.90 -6.10 -6.82
C ASN A 35 1.43 -5.03 -7.79
N ALA A 36 2.37 -4.53 -8.60
CA ALA A 36 2.12 -3.48 -9.57
C ALA A 36 3.01 -3.71 -10.79
N PRO A 37 2.62 -3.20 -11.96
CA PRO A 37 3.41 -3.29 -13.18
C PRO A 37 4.61 -2.35 -13.10
N LYS A 38 5.71 -2.67 -13.78
CA LYS A 38 6.86 -1.79 -13.84
C LYS A 38 6.52 -0.48 -14.54
N ASP A 39 5.28 -0.38 -15.05
CA ASP A 39 4.75 0.84 -15.63
C ASP A 39 4.56 1.93 -14.57
N VAL A 40 4.67 1.54 -13.29
CA VAL A 40 4.55 2.46 -12.16
C VAL A 40 5.62 2.14 -11.13
N ALA A 41 5.91 3.11 -10.25
CA ALA A 41 6.97 2.97 -9.27
C ALA A 41 6.43 2.61 -7.89
N VAL A 42 7.26 1.97 -7.07
CA VAL A 42 6.93 1.67 -5.68
C VAL A 42 8.23 1.56 -4.90
N HIS A 43 8.35 2.28 -3.78
CA HIS A 43 9.59 2.31 -3.01
C HIS A 43 9.36 2.68 -1.55
N ARG A 44 10.34 2.40 -0.69
CA ARG A 44 10.33 2.89 0.67
C ARG A 44 10.43 4.41 0.67
N GLU A 45 10.02 5.05 1.76
CA GLU A 45 10.06 6.51 1.85
C GLU A 45 11.51 7.00 1.84
N GLU A 46 12.46 6.14 2.23
CA GLU A 46 13.89 6.49 2.23
C GLU A 46 14.53 6.25 0.86
N ILE A 47 13.79 5.68 -0.08
CA ILE A 47 14.27 5.40 -1.44
C ILE A 47 13.51 6.25 -2.45
N TYR A 48 12.22 6.50 -2.22
CA TYR A 48 11.41 7.27 -3.14
C TYR A 48 12.02 8.64 -3.41
N GLN A 49 12.62 9.26 -2.39
CA GLN A 49 13.21 10.58 -2.52
C GLN A 49 14.41 10.55 -3.47
N ARG A 50 15.00 9.36 -3.67
CA ARG A 50 16.19 9.21 -4.50
C ARG A 50 15.83 9.00 -5.96
N ILE A 51 14.69 8.35 -6.25
CA ILE A 51 14.22 8.20 -7.63
C ILE A 51 13.92 9.58 -8.22
N GLN A 52 13.74 10.59 -7.36
CA GLN A 52 13.37 11.93 -7.77
C GLN A 52 14.55 12.91 -7.70
N ALA A 53 15.76 12.41 -7.40
CA ALA A 53 16.91 13.28 -7.17
C ALA A 53 18.01 13.15 -8.24
N GLY A 54 17.93 12.18 -9.15
CA GLY A 54 18.91 12.05 -10.21
C GLY A 54 19.36 10.61 -10.47
N LEU A 55 18.86 9.67 -9.67
CA LEU A 55 19.19 8.24 -9.74
C LEU A 55 20.66 7.95 -9.48
N THR A 56 20.96 6.66 -9.28
CA THR A 56 22.30 6.11 -9.18
C THR A 56 22.26 4.64 -9.61
N ALA A 57 21.05 4.14 -9.89
CA ALA A 57 20.79 2.79 -10.36
C ALA A 57 19.50 2.81 -11.19
N PRO A 58 19.54 2.39 -12.46
CA PRO A 58 18.37 2.28 -13.34
C PRO A 58 17.23 1.46 -12.75
N ASP A 59 16.11 1.42 -13.50
CA ASP A 59 14.91 0.67 -13.14
C ASP A 59 15.13 -0.85 -13.20
N MET C 1 5.55 -9.33 -7.27
CA MET C 1 5.56 -9.02 -5.82
C MET C 1 6.83 -8.28 -5.43
N LEU C 2 6.70 -7.22 -4.65
CA LEU C 2 7.84 -6.50 -4.09
C LEU C 2 7.58 -6.36 -2.59
N ILE C 3 8.33 -7.10 -1.79
CA ILE C 3 8.19 -7.09 -0.34
C ILE C 3 9.02 -5.96 0.23
N LEU C 4 8.51 -5.35 1.30
CA LEU C 4 9.22 -4.34 2.07
C LEU C 4 8.85 -4.54 3.54
N THR C 5 9.86 -4.52 4.42
CA THR C 5 9.62 -4.59 5.86
C THR C 5 9.60 -3.18 6.42
N ARG C 6 8.82 -2.97 7.48
CA ARG C 6 8.80 -1.69 8.16
C ARG C 6 8.35 -1.84 9.60
N LYS C 7 8.60 -0.80 10.42
CA LYS C 7 8.22 -0.81 11.82
C LYS C 7 7.02 0.12 12.00
N VAL C 8 6.19 -0.15 13.00
CA VAL C 8 5.01 0.68 13.23
C VAL C 8 5.43 2.15 13.41
N GLY C 9 4.89 3.04 12.57
CA GLY C 9 5.19 4.46 12.63
C GLY C 9 5.90 4.98 11.38
N GLU C 10 6.22 4.11 10.40
CA GLU C 10 6.95 4.52 9.21
C GLU C 10 6.06 4.53 7.96
N SER C 11 6.62 4.89 6.79
CA SER C 11 5.85 5.03 5.56
C SER C 11 6.56 4.47 4.33
N ILE C 12 5.80 4.36 3.23
CA ILE C 12 6.21 3.81 1.94
C ILE C 12 5.50 4.62 0.85
N ASN C 13 5.95 4.50 -0.41
CA ASN C 13 5.43 5.29 -1.51
C ASN C 13 5.11 4.45 -2.74
N ILE C 14 4.16 4.94 -3.55
CA ILE C 14 3.73 4.30 -4.78
C ILE C 14 3.42 5.41 -5.79
N GLY C 15 3.75 5.18 -7.06
CA GLY C 15 3.56 6.19 -8.09
C GLY C 15 4.27 7.49 -7.69
N ASP C 16 3.64 8.62 -7.98
CA ASP C 16 4.12 9.94 -7.60
C ASP C 16 2.99 10.73 -6.92
N ASP C 17 1.90 10.04 -6.57
CA ASP C 17 0.73 10.65 -5.95
C ASP C 17 0.16 9.79 -4.84
N ILE C 18 0.85 8.71 -4.43
CA ILE C 18 0.34 7.84 -3.37
C ILE C 18 1.41 7.59 -2.32
N THR C 19 0.96 7.46 -1.07
CA THR C 19 1.82 7.17 0.07
C THR C 19 1.11 6.17 0.98
N ILE C 20 1.87 5.42 1.78
CA ILE C 20 1.37 4.37 2.64
C ILE C 20 1.99 4.53 4.03
N THR C 21 1.28 4.14 5.08
CA THR C 21 1.76 4.27 6.44
C THR C 21 1.33 3.06 7.27
N ILE C 22 2.12 2.71 8.29
CA ILE C 22 1.84 1.58 9.17
C ILE C 22 1.51 2.13 10.56
N LEU C 23 0.23 2.41 10.79
CA LEU C 23 -0.21 3.04 12.02
C LEU C 23 0.04 2.15 13.23
N GLY C 24 0.00 0.82 13.04
CA GLY C 24 0.33 -0.09 14.13
C GLY C 24 -0.25 -1.48 13.93
N VAL C 25 -0.22 -2.30 14.99
CA VAL C 25 -0.79 -3.65 14.96
C VAL C 25 -1.65 -3.86 16.21
N SER C 26 -2.48 -4.91 16.18
CA SER C 26 -3.36 -5.28 17.29
C SER C 26 -3.47 -6.79 17.29
N GLY C 27 -2.44 -7.47 17.81
CA GLY C 27 -2.35 -8.90 17.70
C GLY C 27 -1.89 -9.24 16.28
N GLN C 28 -2.76 -9.90 15.52
CA GLN C 28 -2.46 -10.25 14.14
C GLN C 28 -3.09 -9.23 13.20
N GLN C 29 -3.80 -8.25 13.76
CA GLN C 29 -4.30 -7.15 12.97
C GLN C 29 -3.17 -6.18 12.66
N VAL C 30 -3.39 -5.36 11.64
CA VAL C 30 -2.46 -4.34 11.22
C VAL C 30 -3.28 -3.14 10.77
N ARG C 31 -3.14 -2.00 11.47
CA ARG C 31 -3.75 -0.76 11.02
C ARG C 31 -2.82 -0.17 9.97
N ILE C 32 -3.31 -0.12 8.73
CA ILE C 32 -2.57 0.42 7.61
C ILE C 32 -3.28 1.70 7.18
N GLY C 33 -2.52 2.68 6.72
CA GLY C 33 -3.06 3.96 6.28
C GLY C 33 -2.61 4.23 4.85
N ILE C 34 -3.43 4.95 4.10
CA ILE C 34 -3.12 5.27 2.72
C ILE C 34 -3.43 6.74 2.47
N ASN C 35 -2.63 7.38 1.63
CA ASN C 35 -2.79 8.79 1.32
C ASN C 35 -2.66 8.98 -0.18
N ALA C 36 -3.81 9.22 -0.83
CA ALA C 36 -3.91 9.40 -2.26
C ALA C 36 -5.00 10.41 -2.58
N PRO C 37 -4.93 11.08 -3.74
CA PRO C 37 -5.96 12.00 -4.18
C PRO C 37 -7.22 11.25 -4.58
N LYS C 38 -8.38 11.90 -4.47
CA LYS C 38 -9.64 11.32 -4.91
C LYS C 38 -9.64 11.13 -6.43
N ASP C 39 -8.57 11.55 -7.10
CA ASP C 39 -8.35 11.32 -8.51
C ASP C 39 -8.10 9.84 -8.79
N VAL C 40 -7.90 9.04 -7.73
CA VAL C 40 -7.66 7.61 -7.83
C VAL C 40 -8.42 6.88 -6.73
N ALA C 41 -8.63 5.57 -6.90
CA ALA C 41 -9.42 4.79 -5.97
C ALA C 41 -8.55 3.96 -5.03
N VAL C 42 -9.09 3.61 -3.87
CA VAL C 42 -8.42 2.73 -2.90
C VAL C 42 -9.48 2.02 -2.08
N HIS C 43 -9.34 0.69 -1.92
CA HIS C 43 -10.33 -0.13 -1.22
C HIS C 43 -9.71 -1.42 -0.69
N ARG C 44 -10.43 -2.15 0.15
CA ARG C 44 -10.01 -3.49 0.54
C ARG C 44 -10.16 -4.42 -0.67
N GLU C 45 -9.56 -5.61 -0.61
CA GLU C 45 -9.63 -6.54 -1.73
C GLU C 45 -11.07 -7.03 -1.94
N GLU C 46 -11.92 -6.98 -0.91
CA GLU C 46 -13.33 -7.33 -1.04
C GLU C 46 -14.08 -6.23 -1.79
N ILE C 47 -13.90 -5.00 -1.32
CA ILE C 47 -14.63 -3.84 -1.79
C ILE C 47 -14.17 -3.44 -3.18
N TYR C 48 -12.89 -3.63 -3.49
CA TYR C 48 -12.38 -3.27 -4.81
C TYR C 48 -13.18 -3.98 -5.90
N GLN C 49 -13.47 -5.27 -5.72
CA GLN C 49 -14.20 -6.02 -6.72
C GLN C 49 -15.63 -5.52 -6.87
N ARG C 50 -16.14 -4.81 -5.85
CA ARG C 50 -17.50 -4.31 -5.85
C ARG C 50 -17.62 -3.02 -6.66
N ILE C 51 -16.63 -2.12 -6.56
CA ILE C 51 -16.65 -0.90 -7.37
C ILE C 51 -16.60 -1.27 -8.86
N GLN C 52 -16.18 -2.49 -9.16
CA GLN C 52 -16.07 -2.99 -10.53
C GLN C 52 -17.28 -3.84 -10.90
N ALA C 53 -18.28 -3.97 -10.01
CA ALA C 53 -19.44 -4.82 -10.23
C ALA C 53 -20.77 -4.10 -10.03
N GLY C 54 -20.77 -2.91 -9.42
CA GLY C 54 -22.00 -2.15 -9.20
C GLY C 54 -21.83 -1.23 -8.00
N LEU C 55 -22.55 -0.11 -8.00
CA LEU C 55 -22.35 0.93 -7.00
C LEU C 55 -23.68 1.27 -6.32
N THR C 56 -23.58 1.80 -5.09
CA THR C 56 -24.74 2.21 -4.30
C THR C 56 -24.42 3.49 -3.52
N ALA C 57 -23.19 4.01 -3.70
CA ALA C 57 -22.73 5.23 -3.03
C ALA C 57 -21.67 5.93 -3.88
N PRO C 58 -21.99 6.33 -5.12
CA PRO C 58 -21.08 7.01 -6.03
C PRO C 58 -20.39 8.22 -5.41
N ASP C 59 -19.36 8.72 -6.12
CA ASP C 59 -18.57 9.86 -5.67
C ASP C 59 -19.39 11.15 -5.62
N MET A 1 -6.11 10.67 4.23
CA MET A 1 -5.79 9.44 4.97
C MET A 1 -6.98 8.50 5.03
N LEU A 2 -6.81 7.28 4.54
CA LEU A 2 -7.85 6.26 4.60
C LEU A 2 -7.24 5.02 5.27
N ILE A 3 -7.68 4.73 6.50
CA ILE A 3 -7.20 3.60 7.28
C ILE A 3 -8.02 2.36 6.92
N LEU A 4 -7.36 1.21 6.89
CA LEU A 4 -7.99 -0.09 6.70
C LEU A 4 -7.25 -1.09 7.58
N THR A 5 -7.99 -1.94 8.31
CA THR A 5 -7.38 -2.98 9.11
C THR A 5 -7.31 -4.27 8.30
N ARG A 6 -6.25 -5.06 8.53
CA ARG A 6 -6.05 -6.34 7.87
C ARG A 6 -5.39 -7.31 8.83
N LYS A 7 -5.85 -8.56 8.85
CA LYS A 7 -5.19 -9.63 9.59
C LYS A 7 -4.05 -10.15 8.72
N VAL A 8 -3.02 -10.74 9.31
CA VAL A 8 -1.90 -11.24 8.50
C VAL A 8 -2.41 -12.29 7.52
N GLY A 9 -2.16 -12.08 6.23
CA GLY A 9 -2.57 -12.98 5.16
C GLY A 9 -3.61 -12.34 4.23
N GLU A 10 -4.25 -11.25 4.68
CA GLU A 10 -5.28 -10.57 3.88
C GLU A 10 -4.64 -9.60 2.88
N SER A 11 -5.48 -8.88 2.11
CA SER A 11 -5.01 -8.03 1.03
C SER A 11 -5.82 -6.73 0.93
N ILE A 12 -5.30 -5.78 0.16
CA ILE A 12 -5.83 -4.43 -0.04
C ILE A 12 -5.59 -4.05 -1.51
N ASN A 13 -6.24 -3.00 -2.01
CA ASN A 13 -6.12 -2.59 -3.41
C ASN A 13 -6.04 -1.07 -3.56
N ILE A 14 -5.40 -0.63 -4.65
CA ILE A 14 -5.22 0.77 -4.97
C ILE A 14 -5.33 0.94 -6.49
N GLY A 15 -5.90 2.07 -6.92
CA GLY A 15 -6.11 2.34 -8.33
C GLY A 15 -6.90 1.20 -8.97
N ASP A 16 -6.52 0.84 -10.19
CA ASP A 16 -7.10 -0.29 -10.91
C ASP A 16 -5.99 -1.18 -11.45
N ASP A 17 -4.76 -0.95 -10.99
CA ASP A 17 -3.58 -1.66 -11.47
C ASP A 17 -2.62 -2.00 -10.31
N ILE A 18 -3.03 -1.78 -9.06
CA ILE A 18 -2.15 -2.06 -7.92
C ILE A 18 -2.90 -2.89 -6.88
N THR A 19 -2.17 -3.78 -6.21
CA THR A 19 -2.68 -4.62 -5.14
C THR A 19 -1.63 -4.64 -4.02
N ILE A 20 -2.06 -4.89 -2.79
CA ILE A 20 -1.23 -4.83 -1.60
C ILE A 20 -1.55 -6.04 -0.74
N THR A 21 -0.56 -6.55 0.00
CA THR A 21 -0.74 -7.72 0.85
C THR A 21 -0.01 -7.53 2.16
N ILE A 22 -0.51 -8.17 3.22
CA ILE A 22 0.12 -8.13 4.55
C ILE A 22 0.66 -9.53 4.84
N LEU A 23 1.94 -9.74 4.50
CA LEU A 23 2.58 -11.04 4.62
C LEU A 23 2.70 -11.46 6.08
N GLY A 24 2.87 -10.50 6.99
CA GLY A 24 2.89 -10.83 8.41
C GLY A 24 3.61 -9.78 9.25
N VAL A 25 3.87 -10.11 10.53
CA VAL A 25 4.59 -9.25 11.44
C VAL A 25 5.70 -10.04 12.13
N SER A 26 6.66 -9.31 12.72
CA SER A 26 7.80 -9.89 13.41
C SER A 26 8.18 -8.93 14.53
N GLY A 27 7.45 -9.00 15.64
CA GLY A 27 7.59 -8.02 16.71
C GLY A 27 6.86 -6.75 16.26
N GLN A 28 7.62 -5.67 16.08
CA GLN A 28 7.05 -4.41 15.62
C GLN A 28 7.30 -4.25 14.12
N GLN A 29 7.98 -5.22 13.51
CA GLN A 29 8.13 -5.23 12.07
C GLN A 29 6.85 -5.69 11.42
N VAL A 30 6.70 -5.35 10.14
CA VAL A 30 5.59 -5.80 9.32
C VAL A 30 6.12 -6.07 7.92
N ARG A 31 6.00 -7.31 7.45
CA ARG A 31 6.30 -7.63 6.06
C ARG A 31 5.08 -7.26 5.24
N ILE A 32 5.27 -6.31 4.32
CA ILE A 32 4.22 -5.83 3.45
C ILE A 32 4.64 -6.17 2.02
N GLY A 33 3.66 -6.54 1.19
CA GLY A 33 3.92 -6.92 -0.19
C GLY A 33 3.12 -6.03 -1.12
N ILE A 34 3.64 -5.80 -2.32
CA ILE A 34 3.00 -4.94 -3.29
C ILE A 34 3.04 -5.61 -4.65
N ASN A 35 2.00 -5.42 -5.45
CA ASN A 35 1.89 -6.03 -6.76
C ASN A 35 1.39 -4.99 -7.74
N ALA A 36 2.32 -4.48 -8.56
CA ALA A 36 2.04 -3.44 -9.54
C ALA A 36 2.87 -3.69 -10.79
N PRO A 37 2.43 -3.18 -11.95
CA PRO A 37 3.19 -3.28 -13.19
C PRO A 37 4.41 -2.38 -13.13
N LYS A 38 5.46 -2.76 -13.86
CA LYS A 38 6.67 -1.93 -13.97
C LYS A 38 6.35 -0.61 -14.69
N ASP A 39 5.10 -0.45 -15.13
CA ASP A 39 4.60 0.79 -15.71
C ASP A 39 4.53 1.89 -14.64
N VAL A 40 4.68 1.51 -13.37
CA VAL A 40 4.64 2.43 -12.24
C VAL A 40 5.74 2.07 -11.24
N ALA A 41 6.10 3.01 -10.37
CA ALA A 41 7.18 2.82 -9.42
C ALA A 41 6.66 2.51 -8.02
N VAL A 42 7.48 1.86 -7.20
CA VAL A 42 7.15 1.59 -5.80
C VAL A 42 8.43 1.48 -4.99
N HIS A 43 8.47 2.12 -3.81
CA HIS A 43 9.66 2.13 -2.96
C HIS A 43 9.27 2.46 -1.52
N ARG A 44 10.15 2.15 -0.55
CA ARG A 44 9.92 2.60 0.81
C ARG A 44 10.23 4.10 0.88
N GLU A 45 9.70 4.79 1.90
CA GLU A 45 9.78 6.24 1.99
C GLU A 45 11.22 6.76 2.08
N GLU A 46 12.15 5.92 2.54
CA GLU A 46 13.56 6.29 2.65
C GLU A 46 14.32 6.07 1.34
N ILE A 47 13.64 5.51 0.32
CA ILE A 47 14.23 5.27 -0.98
C ILE A 47 13.51 6.12 -2.03
N TYR A 48 12.20 6.33 -1.87
CA TYR A 48 11.44 7.11 -2.83
C TYR A 48 12.05 8.50 -3.01
N GLN A 49 12.52 9.11 -1.92
CA GLN A 49 13.13 10.43 -1.97
C GLN A 49 14.40 10.43 -2.80
N ARG A 50 15.02 9.25 -2.97
CA ARG A 50 16.28 9.12 -3.67
C ARG A 50 16.06 9.03 -5.17
N ILE A 51 14.99 8.37 -5.62
CA ILE A 51 14.66 8.33 -7.05
C ILE A 51 14.32 9.74 -7.52
N GLN A 52 14.00 10.63 -6.59
CA GLN A 52 13.60 12.00 -6.91
C GLN A 52 14.73 12.98 -6.64
N ALA A 53 15.90 12.48 -6.21
CA ALA A 53 17.04 13.32 -5.90
C ALA A 53 17.74 13.81 -7.18
N GLY A 54 17.51 13.15 -8.32
CA GLY A 54 18.09 13.60 -9.58
C GLY A 54 18.52 12.47 -10.49
N LEU A 55 17.78 11.36 -10.53
CA LEU A 55 18.25 10.16 -11.20
C LEU A 55 17.12 9.18 -11.56
N THR A 56 17.52 8.01 -12.06
CA THR A 56 16.63 6.94 -12.51
C THR A 56 17.19 5.59 -12.08
N ALA A 57 17.70 5.51 -10.84
CA ALA A 57 18.38 4.35 -10.27
C ALA A 57 19.63 3.97 -11.07
N PRO A 58 20.76 4.65 -10.80
CA PRO A 58 22.05 4.41 -11.43
C PRO A 58 22.49 2.94 -11.43
N ASP A 59 23.52 2.66 -12.21
CA ASP A 59 24.06 1.31 -12.37
C ASP A 59 24.52 0.72 -11.03
N MET C 1 5.49 -9.30 -7.18
CA MET C 1 5.50 -8.97 -5.74
C MET C 1 6.80 -8.27 -5.36
N LEU C 2 6.69 -7.14 -4.66
CA LEU C 2 7.85 -6.44 -4.13
C LEU C 2 7.61 -6.25 -2.63
N ILE C 3 8.36 -6.99 -1.81
CA ILE C 3 8.23 -6.93 -0.36
C ILE C 3 9.08 -5.79 0.18
N LEU C 4 8.58 -5.16 1.24
CA LEU C 4 9.30 -4.16 1.99
C LEU C 4 8.94 -4.33 3.47
N THR C 5 9.94 -4.30 4.35
CA THR C 5 9.69 -4.35 5.78
C THR C 5 9.64 -2.94 6.34
N ARG C 6 8.82 -2.76 7.37
CA ARG C 6 8.71 -1.48 8.08
C ARG C 6 8.46 -1.78 9.55
N LYS C 7 8.64 -0.77 10.40
CA LYS C 7 8.34 -0.85 11.83
C LYS C 7 7.16 0.07 12.07
N VAL C 8 6.34 -0.20 13.10
CA VAL C 8 5.17 0.63 13.36
C VAL C 8 5.61 2.08 13.57
N GLY C 9 5.19 2.97 12.66
CA GLY C 9 5.56 4.38 12.70
C GLY C 9 6.34 4.81 11.45
N GLU C 10 6.47 3.93 10.45
CA GLU C 10 7.20 4.23 9.22
C GLU C 10 6.27 4.24 8.01
N SER C 11 6.83 4.42 6.80
CA SER C 11 6.01 4.65 5.61
C SER C 11 6.63 4.05 4.34
N ILE C 12 5.82 4.00 3.29
CA ILE C 12 6.16 3.44 1.97
C ILE C 12 5.47 4.31 0.91
N ASN C 13 5.90 4.22 -0.35
CA ASN C 13 5.38 5.05 -1.44
C ASN C 13 5.08 4.23 -2.68
N ILE C 14 4.15 4.74 -3.49
CA ILE C 14 3.72 4.11 -4.72
C ILE C 14 3.43 5.20 -5.75
N GLY C 15 3.85 4.98 -7.00
CA GLY C 15 3.70 5.97 -8.05
C GLY C 15 4.35 7.28 -7.63
N ASP C 16 3.69 8.40 -7.94
CA ASP C 16 4.14 9.73 -7.55
C ASP C 16 3.00 10.52 -6.90
N ASP C 17 1.89 9.82 -6.59
CA ASP C 17 0.71 10.43 -6.00
C ASP C 17 0.12 9.57 -4.88
N ILE C 18 0.80 8.49 -4.46
CA ILE C 18 0.28 7.64 -3.39
C ILE C 18 1.36 7.37 -2.35
N THR C 19 0.93 7.28 -1.09
CA THR C 19 1.80 7.00 0.05
C THR C 19 1.08 6.05 1.00
N ILE C 20 1.84 5.31 1.80
CA ILE C 20 1.32 4.31 2.72
C ILE C 20 2.02 4.49 4.07
N THR C 21 1.33 4.17 5.17
CA THR C 21 1.88 4.34 6.50
C THR C 21 1.44 3.18 7.38
N ILE C 22 2.41 2.52 8.04
CA ILE C 22 2.11 1.45 8.98
C ILE C 22 1.77 2.08 10.34
N LEU C 23 0.48 2.31 10.56
CA LEU C 23 0.00 2.99 11.76
C LEU C 23 0.24 2.13 13.00
N GLY C 24 0.18 0.79 12.86
CA GLY C 24 0.49 -0.08 13.98
C GLY C 24 -0.14 -1.46 13.83
N VAL C 25 -0.13 -2.25 14.91
CA VAL C 25 -0.72 -3.58 14.92
C VAL C 25 -1.59 -3.75 16.17
N SER C 26 -2.47 -4.75 16.15
CA SER C 26 -3.37 -5.07 17.24
C SER C 26 -3.60 -6.57 17.21
N GLY C 27 -2.68 -7.33 17.83
CA GLY C 27 -2.70 -8.77 17.72
C GLY C 27 -2.16 -9.15 16.36
N GLN C 28 -2.99 -9.77 15.53
CA GLN C 28 -2.61 -10.15 14.17
C GLN C 28 -3.20 -9.14 13.19
N GLN C 29 -3.91 -8.13 13.69
CA GLN C 29 -4.37 -7.05 12.84
C GLN C 29 -3.22 -6.07 12.59
N VAL C 30 -3.37 -5.28 11.54
CA VAL C 30 -2.44 -4.23 11.18
C VAL C 30 -3.24 -3.02 10.72
N ARG C 31 -3.09 -1.89 11.40
CA ARG C 31 -3.68 -0.64 10.93
C ARG C 31 -2.76 -0.07 9.87
N ILE C 32 -3.28 0.06 8.66
CA ILE C 32 -2.55 0.60 7.52
C ILE C 32 -3.25 1.86 7.06
N GLY C 33 -2.50 2.95 6.90
CA GLY C 33 -3.02 4.21 6.43
C GLY C 33 -2.60 4.38 4.96
N ILE C 34 -3.43 5.09 4.19
CA ILE C 34 -3.15 5.34 2.79
C ILE C 34 -3.43 6.81 2.50
N ASN C 35 -2.63 7.40 1.62
CA ASN C 35 -2.76 8.81 1.30
C ASN C 35 -2.65 8.98 -0.21
N ALA C 36 -3.79 9.21 -0.84
CA ALA C 36 -3.91 9.36 -2.28
C ALA C 36 -4.99 10.41 -2.58
N PRO C 37 -4.92 11.07 -3.74
CA PRO C 37 -5.94 12.01 -4.17
C PRO C 37 -7.22 11.26 -4.52
N LYS C 38 -8.37 11.91 -4.35
CA LYS C 38 -9.66 11.33 -4.73
C LYS C 38 -9.73 11.16 -6.24
N ASP C 39 -8.68 11.59 -6.95
CA ASP C 39 -8.52 11.38 -8.38
C ASP C 39 -8.28 9.91 -8.70
N VAL C 40 -8.02 9.10 -7.66
CA VAL C 40 -7.79 7.66 -7.78
C VAL C 40 -8.51 6.93 -6.65
N ALA C 41 -8.73 5.62 -6.83
CA ALA C 41 -9.48 4.83 -5.89
C ALA C 41 -8.58 4.01 -4.97
N VAL C 42 -9.11 3.63 -3.80
CA VAL C 42 -8.42 2.75 -2.87
C VAL C 42 -9.47 2.01 -2.04
N HIS C 43 -9.30 0.70 -1.87
CA HIS C 43 -10.29 -0.13 -1.18
C HIS C 43 -9.66 -1.40 -0.62
N ARG C 44 -10.41 -2.12 0.20
CA ARG C 44 -10.04 -3.46 0.63
C ARG C 44 -10.19 -4.41 -0.55
N GLU C 45 -9.54 -5.56 -0.50
CA GLU C 45 -9.64 -6.55 -1.57
C GLU C 45 -11.05 -7.16 -1.59
N GLU C 46 -11.77 -7.11 -0.47
CA GLU C 46 -13.14 -7.61 -0.39
C GLU C 46 -14.15 -6.56 -0.87
N ILE C 47 -13.68 -5.35 -1.15
CA ILE C 47 -14.52 -4.25 -1.61
C ILE C 47 -14.17 -3.86 -3.04
N TYR C 48 -12.89 -3.93 -3.40
CA TYR C 48 -12.44 -3.55 -4.73
C TYR C 48 -13.19 -4.33 -5.80
N GLN C 49 -13.46 -5.61 -5.55
CA GLN C 49 -14.15 -6.46 -6.51
C GLN C 49 -15.58 -5.97 -6.72
N ARG C 50 -16.11 -5.20 -5.77
CA ARG C 50 -17.49 -4.71 -5.83
C ARG C 50 -17.59 -3.43 -6.64
N ILE C 51 -16.58 -2.54 -6.57
CA ILE C 51 -16.57 -1.33 -7.38
C ILE C 51 -16.47 -1.71 -8.86
N GLN C 52 -15.99 -2.93 -9.13
CA GLN C 52 -15.78 -3.40 -10.50
C GLN C 52 -16.93 -4.30 -10.94
N ALA C 53 -17.93 -4.49 -10.08
CA ALA C 53 -19.08 -5.32 -10.39
C ALA C 53 -20.06 -4.61 -11.33
N GLY C 54 -19.91 -3.29 -11.52
CA GLY C 54 -20.74 -2.55 -12.47
C GLY C 54 -21.22 -1.20 -11.95
N LEU C 55 -20.42 -0.51 -11.13
CA LEU C 55 -20.91 0.64 -10.39
C LEU C 55 -19.80 1.51 -9.81
N THR C 56 -20.20 2.40 -8.89
CA THR C 56 -19.33 3.23 -8.07
C THR C 56 -19.94 3.29 -6.67
N ALA C 57 -19.25 3.90 -5.70
CA ALA C 57 -19.71 3.91 -4.32
C ALA C 57 -21.18 4.37 -4.24
N PRO C 58 -22.05 3.58 -3.57
CA PRO C 58 -23.45 3.87 -3.38
C PRO C 58 -23.75 5.26 -2.82
N ASP C 59 -25.04 5.60 -2.79
CA ASP C 59 -25.53 6.87 -2.26
C ASP C 59 -25.21 7.02 -0.78
N MET A 1 -6.09 10.69 4.31
CA MET A 1 -5.77 9.45 5.03
C MET A 1 -6.96 8.51 5.06
N LEU A 2 -6.78 7.28 4.61
CA LEU A 2 -7.82 6.26 4.64
C LEU A 2 -7.21 5.04 5.30
N ILE A 3 -7.68 4.73 6.52
CA ILE A 3 -7.19 3.60 7.30
C ILE A 3 -8.01 2.35 6.97
N LEU A 4 -7.35 1.20 6.99
CA LEU A 4 -7.99 -0.10 6.82
C LEU A 4 -7.29 -1.07 7.78
N THR A 5 -7.95 -2.18 8.12
CA THR A 5 -7.37 -3.20 8.98
C THR A 5 -7.32 -4.52 8.26
N ARG A 6 -6.26 -5.29 8.49
CA ARG A 6 -6.06 -6.59 7.86
C ARG A 6 -5.36 -7.54 8.82
N LYS A 7 -5.86 -8.77 8.91
CA LYS A 7 -5.18 -9.84 9.64
C LYS A 7 -4.06 -10.36 8.72
N VAL A 8 -2.99 -10.91 9.27
CA VAL A 8 -1.92 -11.41 8.40
C VAL A 8 -2.47 -12.43 7.41
N GLY A 9 -2.16 -12.25 6.13
CA GLY A 9 -2.59 -13.14 5.06
C GLY A 9 -3.64 -12.50 4.15
N GLU A 10 -4.29 -11.42 4.59
CA GLU A 10 -5.31 -10.73 3.81
C GLU A 10 -4.68 -9.73 2.83
N SER A 11 -5.52 -9.02 2.05
CA SER A 11 -5.02 -8.11 1.02
C SER A 11 -5.85 -6.82 0.92
N ILE A 12 -5.30 -5.85 0.19
CA ILE A 12 -5.85 -4.50 0.01
C ILE A 12 -5.57 -4.08 -1.44
N ASN A 13 -6.22 -3.02 -1.94
CA ASN A 13 -6.06 -2.59 -3.33
C ASN A 13 -5.99 -1.07 -3.45
N ILE A 14 -5.32 -0.61 -4.52
CA ILE A 14 -5.12 0.79 -4.81
C ILE A 14 -5.20 0.99 -6.33
N GLY A 15 -5.72 2.13 -6.76
CA GLY A 15 -5.88 2.42 -8.18
C GLY A 15 -6.68 1.33 -8.87
N ASP A 16 -6.26 0.98 -10.07
CA ASP A 16 -6.87 -0.09 -10.87
C ASP A 16 -5.78 -1.03 -11.38
N ASP A 17 -4.56 -0.88 -10.86
CA ASP A 17 -3.40 -1.64 -11.30
C ASP A 17 -2.48 -2.00 -10.13
N ILE A 18 -2.90 -1.77 -8.87
CA ILE A 18 -2.05 -2.08 -7.73
C ILE A 18 -2.81 -2.92 -6.70
N THR A 19 -2.09 -3.82 -6.03
CA THR A 19 -2.60 -4.67 -4.99
C THR A 19 -1.57 -4.75 -3.87
N ILE A 20 -2.01 -5.02 -2.64
CA ILE A 20 -1.16 -5.06 -1.47
C ILE A 20 -1.53 -6.30 -0.66
N THR A 21 -0.57 -6.91 0.03
CA THR A 21 -0.81 -8.10 0.84
C THR A 21 0.02 -8.04 2.11
N ILE A 22 -0.65 -8.16 3.26
CA ILE A 22 0.03 -8.22 4.55
C ILE A 22 0.61 -9.61 4.74
N LEU A 23 1.90 -9.77 4.42
CA LEU A 23 2.55 -11.07 4.48
C LEU A 23 2.73 -11.51 5.94
N GLY A 24 2.91 -10.56 6.86
CA GLY A 24 2.96 -10.90 8.29
C GLY A 24 3.66 -9.84 9.13
N VAL A 25 3.86 -10.14 10.42
CA VAL A 25 4.53 -9.22 11.33
C VAL A 25 5.54 -9.96 12.21
N SER A 26 6.47 -9.20 12.79
CA SER A 26 7.49 -9.71 13.69
C SER A 26 7.86 -8.60 14.68
N GLY A 27 7.40 -8.72 15.92
CA GLY A 27 7.55 -7.65 16.90
C GLY A 27 6.70 -6.46 16.47
N GLN A 28 7.34 -5.49 15.81
CA GLN A 28 6.65 -4.34 15.24
C GLN A 28 7.01 -4.19 13.77
N GLN A 29 7.84 -5.09 13.24
CA GLN A 29 8.14 -5.14 11.82
C GLN A 29 6.94 -5.73 11.11
N VAL A 30 6.76 -5.39 9.83
CA VAL A 30 5.65 -5.89 9.05
C VAL A 30 6.15 -6.16 7.64
N ARG A 31 6.09 -7.42 7.21
CA ARG A 31 6.35 -7.75 5.82
C ARG A 31 5.10 -7.36 5.04
N ILE A 32 5.29 -6.45 4.08
CA ILE A 32 4.21 -5.98 3.23
C ILE A 32 4.59 -6.26 1.78
N GLY A 33 3.75 -7.05 1.10
CA GLY A 33 3.98 -7.37 -0.30
C GLY A 33 3.20 -6.38 -1.15
N ILE A 34 3.72 -6.08 -2.34
CA ILE A 34 3.08 -5.15 -3.25
C ILE A 34 3.10 -5.77 -4.64
N ASN A 35 2.03 -5.54 -5.41
CA ASN A 35 1.90 -6.12 -6.73
C ASN A 35 1.40 -5.05 -7.68
N ALA A 36 2.32 -4.53 -8.50
CA ALA A 36 2.05 -3.47 -9.45
C ALA A 36 2.90 -3.71 -10.70
N PRO A 37 2.48 -3.18 -11.86
CA PRO A 37 3.24 -3.30 -13.10
C PRO A 37 4.46 -2.39 -13.04
N LYS A 38 5.52 -2.74 -13.76
CA LYS A 38 6.71 -1.92 -13.85
C LYS A 38 6.39 -0.59 -14.56
N ASP A 39 5.15 -0.45 -15.01
CA ASP A 39 4.63 0.79 -15.58
C ASP A 39 4.51 1.89 -14.51
N VAL A 40 4.66 1.49 -13.23
CA VAL A 40 4.58 2.41 -12.10
C VAL A 40 5.67 2.07 -11.09
N ALA A 41 6.00 3.02 -10.21
CA ALA A 41 7.09 2.86 -9.26
C ALA A 41 6.57 2.48 -7.88
N VAL A 42 7.43 1.87 -7.06
CA VAL A 42 7.13 1.57 -5.67
C VAL A 42 8.44 1.51 -4.89
N HIS A 43 8.50 2.16 -3.72
CA HIS A 43 9.72 2.25 -2.92
C HIS A 43 9.40 2.53 -1.46
N ARG A 44 10.41 2.40 -0.59
CA ARG A 44 10.30 2.84 0.79
C ARG A 44 10.29 4.37 0.80
N GLU A 45 9.77 4.98 1.88
CA GLU A 45 9.70 6.44 1.96
C GLU A 45 11.11 7.05 1.99
N GLU A 46 12.11 6.28 2.42
CA GLU A 46 13.50 6.75 2.45
C GLU A 46 14.22 6.52 1.12
N ILE A 47 13.52 5.95 0.13
CA ILE A 47 14.08 5.69 -1.19
C ILE A 47 13.27 6.46 -2.24
N TYR A 48 11.97 6.62 -2.03
CA TYR A 48 11.13 7.35 -2.96
C TYR A 48 11.66 8.76 -3.18
N GLN A 49 12.12 9.41 -2.11
CA GLN A 49 12.64 10.77 -2.20
C GLN A 49 13.89 10.82 -3.07
N ARG A 50 14.55 9.68 -3.27
CA ARG A 50 15.77 9.61 -4.04
C ARG A 50 15.49 9.43 -5.53
N ILE A 51 14.45 8.67 -5.89
CA ILE A 51 14.08 8.53 -7.29
C ILE A 51 13.68 9.90 -7.86
N GLN A 52 13.36 10.84 -6.98
CA GLN A 52 12.94 12.19 -7.36
C GLN A 52 14.12 13.17 -7.26
N ALA A 53 15.31 12.69 -6.94
CA ALA A 53 16.48 13.55 -6.73
C ALA A 53 17.70 13.13 -7.55
N GLY A 54 17.68 11.94 -8.16
CA GLY A 54 18.79 11.46 -8.96
C GLY A 54 18.86 9.94 -8.90
N LEU A 55 19.39 9.30 -9.95
CA LEU A 55 19.36 7.85 -10.05
C LEU A 55 20.76 7.31 -10.28
N THR A 56 20.97 6.04 -9.90
CA THR A 56 22.24 5.34 -10.07
C THR A 56 22.00 3.89 -10.47
N ALA A 57 20.73 3.50 -10.60
CA ALA A 57 20.34 2.16 -10.99
C ALA A 57 18.98 2.17 -11.68
N PRO A 58 18.82 2.91 -12.79
CA PRO A 58 17.57 2.98 -13.55
C PRO A 58 17.01 1.61 -13.93
N ASP A 59 15.80 1.61 -14.47
CA ASP A 59 15.11 0.40 -14.89
C ASP A 59 15.75 -0.21 -16.14
N MET C 1 5.60 -9.13 -7.44
CA MET C 1 5.61 -9.00 -5.96
C MET C 1 6.88 -8.33 -5.49
N LEU C 2 6.76 -7.21 -4.78
CA LEU C 2 7.89 -6.50 -4.20
C LEU C 2 7.60 -6.37 -2.70
N ILE C 3 8.32 -7.16 -1.89
CA ILE C 3 8.17 -7.14 -0.44
C ILE C 3 9.03 -6.01 0.13
N LEU C 4 8.54 -5.41 1.22
CA LEU C 4 9.27 -4.44 2.01
C LEU C 4 8.96 -4.71 3.48
N THR C 5 9.84 -4.27 4.38
CA THR C 5 9.59 -4.39 5.81
C THR C 5 9.52 -3.01 6.42
N ARG C 6 8.67 -2.83 7.42
CA ARG C 6 8.53 -1.53 8.07
C ARG C 6 8.14 -1.68 9.54
N LYS C 7 8.74 -0.88 10.41
CA LYS C 7 8.38 -0.84 11.82
C LYS C 7 7.16 0.08 11.96
N VAL C 8 6.28 -0.18 12.94
CA VAL C 8 5.12 0.70 13.11
C VAL C 8 5.58 2.14 13.31
N GLY C 9 4.87 3.08 12.69
CA GLY C 9 5.19 4.50 12.80
C GLY C 9 6.03 5.01 11.63
N GLU C 10 6.35 4.15 10.65
CA GLU C 10 7.11 4.56 9.48
C GLU C 10 6.26 4.45 8.21
N SER C 11 6.84 4.72 7.04
CA SER C 11 6.06 4.86 5.81
C SER C 11 6.70 4.22 4.58
N ILE C 12 5.91 4.14 3.50
CA ILE C 12 6.27 3.54 2.22
C ILE C 12 5.58 4.36 1.13
N ASN C 13 5.97 4.21 -0.14
CA ASN C 13 5.43 5.01 -1.24
C ASN C 13 5.14 4.17 -2.48
N ILE C 14 4.18 4.65 -3.28
CA ILE C 14 3.75 3.99 -4.51
C ILE C 14 3.43 5.08 -5.55
N GLY C 15 3.71 4.79 -6.82
CA GLY C 15 3.48 5.74 -7.90
C GLY C 15 4.22 7.04 -7.63
N ASP C 16 3.59 8.16 -7.99
CA ASP C 16 4.11 9.50 -7.75
C ASP C 16 3.04 10.35 -7.05
N ASP C 17 1.96 9.71 -6.60
CA ASP C 17 0.82 10.37 -5.99
C ASP C 17 0.26 9.57 -4.81
N ILE C 18 0.94 8.50 -4.36
CA ILE C 18 0.42 7.70 -3.26
C ILE C 18 1.50 7.47 -2.20
N THR C 19 1.05 7.40 -0.94
CA THR C 19 1.90 7.13 0.22
C THR C 19 1.17 6.15 1.12
N ILE C 20 1.93 5.40 1.93
CA ILE C 20 1.40 4.36 2.81
C ILE C 20 2.06 4.54 4.17
N THR C 21 1.35 4.24 5.25
CA THR C 21 1.87 4.39 6.60
C THR C 21 1.41 3.22 7.47
N ILE C 22 2.37 2.49 8.05
CA ILE C 22 2.07 1.39 8.94
C ILE C 22 1.70 1.97 10.31
N LEU C 23 0.40 2.24 10.51
CA LEU C 23 -0.08 2.88 11.72
C LEU C 23 0.13 2.01 12.95
N GLY C 24 0.09 0.69 12.78
CA GLY C 24 0.38 -0.22 13.88
C GLY C 24 -0.18 -1.62 13.69
N VAL C 25 -0.08 -2.45 14.73
CA VAL C 25 -0.62 -3.81 14.72
C VAL C 25 -1.35 -4.09 16.03
N SER C 26 -2.22 -5.10 16.02
CA SER C 26 -2.96 -5.54 17.19
C SER C 26 -3.23 -7.03 17.05
N GLY C 27 -2.51 -7.85 17.82
CA GLY C 27 -2.59 -9.29 17.67
C GLY C 27 -1.98 -9.69 16.33
N GLN C 28 -2.85 -9.87 15.32
CA GLN C 28 -2.43 -10.13 13.96
C GLN C 28 -3.06 -9.13 13.00
N GLN C 29 -3.87 -8.20 13.51
CA GLN C 29 -4.36 -7.11 12.69
C GLN C 29 -3.23 -6.14 12.42
N VAL C 30 -3.40 -5.33 11.38
CA VAL C 30 -2.47 -4.28 11.02
C VAL C 30 -3.28 -3.10 10.56
N ARG C 31 -3.15 -1.96 11.24
CA ARG C 31 -3.73 -0.71 10.79
C ARG C 31 -2.80 -0.14 9.73
N ILE C 32 -3.32 0.01 8.52
CA ILE C 32 -2.57 0.53 7.39
C ILE C 32 -3.26 1.80 6.92
N GLY C 33 -2.51 2.91 6.94
CA GLY C 33 -3.02 4.19 6.48
C GLY C 33 -2.58 4.38 5.03
N ILE C 34 -3.38 5.11 4.26
CA ILE C 34 -3.08 5.37 2.86
C ILE C 34 -3.37 6.84 2.59
N ASN C 35 -2.58 7.45 1.72
CA ASN C 35 -2.71 8.86 1.39
C ASN C 35 -2.60 9.02 -0.11
N ALA C 36 -3.75 9.23 -0.75
CA ALA C 36 -3.85 9.37 -2.19
C ALA C 36 -4.93 10.39 -2.51
N PRO C 37 -4.86 11.04 -3.68
CA PRO C 37 -5.88 11.98 -4.13
C PRO C 37 -7.15 11.23 -4.53
N LYS C 38 -8.29 11.89 -4.41
CA LYS C 38 -9.57 11.31 -4.84
C LYS C 38 -9.58 11.11 -6.36
N ASP C 39 -8.50 11.54 -7.03
CA ASP C 39 -8.28 11.29 -8.45
C ASP C 39 -8.05 9.80 -8.71
N VAL C 40 -7.85 9.02 -7.65
CA VAL C 40 -7.63 7.58 -7.73
C VAL C 40 -8.41 6.87 -6.63
N ALA C 41 -8.63 5.57 -6.80
CA ALA C 41 -9.42 4.79 -5.85
C ALA C 41 -8.54 3.98 -4.91
N VAL C 42 -9.08 3.62 -3.75
CA VAL C 42 -8.41 2.73 -2.80
C VAL C 42 -9.47 2.00 -1.97
N HIS C 43 -9.32 0.69 -1.79
CA HIS C 43 -10.31 -0.13 -1.10
C HIS C 43 -9.68 -1.41 -0.55
N ARG C 44 -10.44 -2.15 0.26
CA ARG C 44 -10.03 -3.48 0.68
C ARG C 44 -10.17 -4.42 -0.52
N GLU C 45 -9.47 -5.55 -0.52
CA GLU C 45 -9.57 -6.51 -1.62
C GLU C 45 -10.98 -7.10 -1.70
N GLU C 46 -11.72 -7.08 -0.59
CA GLU C 46 -13.10 -7.57 -0.53
C GLU C 46 -14.11 -6.51 -0.97
N ILE C 47 -13.64 -5.30 -1.27
CA ILE C 47 -14.48 -4.19 -1.72
C ILE C 47 -14.08 -3.76 -3.12
N TYR C 48 -12.79 -3.83 -3.45
CA TYR C 48 -12.31 -3.43 -4.77
C TYR C 48 -13.04 -4.21 -5.87
N GLN C 49 -13.32 -5.49 -5.63
CA GLN C 49 -13.99 -6.32 -6.61
C GLN C 49 -15.41 -5.83 -6.88
N ARG C 50 -15.97 -5.07 -5.93
CA ARG C 50 -17.35 -4.60 -6.03
C ARG C 50 -17.43 -3.31 -6.85
N ILE C 51 -16.41 -2.45 -6.79
CA ILE C 51 -16.37 -1.25 -7.62
C ILE C 51 -16.28 -1.67 -9.09
N GLN C 52 -15.88 -2.93 -9.33
CA GLN C 52 -15.68 -3.45 -10.68
C GLN C 52 -16.80 -4.40 -11.10
N ALA C 53 -17.83 -4.60 -10.27
CA ALA C 53 -18.86 -5.59 -10.53
C ALA C 53 -20.24 -5.01 -10.84
N GLY C 54 -20.46 -3.71 -10.63
CA GLY C 54 -21.74 -3.09 -10.93
C GLY C 54 -22.20 -2.10 -9.87
N LEU C 55 -21.41 -1.92 -8.81
CA LEU C 55 -21.68 -1.04 -7.68
C LEU C 55 -22.92 -1.45 -6.89
N THR C 56 -23.04 -0.91 -5.68
CA THR C 56 -24.16 -1.13 -4.77
C THR C 56 -24.38 0.12 -3.91
N ALA C 57 -23.64 1.20 -4.21
CA ALA C 57 -23.67 2.44 -3.47
C ALA C 57 -23.41 3.63 -4.40
N PRO C 58 -24.29 3.87 -5.39
CA PRO C 58 -24.18 4.97 -6.34
C PRO C 58 -24.06 6.36 -5.72
N ASP C 59 -24.13 7.37 -6.58
CA ASP C 59 -23.94 8.77 -6.23
C ASP C 59 -25.05 9.65 -6.81
N MET A 1 -6.09 10.69 4.18
CA MET A 1 -5.80 9.44 4.91
C MET A 1 -7.01 8.52 4.91
N LEU A 2 -6.82 7.26 4.51
CA LEU A 2 -7.87 6.26 4.56
C LEU A 2 -7.28 5.04 5.27
N ILE A 3 -7.77 4.75 6.47
CA ILE A 3 -7.31 3.63 7.26
C ILE A 3 -8.09 2.37 6.88
N LEU A 4 -7.40 1.24 6.88
CA LEU A 4 -8.01 -0.07 6.71
C LEU A 4 -7.28 -1.04 7.65
N THR A 5 -8.04 -1.86 8.37
CA THR A 5 -7.43 -2.91 9.19
C THR A 5 -7.32 -4.16 8.34
N ARG A 6 -6.29 -4.98 8.60
CA ARG A 6 -6.11 -6.21 7.86
C ARG A 6 -5.40 -7.24 8.72
N LYS A 7 -5.85 -8.50 8.66
CA LYS A 7 -5.19 -9.59 9.39
C LYS A 7 -4.08 -10.14 8.50
N VAL A 8 -3.01 -10.67 9.09
CA VAL A 8 -1.92 -11.22 8.30
C VAL A 8 -2.46 -12.31 7.38
N GLY A 9 -2.05 -12.29 6.11
CA GLY A 9 -2.50 -13.27 5.12
C GLY A 9 -3.62 -12.75 4.21
N GLU A 10 -4.03 -11.49 4.38
CA GLU A 10 -5.08 -10.90 3.55
C GLU A 10 -4.53 -9.77 2.68
N SER A 11 -5.39 -9.08 1.93
CA SER A 11 -4.95 -8.12 0.92
C SER A 11 -5.80 -6.84 0.86
N ILE A 12 -5.29 -5.86 0.10
CA ILE A 12 -5.88 -4.54 -0.09
C ILE A 12 -5.59 -4.12 -1.54
N ASN A 13 -6.26 -3.09 -2.06
CA ASN A 13 -6.12 -2.67 -3.45
C ASN A 13 -6.05 -1.15 -3.61
N ILE A 14 -5.42 -0.70 -4.69
CA ILE A 14 -5.26 0.70 -5.03
C ILE A 14 -5.38 0.84 -6.54
N GLY A 15 -5.99 1.93 -7.00
CA GLY A 15 -6.22 2.15 -8.42
C GLY A 15 -6.94 0.96 -9.05
N ASP A 16 -6.54 0.61 -10.27
CA ASP A 16 -7.06 -0.54 -10.99
C ASP A 16 -5.91 -1.38 -11.53
N ASP A 17 -4.68 -1.10 -11.06
CA ASP A 17 -3.47 -1.78 -11.50
C ASP A 17 -2.54 -2.09 -10.32
N ILE A 18 -2.97 -1.83 -9.07
CA ILE A 18 -2.11 -2.08 -7.92
C ILE A 18 -2.86 -2.91 -6.87
N THR A 19 -2.10 -3.77 -6.18
CA THR A 19 -2.60 -4.60 -5.10
C THR A 19 -1.57 -4.60 -3.98
N ILE A 20 -2.02 -4.85 -2.74
CA ILE A 20 -1.18 -4.80 -1.55
C ILE A 20 -1.50 -6.03 -0.70
N THR A 21 -0.51 -6.52 0.03
CA THR A 21 -0.68 -7.71 0.86
C THR A 21 0.06 -7.53 2.19
N ILE A 22 -0.46 -8.16 3.25
CA ILE A 22 0.14 -8.11 4.57
C ILE A 22 0.69 -9.50 4.90
N LEU A 23 1.95 -9.70 4.53
CA LEU A 23 2.59 -11.00 4.64
C LEU A 23 2.73 -11.44 6.11
N GLY A 24 2.95 -10.48 7.02
CA GLY A 24 2.97 -10.81 8.45
C GLY A 24 3.67 -9.75 9.29
N VAL A 25 3.83 -10.04 10.59
CA VAL A 25 4.51 -9.13 11.52
C VAL A 25 5.47 -9.89 12.42
N SER A 26 6.41 -9.16 13.04
CA SER A 26 7.37 -9.70 13.98
C SER A 26 7.73 -8.59 14.96
N GLY A 27 7.24 -8.67 16.19
CA GLY A 27 7.39 -7.57 17.13
C GLY A 27 6.57 -6.39 16.63
N GLN A 28 7.24 -5.40 16.05
CA GLN A 28 6.59 -4.26 15.42
C GLN A 28 6.98 -4.18 13.94
N GLN A 29 7.80 -5.12 13.47
CA GLN A 29 8.12 -5.19 12.05
C GLN A 29 6.91 -5.75 11.31
N VAL A 30 6.81 -5.41 10.03
CA VAL A 30 5.72 -5.85 9.19
C VAL A 30 6.27 -6.15 7.81
N ARG A 31 6.15 -7.40 7.36
CA ARG A 31 6.43 -7.72 5.97
C ARG A 31 5.20 -7.34 5.17
N ILE A 32 5.39 -6.43 4.22
CA ILE A 32 4.33 -5.93 3.37
C ILE A 32 4.70 -6.25 1.93
N GLY A 33 3.72 -6.65 1.13
CA GLY A 33 3.94 -7.02 -0.26
C GLY A 33 3.15 -6.09 -1.16
N ILE A 34 3.65 -5.85 -2.36
CA ILE A 34 2.99 -4.97 -3.31
C ILE A 34 3.05 -5.62 -4.68
N ASN A 35 2.01 -5.42 -5.49
CA ASN A 35 1.92 -6.02 -6.81
C ASN A 35 1.41 -4.97 -7.78
N ALA A 36 2.33 -4.44 -8.59
CA ALA A 36 2.05 -3.40 -9.56
C ALA A 36 2.91 -3.61 -10.81
N PRO A 37 2.47 -3.08 -11.96
CA PRO A 37 3.22 -3.16 -13.20
C PRO A 37 4.45 -2.25 -13.13
N LYS A 38 5.52 -2.60 -13.84
CA LYS A 38 6.71 -1.75 -13.92
C LYS A 38 6.38 -0.43 -14.61
N ASP A 39 5.14 -0.27 -15.06
CA ASP A 39 4.62 0.98 -15.61
C ASP A 39 4.51 2.06 -14.52
N VAL A 40 4.66 1.65 -13.26
CA VAL A 40 4.60 2.55 -12.10
C VAL A 40 5.69 2.19 -11.11
N ALA A 41 6.04 3.12 -10.23
CA ALA A 41 7.12 2.94 -9.27
C ALA A 41 6.58 2.55 -7.90
N VAL A 42 7.42 1.90 -7.10
CA VAL A 42 7.10 1.60 -5.71
C VAL A 42 8.40 1.48 -4.91
N HIS A 43 8.47 2.09 -3.72
CA HIS A 43 9.68 2.07 -2.92
C HIS A 43 9.40 2.32 -1.45
N ARG A 44 10.40 2.02 -0.60
CA ARG A 44 10.37 2.40 0.80
C ARG A 44 10.47 3.93 0.86
N GLU A 45 9.94 4.55 1.90
CA GLU A 45 9.93 6.01 2.00
C GLU A 45 11.34 6.60 2.02
N GLU A 46 12.35 5.81 2.42
CA GLU A 46 13.74 6.27 2.44
C GLU A 46 14.41 6.10 1.07
N ILE A 47 13.77 5.37 0.16
CA ILE A 47 14.27 5.12 -1.18
C ILE A 47 13.51 5.98 -2.19
N TYR A 48 12.21 6.21 -1.96
CA TYR A 48 11.43 7.03 -2.86
C TYR A 48 12.03 8.42 -3.01
N GLN A 49 12.51 9.00 -1.90
CA GLN A 49 13.11 10.32 -1.93
C GLN A 49 14.38 10.33 -2.77
N ARG A 50 14.97 9.15 -2.99
CA ARG A 50 16.19 9.02 -3.77
C ARG A 50 15.89 8.96 -5.27
N ILE A 51 14.81 8.28 -5.68
CA ILE A 51 14.43 8.26 -7.08
C ILE A 51 14.12 9.68 -7.54
N GLN A 52 13.86 10.58 -6.60
CA GLN A 52 13.53 11.97 -6.87
C GLN A 52 14.75 12.88 -6.66
N ALA A 53 15.92 12.30 -6.39
CA ALA A 53 17.13 13.08 -6.09
C ALA A 53 18.35 12.64 -6.90
N GLY A 54 18.33 11.46 -7.53
CA GLY A 54 19.45 10.96 -8.31
C GLY A 54 19.37 9.46 -8.42
N LEU A 55 19.89 8.89 -9.51
CA LEU A 55 19.69 7.47 -9.80
C LEU A 55 21.01 6.75 -10.02
N THR A 56 21.03 5.47 -9.62
CA THR A 56 22.17 4.57 -9.78
C THR A 56 21.67 3.15 -10.05
N ALA A 57 20.34 2.98 -10.14
CA ALA A 57 19.70 1.70 -10.38
C ALA A 57 18.36 1.91 -11.10
N PRO A 58 18.36 2.53 -12.29
CA PRO A 58 17.14 2.84 -13.05
C PRO A 58 16.18 1.67 -13.18
N ASP A 59 16.70 0.45 -13.23
CA ASP A 59 15.90 -0.75 -13.40
C ASP A 59 16.68 -2.00 -12.97
N MET C 1 5.50 -9.20 -7.28
CA MET C 1 5.53 -8.95 -5.83
C MET C 1 6.82 -8.24 -5.43
N LEU C 2 6.71 -7.15 -4.67
CA LEU C 2 7.86 -6.45 -4.12
C LEU C 2 7.63 -6.30 -2.62
N ILE C 3 8.40 -7.03 -1.83
CA ILE C 3 8.30 -7.01 -0.37
C ILE C 3 9.12 -5.83 0.16
N LEU C 4 8.62 -5.22 1.23
CA LEU C 4 9.33 -4.18 1.96
C LEU C 4 9.01 -4.36 3.44
N THR C 5 10.02 -4.28 4.30
CA THR C 5 9.81 -4.35 5.75
C THR C 5 9.64 -2.95 6.31
N ARG C 6 8.86 -2.85 7.38
CA ARG C 6 8.58 -1.58 8.03
C ARG C 6 8.37 -1.80 9.52
N LYS C 7 8.42 -0.74 10.32
CA LYS C 7 8.15 -0.79 11.76
C LYS C 7 6.99 0.17 12.01
N VAL C 8 6.15 -0.10 13.01
CA VAL C 8 5.02 0.80 13.24
C VAL C 8 5.52 2.23 13.40
N GLY C 9 4.91 3.16 12.66
CA GLY C 9 5.28 4.57 12.69
C GLY C 9 6.03 5.00 11.42
N GLU C 10 6.20 4.13 10.43
CA GLU C 10 6.91 4.47 9.19
C GLU C 10 6.00 4.37 7.96
N SER C 11 6.59 4.50 6.76
CA SER C 11 5.83 4.66 5.52
C SER C 11 6.54 4.04 4.30
N ILE C 12 5.80 4.01 3.19
CA ILE C 12 6.20 3.45 1.88
C ILE C 12 5.55 4.33 0.81
N ASN C 13 6.01 4.22 -0.45
CA ASN C 13 5.50 5.06 -1.53
C ASN C 13 5.11 4.23 -2.75
N ILE C 14 4.17 4.76 -3.54
CA ILE C 14 3.70 4.12 -4.77
C ILE C 14 3.42 5.22 -5.80
N GLY C 15 3.75 4.97 -7.06
CA GLY C 15 3.61 5.95 -8.11
C GLY C 15 4.34 7.23 -7.74
N ASP C 16 3.70 8.38 -8.01
CA ASP C 16 4.22 9.69 -7.64
C ASP C 16 3.11 10.49 -6.95
N ASP C 17 2.00 9.82 -6.61
CA ASP C 17 0.82 10.45 -6.03
C ASP C 17 0.20 9.61 -4.92
N ILE C 18 0.86 8.53 -4.48
CA ILE C 18 0.32 7.68 -3.42
C ILE C 18 1.40 7.39 -2.38
N THR C 19 0.98 7.30 -1.12
CA THR C 19 1.86 7.00 0.00
C THR C 19 1.11 6.05 0.95
N ILE C 20 1.85 5.25 1.71
CA ILE C 20 1.29 4.24 2.60
C ILE C 20 1.98 4.37 3.96
N THR C 21 1.27 4.04 5.04
CA THR C 21 1.79 4.18 6.40
C THR C 21 1.37 3.00 7.26
N ILE C 22 2.14 2.68 8.29
CA ILE C 22 1.85 1.59 9.22
C ILE C 22 1.51 2.19 10.58
N LEU C 23 0.22 2.42 10.80
CA LEU C 23 -0.26 3.08 12.01
C LEU C 23 -0.02 2.20 13.24
N GLY C 24 -0.04 0.87 13.07
CA GLY C 24 0.31 -0.02 14.16
C GLY C 24 -0.26 -1.43 13.96
N VAL C 25 -0.16 -2.26 15.00
CA VAL C 25 -0.72 -3.61 14.97
C VAL C 25 -1.53 -3.87 16.24
N SER C 26 -2.37 -4.90 16.19
CA SER C 26 -3.23 -5.31 17.29
C SER C 26 -3.39 -6.82 17.20
N GLY C 27 -2.38 -7.55 17.69
CA GLY C 27 -2.33 -8.98 17.51
C GLY C 27 -1.90 -9.26 16.08
N GLN C 28 -2.78 -9.90 15.30
CA GLN C 28 -2.50 -10.19 13.90
C GLN C 28 -3.18 -9.15 13.01
N GLN C 29 -3.92 -8.23 13.61
CA GLN C 29 -4.49 -7.11 12.88
C GLN C 29 -3.42 -6.05 12.68
N VAL C 30 -3.58 -5.22 11.66
CA VAL C 30 -2.64 -4.16 11.33
C VAL C 30 -3.43 -2.95 10.85
N ARG C 31 -3.31 -1.82 11.56
CA ARG C 31 -3.87 -0.58 11.07
C ARG C 31 -2.91 -0.04 10.03
N ILE C 32 -3.40 0.09 8.79
CA ILE C 32 -2.63 0.60 7.68
C ILE C 32 -3.28 1.88 7.20
N GLY C 33 -2.49 2.89 6.88
CA GLY C 33 -3.00 4.17 6.40
C GLY C 33 -2.58 4.35 4.95
N ILE C 34 -3.40 5.08 4.20
CA ILE C 34 -3.11 5.34 2.80
C ILE C 34 -3.40 6.81 2.52
N ASN C 35 -2.60 7.41 1.64
CA ASN C 35 -2.71 8.82 1.32
C ASN C 35 -2.61 8.99 -0.19
N ALA C 36 -3.77 9.21 -0.82
CA ALA C 36 -3.88 9.34 -2.26
C ALA C 36 -4.99 10.34 -2.59
N PRO C 37 -4.91 11.01 -3.75
CA PRO C 37 -5.94 11.92 -4.20
C PRO C 37 -7.19 11.15 -4.59
N LYS C 38 -8.37 11.79 -4.47
CA LYS C 38 -9.62 11.18 -4.89
C LYS C 38 -9.64 10.96 -6.40
N ASP C 39 -8.58 11.40 -7.09
CA ASP C 39 -8.35 11.16 -8.50
C ASP C 39 -8.10 9.66 -8.76
N VAL C 40 -7.88 8.89 -7.70
CA VAL C 40 -7.63 7.46 -7.79
C VAL C 40 -8.38 6.75 -6.68
N ALA C 41 -8.61 5.44 -6.82
CA ALA C 41 -9.40 4.67 -5.88
C ALA C 41 -8.51 3.87 -4.93
N VAL C 42 -9.05 3.53 -3.76
CA VAL C 42 -8.37 2.66 -2.79
C VAL C 42 -9.41 1.93 -1.94
N HIS C 43 -9.27 0.61 -1.78
CA HIS C 43 -10.23 -0.21 -1.06
C HIS C 43 -9.58 -1.49 -0.56
N ARG C 44 -10.23 -2.20 0.38
CA ARG C 44 -9.79 -3.53 0.75
C ARG C 44 -10.14 -4.49 -0.39
N GLU C 45 -9.56 -5.69 -0.39
CA GLU C 45 -9.74 -6.63 -1.49
C GLU C 45 -11.21 -6.99 -1.72
N GLU C 46 -12.02 -7.04 -0.64
CA GLU C 46 -13.44 -7.34 -0.76
C GLU C 46 -14.16 -6.25 -1.55
N ILE C 47 -13.99 -5.01 -1.11
CA ILE C 47 -14.72 -3.87 -1.63
C ILE C 47 -14.23 -3.51 -3.03
N TYR C 48 -12.95 -3.74 -3.32
CA TYR C 48 -12.41 -3.42 -4.64
C TYR C 48 -13.22 -4.10 -5.74
N GLN C 49 -13.61 -5.36 -5.53
CA GLN C 49 -14.35 -6.11 -6.53
C GLN C 49 -15.72 -5.48 -6.78
N ARG C 50 -16.22 -4.70 -5.83
CA ARG C 50 -17.56 -4.14 -5.90
C ARG C 50 -17.59 -2.84 -6.69
N ILE C 51 -16.52 -2.03 -6.62
CA ILE C 51 -16.43 -0.82 -7.42
C ILE C 51 -16.36 -1.21 -8.91
N GLN C 52 -16.01 -2.47 -9.20
CA GLN C 52 -15.84 -2.97 -10.54
C GLN C 52 -17.01 -3.85 -10.99
N ALA C 53 -18.05 -3.99 -10.16
CA ALA C 53 -19.14 -4.91 -10.44
C ALA C 53 -20.48 -4.24 -10.76
N GLY C 54 -20.61 -2.93 -10.55
CA GLY C 54 -21.85 -2.21 -10.87
C GLY C 54 -22.26 -1.21 -9.80
N LEU C 55 -21.47 -1.12 -8.72
CA LEU C 55 -21.71 -0.25 -7.57
C LEU C 55 -23.01 -0.60 -6.82
N THR C 56 -23.11 -0.12 -5.57
CA THR C 56 -24.26 -0.32 -4.70
C THR C 56 -24.42 0.89 -3.78
N ALA C 57 -23.57 1.91 -3.93
CA ALA C 57 -23.56 3.10 -3.09
C ALA C 57 -23.13 4.34 -3.87
N PRO C 58 -23.72 4.63 -5.04
CA PRO C 58 -23.36 5.79 -5.86
C PRO C 58 -23.22 7.10 -5.10
N ASP C 59 -24.06 7.29 -4.08
CA ASP C 59 -24.11 8.54 -3.33
C ASP C 59 -24.76 8.34 -1.96
N MET A 1 -6.00 10.71 4.12
CA MET A 1 -5.71 9.44 4.82
C MET A 1 -6.94 8.56 4.85
N LEU A 2 -6.81 7.31 4.41
CA LEU A 2 -7.86 6.32 4.49
C LEU A 2 -7.28 5.10 5.19
N ILE A 3 -7.73 4.84 6.43
CA ILE A 3 -7.26 3.72 7.23
C ILE A 3 -8.10 2.48 6.91
N LEU A 4 -7.46 1.33 6.98
CA LEU A 4 -8.10 0.04 6.85
C LEU A 4 -7.45 -0.91 7.85
N THR A 5 -8.18 -1.96 8.25
CA THR A 5 -7.66 -2.97 9.15
C THR A 5 -7.69 -4.31 8.45
N ARG A 6 -6.65 -5.12 8.67
CA ARG A 6 -6.60 -6.45 8.07
C ARG A 6 -5.82 -7.42 8.93
N LYS A 7 -5.96 -8.72 8.64
CA LYS A 7 -5.29 -9.79 9.38
C LYS A 7 -4.22 -10.37 8.46
N VAL A 8 -3.13 -10.89 9.03
CA VAL A 8 -2.04 -11.45 8.21
C VAL A 8 -2.60 -12.50 7.24
N GLY A 9 -2.30 -12.34 5.95
CA GLY A 9 -2.74 -13.26 4.90
C GLY A 9 -3.75 -12.64 3.93
N GLU A 10 -4.23 -11.42 4.19
CA GLU A 10 -5.25 -10.77 3.36
C GLU A 10 -4.65 -9.71 2.42
N SER A 11 -5.50 -9.04 1.62
CA SER A 11 -5.04 -8.09 0.61
C SER A 11 -5.90 -6.82 0.55
N ILE A 12 -5.37 -5.81 -0.15
CA ILE A 12 -5.97 -4.48 -0.36
C ILE A 12 -5.63 -4.03 -1.77
N ASN A 13 -6.31 -3.00 -2.28
CA ASN A 13 -6.14 -2.53 -3.65
C ASN A 13 -6.04 -1.02 -3.74
N ILE A 14 -5.36 -0.56 -4.79
CA ILE A 14 -5.15 0.86 -5.08
C ILE A 14 -5.22 1.05 -6.59
N GLY A 15 -5.80 2.17 -7.04
CA GLY A 15 -5.98 2.43 -8.46
C GLY A 15 -6.76 1.28 -9.09
N ASP A 16 -6.34 0.88 -10.30
CA ASP A 16 -6.93 -0.25 -11.01
C ASP A 16 -5.82 -1.19 -11.48
N ASP A 17 -4.59 -0.97 -11.01
CA ASP A 17 -3.41 -1.72 -11.44
C ASP A 17 -2.49 -2.04 -10.26
N ILE A 18 -2.90 -1.80 -9.01
CA ILE A 18 -2.05 -2.08 -7.87
C ILE A 18 -2.81 -2.90 -6.83
N THR A 19 -2.08 -3.79 -6.14
CA THR A 19 -2.61 -4.62 -5.07
C THR A 19 -1.57 -4.66 -3.96
N ILE A 20 -2.04 -4.92 -2.73
CA ILE A 20 -1.21 -4.92 -1.53
C ILE A 20 -1.55 -6.17 -0.72
N THR A 21 -0.57 -6.70 0.02
CA THR A 21 -0.75 -7.90 0.82
C THR A 21 -0.05 -7.77 2.16
N ILE A 22 -0.53 -8.47 3.18
CA ILE A 22 0.05 -8.45 4.51
C ILE A 22 0.64 -9.82 4.81
N LEU A 23 1.90 -10.01 4.43
CA LEU A 23 2.58 -11.29 4.54
C LEU A 23 2.71 -11.71 6.01
N GLY A 24 2.82 -10.74 6.93
CA GLY A 24 2.82 -11.05 8.35
C GLY A 24 3.48 -9.97 9.18
N VAL A 25 3.69 -10.25 10.48
CA VAL A 25 4.39 -9.33 11.38
C VAL A 25 5.44 -10.09 12.18
N SER A 26 6.39 -9.35 12.75
CA SER A 26 7.47 -9.91 13.57
C SER A 26 7.85 -8.86 14.59
N GLY A 27 7.34 -8.98 15.82
CA GLY A 27 7.52 -7.94 16.82
C GLY A 27 6.77 -6.70 16.35
N GLN A 28 7.50 -5.63 16.04
CA GLN A 28 6.89 -4.39 15.57
C GLN A 28 7.15 -4.23 14.07
N GLN A 29 7.84 -5.18 13.44
CA GLN A 29 7.98 -5.19 11.99
C GLN A 29 6.70 -5.72 11.36
N VAL A 30 6.53 -5.41 10.07
CA VAL A 30 5.42 -5.88 9.28
C VAL A 30 5.96 -6.18 7.89
N ARG A 31 5.88 -7.45 7.47
CA ARG A 31 6.21 -7.79 6.09
C ARG A 31 5.01 -7.44 5.24
N ILE A 32 5.17 -6.39 4.44
CA ILE A 32 4.14 -5.92 3.53
C ILE A 32 4.57 -6.34 2.13
N GLY A 33 3.61 -6.67 1.28
CA GLY A 33 3.88 -7.07 -0.09
C GLY A 33 3.11 -6.15 -1.03
N ILE A 34 3.67 -5.91 -2.23
CA ILE A 34 3.04 -5.05 -3.20
C ILE A 34 3.09 -5.75 -4.55
N ASN A 35 2.04 -5.54 -5.35
CA ASN A 35 1.92 -6.16 -6.66
C ASN A 35 1.43 -5.12 -7.66
N ALA A 36 2.36 -4.61 -8.45
CA ALA A 36 2.10 -3.57 -9.43
C ALA A 36 2.95 -3.83 -10.68
N PRO A 37 2.52 -3.32 -11.85
CA PRO A 37 3.28 -3.45 -13.08
C PRO A 37 4.49 -2.52 -13.05
N LYS A 38 5.55 -2.88 -13.79
CA LYS A 38 6.73 -2.02 -13.90
C LYS A 38 6.39 -0.73 -14.62
N ASP A 39 5.15 -0.61 -15.11
CA ASP A 39 4.61 0.61 -15.68
C ASP A 39 4.44 1.69 -14.60
N VAL A 40 4.61 1.33 -13.33
CA VAL A 40 4.53 2.25 -12.21
C VAL A 40 5.63 1.94 -11.20
N ALA A 41 5.94 2.92 -10.34
CA ALA A 41 7.03 2.79 -9.38
C ALA A 41 6.52 2.47 -7.99
N VAL A 42 7.39 1.87 -7.16
CA VAL A 42 7.09 1.61 -5.75
C VAL A 42 8.40 1.57 -4.98
N HIS A 43 8.45 2.22 -3.80
CA HIS A 43 9.67 2.32 -3.00
C HIS A 43 9.33 2.60 -1.54
N ARG A 44 10.34 2.51 -0.66
CA ARG A 44 10.19 2.95 0.72
C ARG A 44 10.12 4.47 0.73
N GLU A 45 9.66 5.07 1.82
CA GLU A 45 9.56 6.52 1.91
C GLU A 45 10.93 7.19 1.87
N GLU A 46 11.99 6.46 2.24
CA GLU A 46 13.35 6.97 2.15
C GLU A 46 13.79 7.03 0.69
N ILE A 47 13.56 5.91 -0.01
CA ILE A 47 14.05 5.71 -1.36
C ILE A 47 13.20 6.48 -2.36
N TYR A 48 11.91 6.63 -2.10
CA TYR A 48 11.04 7.37 -3.02
C TYR A 48 11.58 8.78 -3.23
N GLN A 49 12.06 9.42 -2.17
CA GLN A 49 12.57 10.77 -2.27
C GLN A 49 13.85 10.82 -3.09
N ARG A 50 14.55 9.68 -3.20
CA ARG A 50 15.80 9.61 -3.93
C ARG A 50 15.56 9.50 -5.43
N ILE A 51 14.55 8.74 -5.85
CA ILE A 51 14.22 8.66 -7.27
C ILE A 51 13.75 10.04 -7.75
N GLN A 52 13.37 10.92 -6.81
CA GLN A 52 12.92 12.27 -7.11
C GLN A 52 14.02 13.30 -6.85
N ALA A 53 15.23 12.87 -6.47
CA ALA A 53 16.34 13.76 -6.18
C ALA A 53 17.53 13.50 -7.11
N GLY A 54 17.72 12.24 -7.52
CA GLY A 54 18.79 11.84 -8.43
C GLY A 54 19.26 10.42 -8.10
N LEU A 55 19.79 9.73 -9.11
CA LEU A 55 20.19 8.34 -8.95
C LEU A 55 21.20 7.92 -10.03
N THR A 56 21.67 6.67 -9.93
CA THR A 56 22.64 6.09 -10.85
C THR A 56 22.22 4.66 -11.20
N ALA A 57 20.96 4.33 -10.95
CA ALA A 57 20.40 3.02 -11.22
C ALA A 57 18.95 3.13 -11.72
N PRO A 58 18.71 3.85 -12.82
CA PRO A 58 17.38 4.02 -13.39
C PRO A 58 16.62 2.71 -13.63
N ASP A 59 15.33 2.84 -13.89
CA ASP A 59 14.47 1.71 -14.17
C ASP A 59 14.91 0.97 -15.43
N MET C 1 5.69 -9.44 -7.08
CA MET C 1 5.69 -9.10 -5.65
C MET C 1 6.95 -8.35 -5.26
N LEU C 2 6.79 -7.26 -4.51
CA LEU C 2 7.91 -6.51 -3.97
C LEU C 2 7.65 -6.37 -2.46
N ILE C 3 8.38 -7.15 -1.66
CA ILE C 3 8.25 -7.15 -0.21
C ILE C 3 9.00 -5.95 0.35
N LEU C 4 8.47 -5.36 1.42
CA LEU C 4 9.12 -4.31 2.18
C LEU C 4 8.79 -4.52 3.65
N THR C 5 9.80 -4.44 4.53
CA THR C 5 9.57 -4.51 5.97
C THR C 5 9.44 -3.09 6.49
N ARG C 6 8.56 -2.90 7.47
CA ARG C 6 8.37 -1.57 8.06
C ARG C 6 8.02 -1.70 9.53
N LYS C 7 8.63 -0.89 10.39
CA LYS C 7 8.30 -0.86 11.81
C LYS C 7 7.10 0.06 11.99
N VAL C 8 6.24 -0.22 12.98
CA VAL C 8 5.07 0.61 13.21
C VAL C 8 5.51 2.05 13.43
N GLY C 9 4.84 2.99 12.74
CA GLY C 9 5.15 4.41 12.85
C GLY C 9 5.92 4.94 11.64
N GLU C 10 6.20 4.10 10.65
CA GLU C 10 6.95 4.52 9.46
C GLU C 10 6.09 4.42 8.20
N SER C 11 6.67 4.68 7.02
CA SER C 11 5.91 4.83 5.79
C SER C 11 6.57 4.22 4.56
N ILE C 12 5.81 4.13 3.47
CA ILE C 12 6.19 3.56 2.17
C ILE C 12 5.51 4.40 1.08
N ASN C 13 5.92 4.26 -0.19
CA ASN C 13 5.37 5.07 -1.28
C ASN C 13 5.12 4.25 -2.55
N ILE C 14 4.18 4.73 -3.36
CA ILE C 14 3.80 4.12 -4.62
C ILE C 14 3.53 5.23 -5.63
N GLY C 15 3.91 5.00 -6.89
CA GLY C 15 3.77 5.99 -7.96
C GLY C 15 4.42 7.30 -7.54
N ASP C 16 3.78 8.42 -7.90
CA ASP C 16 4.23 9.75 -7.54
C ASP C 16 3.08 10.55 -6.93
N ASP C 17 1.97 9.86 -6.62
CA ASP C 17 0.77 10.47 -6.04
C ASP C 17 0.20 9.62 -4.91
N ILE C 18 0.90 8.56 -4.47
CA ILE C 18 0.38 7.72 -3.39
C ILE C 18 1.45 7.50 -2.32
N THR C 19 0.98 7.39 -1.07
CA THR C 19 1.81 7.13 0.09
C THR C 19 1.09 6.11 0.98
N ILE C 20 1.86 5.37 1.77
CA ILE C 20 1.35 4.30 2.62
C ILE C 20 1.99 4.45 4.00
N THR C 21 1.27 4.05 5.05
CA THR C 21 1.75 4.17 6.43
C THR C 21 1.34 2.94 7.21
N ILE C 22 2.15 2.56 8.20
CA ILE C 22 1.87 1.43 9.07
C ILE C 22 1.57 1.97 10.47
N LEU C 23 0.30 2.24 10.73
CA LEU C 23 -0.15 2.89 11.95
C LEU C 23 0.10 2.00 13.17
N GLY C 24 0.02 0.68 13.00
CA GLY C 24 0.35 -0.25 14.09
C GLY C 24 -0.25 -1.63 13.89
N VAL C 25 -0.14 -2.48 14.92
CA VAL C 25 -0.69 -3.83 14.89
C VAL C 25 -1.45 -4.10 16.19
N SER C 26 -2.30 -5.13 16.15
CA SER C 26 -3.11 -5.56 17.29
C SER C 26 -3.26 -7.08 17.19
N GLY C 27 -2.24 -7.81 17.64
CA GLY C 27 -2.18 -9.24 17.44
C GLY C 27 -1.78 -9.49 15.99
N GLN C 28 -2.68 -10.08 15.20
CA GLN C 28 -2.44 -10.34 13.80
C GLN C 28 -3.15 -9.29 12.94
N GLN C 29 -3.88 -8.37 13.59
CA GLN C 29 -4.47 -7.25 12.90
C GLN C 29 -3.41 -6.20 12.64
N VAL C 30 -3.62 -5.38 11.61
CA VAL C 30 -2.71 -4.32 11.26
C VAL C 30 -3.52 -3.11 10.80
N ARG C 31 -3.30 -1.97 11.46
CA ARG C 31 -3.86 -0.71 10.99
C ARG C 31 -2.89 -0.16 9.95
N ILE C 32 -3.39 0.04 8.73
CA ILE C 32 -2.62 0.57 7.63
C ILE C 32 -3.32 1.84 7.15
N GLY C 33 -2.53 2.85 6.80
CA GLY C 33 -3.05 4.12 6.31
C GLY C 33 -2.61 4.32 4.88
N ILE C 34 -3.42 5.02 4.10
CA ILE C 34 -3.12 5.29 2.70
C ILE C 34 -3.43 6.74 2.42
N ASN C 35 -2.64 7.38 1.56
CA ASN C 35 -2.82 8.77 1.22
C ASN C 35 -2.67 8.94 -0.28
N ALA C 36 -3.81 9.14 -0.94
CA ALA C 36 -3.88 9.30 -2.39
C ALA C 36 -4.96 10.32 -2.72
N PRO C 37 -4.87 10.99 -3.87
CA PRO C 37 -5.89 11.92 -4.31
C PRO C 37 -7.17 11.18 -4.64
N LYS C 38 -8.32 11.84 -4.46
CA LYS C 38 -9.61 11.25 -4.82
C LYS C 38 -9.70 11.05 -6.34
N ASP C 39 -8.64 11.47 -7.06
CA ASP C 39 -8.49 11.23 -8.48
C ASP C 39 -8.26 9.74 -8.77
N VAL C 40 -7.99 8.95 -7.72
CA VAL C 40 -7.76 7.52 -7.84
C VAL C 40 -8.49 6.79 -6.71
N ALA C 41 -8.72 5.48 -6.89
CA ALA C 41 -9.48 4.70 -5.93
C ALA C 41 -8.56 3.91 -5.00
N VAL C 42 -9.10 3.55 -3.83
CA VAL C 42 -8.41 2.69 -2.87
C VAL C 42 -9.45 1.97 -2.02
N HIS C 43 -9.33 0.64 -1.91
CA HIS C 43 -10.30 -0.18 -1.18
C HIS C 43 -9.66 -1.49 -0.75
N ARG C 44 -10.28 -2.19 0.20
CA ARG C 44 -9.83 -3.53 0.55
C ARG C 44 -10.24 -4.49 -0.56
N GLU C 45 -9.63 -5.68 -0.62
CA GLU C 45 -9.83 -6.59 -1.73
C GLU C 45 -11.30 -6.98 -1.93
N GLU C 46 -12.05 -7.19 -0.85
CA GLU C 46 -13.46 -7.59 -0.95
C GLU C 46 -14.38 -6.45 -1.35
N ILE C 47 -13.90 -5.21 -1.33
CA ILE C 47 -14.69 -4.05 -1.74
C ILE C 47 -14.27 -3.62 -3.15
N TYR C 48 -13.00 -3.78 -3.51
CA TYR C 48 -12.52 -3.39 -4.82
C TYR C 48 -13.33 -4.05 -5.92
N GLN C 49 -13.64 -5.35 -5.76
CA GLN C 49 -14.39 -6.08 -6.78
C GLN C 49 -15.79 -5.50 -6.95
N ARG C 50 -16.28 -4.77 -5.94
CA ARG C 50 -17.63 -4.23 -5.97
C ARG C 50 -17.67 -2.91 -6.74
N ILE C 51 -16.64 -2.06 -6.62
CA ILE C 51 -16.59 -0.83 -7.40
C ILE C 51 -16.57 -1.17 -8.89
N GLN C 52 -16.22 -2.43 -9.21
CA GLN C 52 -16.12 -2.90 -10.59
C GLN C 52 -17.36 -3.70 -10.98
N ALA C 53 -18.36 -3.79 -10.09
CA ALA C 53 -19.55 -4.61 -10.34
C ALA C 53 -20.86 -3.87 -10.11
N GLY C 54 -20.83 -2.69 -9.48
CA GLY C 54 -22.04 -1.91 -9.22
C GLY C 54 -21.81 -1.02 -8.01
N LEU C 55 -22.51 0.12 -7.93
CA LEU C 55 -22.22 1.11 -6.91
C LEU C 55 -23.48 1.44 -6.10
N THR C 56 -23.29 1.62 -4.80
CA THR C 56 -24.34 2.01 -3.85
C THR C 56 -23.76 2.95 -2.79
N ALA C 57 -22.45 3.23 -2.90
CA ALA C 57 -21.72 4.11 -1.99
C ALA C 57 -20.52 4.70 -2.73
N PRO C 58 -20.75 5.50 -3.77
CA PRO C 58 -19.71 6.10 -4.62
C PRO C 58 -18.60 6.82 -3.85
N ASP C 59 -17.56 7.20 -4.58
CA ASP C 59 -16.39 7.89 -4.04
C ASP C 59 -16.74 9.20 -3.34
N MET A 1 -6.14 10.66 4.31
CA MET A 1 -5.85 9.40 5.02
C MET A 1 -7.06 8.47 4.99
N LEU A 2 -6.86 7.22 4.59
CA LEU A 2 -7.91 6.21 4.62
C LEU A 2 -7.32 4.98 5.30
N ILE A 3 -7.84 4.65 6.49
CA ILE A 3 -7.38 3.52 7.27
C ILE A 3 -8.16 2.27 6.87
N LEU A 4 -7.47 1.13 6.88
CA LEU A 4 -8.07 -0.18 6.67
C LEU A 4 -7.35 -1.17 7.59
N THR A 5 -8.12 -2.02 8.27
CA THR A 5 -7.54 -3.05 9.14
C THR A 5 -7.44 -4.35 8.38
N ARG A 6 -6.38 -5.12 8.65
CA ARG A 6 -6.13 -6.40 8.00
C ARG A 6 -5.45 -7.36 8.97
N LYS A 7 -5.91 -8.61 9.01
CA LYS A 7 -5.22 -9.67 9.73
C LYS A 7 -4.10 -10.15 8.82
N VAL A 8 -3.03 -10.73 9.35
CA VAL A 8 -1.97 -11.24 8.47
C VAL A 8 -2.54 -12.25 7.48
N GLY A 9 -2.07 -12.18 6.23
CA GLY A 9 -2.51 -13.06 5.16
C GLY A 9 -3.58 -12.41 4.27
N GLU A 10 -4.19 -11.31 4.73
CA GLU A 10 -5.22 -10.61 3.97
C GLU A 10 -4.58 -9.66 2.95
N SER A 11 -5.42 -8.93 2.21
CA SER A 11 -4.96 -8.06 1.13
C SER A 11 -5.77 -6.75 1.04
N ILE A 12 -5.22 -5.80 0.29
CA ILE A 12 -5.75 -4.45 0.10
C ILE A 12 -5.49 -4.06 -1.37
N ASN A 13 -6.14 -3.01 -1.87
CA ASN A 13 -6.01 -2.60 -3.28
C ASN A 13 -5.94 -1.09 -3.44
N ILE A 14 -5.29 -0.66 -4.52
CA ILE A 14 -5.12 0.74 -4.86
C ILE A 14 -5.24 0.89 -6.38
N GLY A 15 -5.80 2.02 -6.82
CA GLY A 15 -6.03 2.27 -8.24
C GLY A 15 -6.81 1.12 -8.86
N ASP A 16 -6.43 0.75 -10.09
CA ASP A 16 -7.01 -0.37 -10.80
C ASP A 16 -5.89 -1.28 -11.33
N ASP A 17 -4.66 -1.03 -10.88
CA ASP A 17 -3.47 -1.73 -11.33
C ASP A 17 -2.52 -2.07 -10.18
N ILE A 18 -2.93 -1.86 -8.91
CA ILE A 18 -2.06 -2.14 -7.78
C ILE A 18 -2.80 -2.97 -6.73
N THR A 19 -2.06 -3.86 -6.07
CA THR A 19 -2.58 -4.70 -5.00
C THR A 19 -1.52 -4.76 -3.89
N ILE A 20 -1.96 -5.01 -2.66
CA ILE A 20 -1.12 -5.01 -1.48
C ILE A 20 -1.47 -6.23 -0.64
N THR A 21 -0.51 -6.79 0.08
CA THR A 21 -0.73 -8.00 0.88
C THR A 21 0.09 -7.92 2.17
N ILE A 22 -0.58 -8.07 3.32
CA ILE A 22 0.09 -8.11 4.61
C ILE A 22 0.67 -9.50 4.81
N LEU A 23 1.93 -9.69 4.44
CA LEU A 23 2.58 -10.98 4.51
C LEU A 23 2.71 -11.46 5.96
N GLY A 24 2.93 -10.53 6.90
CA GLY A 24 2.91 -10.89 8.32
C GLY A 24 3.62 -9.85 9.19
N VAL A 25 3.81 -10.18 10.47
CA VAL A 25 4.49 -9.30 11.41
C VAL A 25 5.53 -10.07 12.21
N SER A 26 6.47 -9.34 12.81
CA SER A 26 7.52 -9.92 13.65
C SER A 26 7.87 -8.88 14.71
N GLY A 27 7.31 -9.04 15.91
CA GLY A 27 7.44 -8.04 16.96
C GLY A 27 6.68 -6.79 16.55
N GLN A 28 7.40 -5.82 15.99
CA GLN A 28 6.83 -4.57 15.49
C GLN A 28 7.13 -4.39 14.01
N GLN A 29 7.89 -5.32 13.42
CA GLN A 29 8.14 -5.32 12.00
C GLN A 29 6.91 -5.86 11.29
N VAL A 30 6.81 -5.53 10.01
CA VAL A 30 5.70 -5.94 9.17
C VAL A 30 6.23 -6.23 7.78
N ARG A 31 6.10 -7.48 7.32
CA ARG A 31 6.40 -7.77 5.93
C ARG A 31 5.18 -7.39 5.11
N ILE A 32 5.40 -6.51 4.13
CA ILE A 32 4.35 -6.02 3.26
C ILE A 32 4.73 -6.34 1.82
N GLY A 33 3.82 -6.97 1.09
CA GLY A 33 4.05 -7.33 -0.29
C GLY A 33 3.25 -6.37 -1.16
N ILE A 34 3.75 -6.11 -2.37
CA ILE A 34 3.10 -5.20 -3.30
C ILE A 34 3.12 -5.83 -4.68
N ASN A 35 2.06 -5.60 -5.45
CA ASN A 35 1.92 -6.17 -6.78
C ASN A 35 1.43 -5.09 -7.73
N ALA A 36 2.35 -4.57 -8.53
CA ALA A 36 2.08 -3.51 -9.48
C ALA A 36 2.93 -3.73 -10.73
N PRO A 37 2.50 -3.21 -11.89
CA PRO A 37 3.26 -3.30 -13.12
C PRO A 37 4.50 -2.42 -13.02
N LYS A 38 5.57 -2.79 -13.74
CA LYS A 38 6.78 -1.97 -13.78
C LYS A 38 6.50 -0.65 -14.50
N ASP A 39 5.26 -0.47 -14.98
CA ASP A 39 4.76 0.77 -15.55
C ASP A 39 4.65 1.86 -14.46
N VAL A 40 4.77 1.47 -13.19
CA VAL A 40 4.69 2.38 -12.06
C VAL A 40 5.75 2.00 -11.03
N ALA A 41 6.08 2.93 -10.13
CA ALA A 41 7.16 2.75 -9.18
C ALA A 41 6.63 2.41 -7.79
N VAL A 42 7.47 1.78 -6.96
CA VAL A 42 7.13 1.47 -5.57
C VAL A 42 8.43 1.39 -4.78
N HIS A 43 8.50 2.05 -3.62
CA HIS A 43 9.71 2.11 -2.81
C HIS A 43 9.43 2.41 -1.34
N ARG A 44 10.45 2.20 -0.49
CA ARG A 44 10.42 2.66 0.88
C ARG A 44 10.39 4.18 0.89
N GLU A 45 9.89 4.79 1.96
CA GLU A 45 9.81 6.24 2.05
C GLU A 45 11.21 6.87 2.08
N GLU A 46 12.24 6.10 2.50
CA GLU A 46 13.60 6.58 2.53
C GLU A 46 14.31 6.41 1.17
N ILE A 47 13.65 5.72 0.24
CA ILE A 47 14.18 5.47 -1.10
C ILE A 47 13.39 6.28 -2.12
N TYR A 48 12.09 6.46 -1.90
CA TYR A 48 11.26 7.23 -2.82
C TYR A 48 11.81 8.64 -3.01
N GLN A 49 12.32 9.24 -1.94
CA GLN A 49 12.87 10.59 -2.00
C GLN A 49 14.10 10.64 -2.90
N ARG A 50 14.75 9.48 -3.09
CA ARG A 50 15.96 9.39 -3.90
C ARG A 50 15.63 9.28 -5.38
N ILE A 51 14.56 8.56 -5.73
CA ILE A 51 14.12 8.47 -7.13
C ILE A 51 13.67 9.85 -7.59
N GLN A 52 13.39 10.75 -6.65
CA GLN A 52 12.96 12.11 -6.93
C GLN A 52 14.10 13.11 -6.76
N ALA A 53 15.31 12.63 -6.44
CA ALA A 53 16.48 13.48 -6.25
C ALA A 53 17.58 13.21 -7.27
N GLY A 54 17.70 11.97 -7.73
CA GLY A 54 18.66 11.59 -8.76
C GLY A 54 19.13 10.15 -8.58
N LEU A 55 19.52 9.50 -9.69
CA LEU A 55 19.96 8.11 -9.68
C LEU A 55 20.68 7.77 -10.97
N THR A 56 21.27 6.57 -11.02
CA THR A 56 21.99 6.06 -12.18
C THR A 56 21.75 4.56 -12.36
N ALA A 57 20.87 3.96 -11.55
CA ALA A 57 20.55 2.54 -11.63
C ALA A 57 19.89 2.13 -12.97
N PRO A 58 19.06 2.98 -13.61
CA PRO A 58 18.51 2.72 -14.92
C PRO A 58 19.56 2.45 -15.99
N ASP A 59 19.09 2.15 -17.22
CA ASP A 59 19.95 1.89 -18.37
C ASP A 59 20.81 3.10 -18.70
N MET C 1 5.69 -9.29 -7.44
CA MET C 1 5.69 -9.06 -5.99
C MET C 1 6.97 -8.34 -5.57
N LEU C 2 6.84 -7.26 -4.81
CA LEU C 2 7.98 -6.56 -4.25
C LEU C 2 7.71 -6.39 -2.76
N ILE C 3 8.50 -7.07 -1.92
CA ILE C 3 8.37 -7.01 -0.48
C ILE C 3 9.22 -5.87 0.06
N LEU C 4 8.70 -5.20 1.10
CA LEU C 4 9.44 -4.20 1.86
C LEU C 4 9.08 -4.40 3.32
N THR C 5 10.07 -4.38 4.20
CA THR C 5 9.80 -4.45 5.63
C THR C 5 9.51 -3.06 6.16
N ARG C 6 8.79 -3.00 7.28
CA ARG C 6 8.46 -1.74 7.91
C ARG C 6 8.31 -1.98 9.42
N LYS C 7 8.38 -0.92 10.22
CA LYS C 7 8.17 -0.99 11.67
C LYS C 7 7.06 0.01 11.99
N VAL C 8 6.23 -0.26 13.00
CA VAL C 8 5.13 0.64 13.30
C VAL C 8 5.66 2.07 13.49
N GLY C 9 5.13 3.01 12.69
CA GLY C 9 5.57 4.40 12.72
C GLY C 9 6.24 4.85 11.42
N GLU C 10 6.37 3.95 10.43
CA GLU C 10 7.02 4.26 9.17
C GLU C 10 6.03 4.32 8.00
N SER C 11 6.54 4.37 6.77
CA SER C 11 5.75 4.60 5.56
C SER C 11 6.41 3.98 4.34
N ILE C 12 5.66 3.95 3.22
CA ILE C 12 6.06 3.42 1.92
C ILE C 12 5.42 4.31 0.84
N ASN C 13 5.89 4.20 -0.40
CA ASN C 13 5.38 5.02 -1.49
C ASN C 13 5.09 4.19 -2.74
N ILE C 14 4.14 4.69 -3.55
CA ILE C 14 3.73 4.03 -4.78
C ILE C 14 3.40 5.12 -5.81
N GLY C 15 3.72 4.86 -7.08
CA GLY C 15 3.50 5.82 -8.14
C GLY C 15 4.20 7.14 -7.81
N ASP C 16 3.54 8.25 -8.09
CA ASP C 16 4.04 9.59 -7.80
C ASP C 16 2.96 10.40 -7.07
N ASP C 17 1.89 9.72 -6.63
CA ASP C 17 0.74 10.36 -6.01
C ASP C 17 0.18 9.53 -4.84
N ILE C 18 0.86 8.46 -4.41
CA ILE C 18 0.36 7.63 -3.33
C ILE C 18 1.43 7.38 -2.27
N THR C 19 0.99 7.31 -1.02
CA THR C 19 1.84 7.02 0.13
C THR C 19 1.08 6.08 1.05
N ILE C 20 1.82 5.29 1.85
CA ILE C 20 1.26 4.27 2.73
C ILE C 20 1.91 4.41 4.09
N THR C 21 1.18 4.06 5.17
CA THR C 21 1.68 4.20 6.53
C THR C 21 1.28 2.98 7.36
N ILE C 22 2.05 2.67 8.40
CA ILE C 22 1.78 1.59 9.32
C ILE C 22 1.43 2.16 10.69
N LEU C 23 0.13 2.37 10.94
CA LEU C 23 -0.31 2.98 12.18
C LEU C 23 -0.01 2.07 13.37
N GLY C 24 -0.05 0.75 13.16
CA GLY C 24 0.36 -0.20 14.21
C GLY C 24 -0.26 -1.57 14.03
N VAL C 25 -0.10 -2.45 15.02
CA VAL C 25 -0.66 -3.80 14.99
C VAL C 25 -1.33 -4.13 16.32
N SER C 26 -2.20 -5.15 16.31
CA SER C 26 -2.88 -5.65 17.49
C SER C 26 -3.13 -7.14 17.29
N GLY C 27 -2.36 -7.98 17.99
CA GLY C 27 -2.41 -9.41 17.78
C GLY C 27 -1.86 -9.73 16.40
N GLN C 28 -2.76 -9.91 15.42
CA GLN C 28 -2.38 -10.09 14.03
C GLN C 28 -3.08 -9.07 13.14
N GLN C 29 -3.91 -8.19 13.73
CA GLN C 29 -4.49 -7.09 12.99
C GLN C 29 -3.40 -6.06 12.74
N VAL C 30 -3.57 -5.26 11.69
CA VAL C 30 -2.64 -4.22 11.31
C VAL C 30 -3.45 -3.02 10.86
N ARG C 31 -3.32 -1.90 11.57
CA ARG C 31 -3.90 -0.65 11.11
C ARG C 31 -2.94 -0.08 10.08
N ILE C 32 -3.43 0.02 8.85
CA ILE C 32 -2.67 0.54 7.72
C ILE C 32 -3.35 1.83 7.29
N GLY C 33 -2.55 2.84 6.92
CA GLY C 33 -3.06 4.12 6.47
C GLY C 33 -2.63 4.33 5.03
N ILE C 34 -3.44 5.05 4.26
CA ILE C 34 -3.13 5.34 2.87
C ILE C 34 -3.41 6.81 2.59
N ASN C 35 -2.60 7.41 1.73
CA ASN C 35 -2.71 8.81 1.41
C ASN C 35 -2.59 8.98 -0.11
N ALA C 36 -3.74 9.19 -0.75
CA ALA C 36 -3.84 9.33 -2.18
C ALA C 36 -4.94 10.34 -2.51
N PRO C 37 -4.90 10.99 -3.67
CA PRO C 37 -5.92 11.92 -4.10
C PRO C 37 -7.18 11.18 -4.50
N LYS C 38 -8.34 11.84 -4.38
CA LYS C 38 -9.61 11.27 -4.81
C LYS C 38 -9.62 11.07 -6.33
N ASP C 39 -8.57 11.54 -7.00
CA ASP C 39 -8.34 11.31 -8.41
C ASP C 39 -8.03 9.83 -8.69
N VAL C 40 -7.83 9.04 -7.63
CA VAL C 40 -7.60 7.60 -7.74
C VAL C 40 -8.36 6.88 -6.64
N ALA C 41 -8.58 5.57 -6.80
CA ALA C 41 -9.36 4.78 -5.88
C ALA C 41 -8.47 3.99 -4.93
N VAL C 42 -9.01 3.64 -3.75
CA VAL C 42 -8.34 2.75 -2.80
C VAL C 42 -9.40 2.04 -1.97
N HIS C 43 -9.26 0.73 -1.77
CA HIS C 43 -10.23 -0.09 -1.04
C HIS C 43 -9.57 -1.35 -0.51
N ARG C 44 -10.27 -2.10 0.35
CA ARG C 44 -9.80 -3.42 0.74
C ARG C 44 -10.13 -4.40 -0.37
N GLU C 45 -9.54 -5.60 -0.34
CA GLU C 45 -9.68 -6.56 -1.43
C GLU C 45 -11.14 -7.00 -1.64
N GLU C 46 -11.99 -6.91 -0.62
CA GLU C 46 -13.41 -7.23 -0.76
C GLU C 46 -14.14 -6.17 -1.56
N ILE C 47 -13.95 -4.91 -1.15
CA ILE C 47 -14.67 -3.77 -1.69
C ILE C 47 -14.15 -3.41 -3.08
N TYR C 48 -12.87 -3.62 -3.34
CA TYR C 48 -12.31 -3.29 -4.64
C TYR C 48 -13.07 -4.01 -5.75
N GLN C 49 -13.40 -5.28 -5.54
CA GLN C 49 -14.10 -6.07 -6.53
C GLN C 49 -15.51 -5.52 -6.77
N ARG C 50 -16.04 -4.75 -5.82
CA ARG C 50 -17.39 -4.23 -5.92
C ARG C 50 -17.46 -2.94 -6.72
N ILE C 51 -16.46 -2.05 -6.59
CA ILE C 51 -16.42 -0.83 -7.39
C ILE C 51 -16.32 -1.19 -8.87
N GLN C 52 -15.92 -2.43 -9.16
CA GLN C 52 -15.76 -2.91 -10.52
C GLN C 52 -16.97 -3.75 -10.96
N ALA C 53 -17.99 -3.88 -10.09
CA ALA C 53 -19.16 -4.71 -10.36
C ALA C 53 -20.49 -3.97 -10.23
N GLY C 54 -20.49 -2.76 -9.65
CA GLY C 54 -21.71 -1.99 -9.49
C GLY C 54 -21.59 -1.07 -8.27
N LEU C 55 -22.29 0.07 -8.30
CA LEU C 55 -22.15 1.07 -7.27
C LEU C 55 -23.50 1.43 -6.66
N THR C 56 -23.46 2.03 -5.47
CA THR C 56 -24.65 2.49 -4.75
C THR C 56 -24.31 3.72 -3.92
N ALA C 57 -23.05 4.16 -3.96
CA ALA C 57 -22.58 5.33 -3.24
C ALA C 57 -21.40 5.99 -3.99
N PRO C 58 -21.57 6.35 -5.27
CA PRO C 58 -20.53 7.03 -6.05
C PRO C 58 -19.96 8.26 -5.36
N ASP C 59 -18.83 8.75 -5.89
CA ASP C 59 -18.13 9.91 -5.34
C ASP C 59 -18.96 11.19 -5.40
N MET A 1 -6.14 10.68 4.25
CA MET A 1 -5.81 9.47 5.03
C MET A 1 -6.99 8.52 5.08
N LEU A 2 -6.82 7.28 4.62
CA LEU A 2 -7.85 6.27 4.67
C LEU A 2 -7.25 5.03 5.34
N ILE A 3 -7.70 4.73 6.56
CA ILE A 3 -7.20 3.61 7.34
C ILE A 3 -8.01 2.36 7.03
N LEU A 4 -7.35 1.21 7.06
CA LEU A 4 -7.97 -0.09 6.88
C LEU A 4 -7.28 -1.06 7.84
N THR A 5 -7.96 -2.16 8.19
CA THR A 5 -7.39 -3.18 9.08
C THR A 5 -7.34 -4.52 8.37
N ARG A 6 -6.24 -5.25 8.54
CA ARG A 6 -6.05 -6.53 7.88
C ARG A 6 -5.29 -7.50 8.79
N LYS A 7 -5.77 -8.74 8.88
CA LYS A 7 -5.06 -9.80 9.59
C LYS A 7 -3.96 -10.30 8.66
N VAL A 8 -2.89 -10.90 9.19
CA VAL A 8 -1.84 -11.41 8.31
C VAL A 8 -2.43 -12.43 7.33
N GLY A 9 -2.12 -12.28 6.04
CA GLY A 9 -2.59 -13.16 4.98
C GLY A 9 -3.68 -12.51 4.12
N GLU A 10 -4.27 -11.40 4.58
CA GLU A 10 -5.31 -10.71 3.83
C GLU A 10 -4.69 -9.70 2.86
N SER A 11 -5.53 -8.97 2.10
CA SER A 11 -5.05 -8.07 1.05
C SER A 11 -5.88 -6.78 0.96
N ILE A 12 -5.34 -5.82 0.21
CA ILE A 12 -5.88 -4.48 0.02
C ILE A 12 -5.60 -4.07 -1.44
N ASN A 13 -6.26 -3.02 -1.94
CA ASN A 13 -6.12 -2.60 -3.33
C ASN A 13 -6.04 -1.08 -3.47
N ILE A 14 -5.39 -0.64 -4.54
CA ILE A 14 -5.20 0.77 -4.85
C ILE A 14 -5.30 0.94 -6.37
N GLY A 15 -5.89 2.06 -6.81
CA GLY A 15 -6.09 2.33 -8.22
C GLY A 15 -6.83 1.17 -8.88
N ASP A 16 -6.44 0.84 -10.11
CA ASP A 16 -6.98 -0.28 -10.86
C ASP A 16 -5.85 -1.14 -11.42
N ASP A 17 -4.63 -0.91 -10.94
CA ASP A 17 -3.43 -1.61 -11.37
C ASP A 17 -2.52 -1.96 -10.19
N ILE A 18 -2.96 -1.75 -8.94
CA ILE A 18 -2.11 -2.05 -7.79
C ILE A 18 -2.87 -2.88 -6.76
N THR A 19 -2.13 -3.77 -6.09
CA THR A 19 -2.66 -4.62 -5.03
C THR A 19 -1.61 -4.68 -3.91
N ILE A 20 -2.06 -4.99 -2.70
CA ILE A 20 -1.21 -5.03 -1.52
C ILE A 20 -1.59 -6.27 -0.70
N THR A 21 -0.62 -6.87 0.00
CA THR A 21 -0.86 -8.05 0.81
C THR A 21 -0.01 -7.99 2.07
N ILE A 22 -0.65 -8.14 3.23
CA ILE A 22 0.05 -8.18 4.51
C ILE A 22 0.63 -9.59 4.69
N LEU A 23 1.89 -9.76 4.32
CA LEU A 23 2.54 -11.07 4.35
C LEU A 23 2.75 -11.53 5.79
N GLY A 24 2.93 -10.61 6.74
CA GLY A 24 3.01 -10.98 8.15
C GLY A 24 3.70 -9.93 9.00
N VAL A 25 3.96 -10.26 10.26
CA VAL A 25 4.64 -9.36 11.20
C VAL A 25 5.73 -10.11 11.96
N SER A 26 6.64 -9.34 12.57
CA SER A 26 7.74 -9.84 13.36
C SER A 26 7.99 -8.83 14.47
N GLY A 27 7.16 -8.88 15.51
CA GLY A 27 7.17 -7.88 16.56
C GLY A 27 6.47 -6.64 16.01
N GLN A 28 7.22 -5.55 15.85
CA GLN A 28 6.68 -4.31 15.30
C GLN A 28 7.07 -4.17 13.83
N GLN A 29 7.84 -5.13 13.31
CA GLN A 29 8.14 -5.18 11.89
C GLN A 29 6.94 -5.77 11.16
N VAL A 30 6.78 -5.42 9.89
CA VAL A 30 5.68 -5.90 9.09
C VAL A 30 6.19 -6.16 7.68
N ARG A 31 6.10 -7.41 7.22
CA ARG A 31 6.35 -7.72 5.82
C ARG A 31 5.11 -7.33 5.04
N ILE A 32 5.28 -6.40 4.11
CA ILE A 32 4.21 -5.91 3.27
C ILE A 32 4.60 -6.17 1.82
N GLY A 33 3.76 -6.93 1.11
CA GLY A 33 4.01 -7.23 -0.29
C GLY A 33 3.22 -6.27 -1.15
N ILE A 34 3.75 -5.96 -2.33
CA ILE A 34 3.12 -5.03 -3.24
C ILE A 34 3.12 -5.65 -4.63
N ASN A 35 2.07 -5.40 -5.40
CA ASN A 35 1.92 -5.97 -6.72
C ASN A 35 1.41 -4.91 -7.68
N ALA A 36 2.32 -4.39 -8.49
CA ALA A 36 2.04 -3.35 -9.46
C ALA A 36 2.89 -3.58 -10.72
N PRO A 37 2.46 -3.08 -11.88
CA PRO A 37 3.22 -3.19 -13.11
C PRO A 37 4.46 -2.31 -13.03
N LYS A 38 5.52 -2.70 -13.75
CA LYS A 38 6.74 -1.89 -13.82
C LYS A 38 6.46 -0.58 -14.56
N ASP A 39 5.22 -0.41 -15.03
CA ASP A 39 4.74 0.83 -15.62
C ASP A 39 4.62 1.93 -14.55
N VAL A 40 4.75 1.56 -13.27
CA VAL A 40 4.68 2.48 -12.15
C VAL A 40 5.75 2.12 -11.12
N ALA A 41 6.09 3.07 -10.25
CA ALA A 41 7.15 2.88 -9.27
C ALA A 41 6.60 2.51 -7.90
N VAL A 42 7.45 1.88 -7.08
CA VAL A 42 7.13 1.59 -5.68
C VAL A 42 8.42 1.49 -4.89
N HIS A 43 8.48 2.15 -3.72
CA HIS A 43 9.69 2.20 -2.91
C HIS A 43 9.38 2.50 -1.45
N ARG A 44 10.37 2.31 -0.58
CA ARG A 44 10.31 2.75 0.81
C ARG A 44 10.37 4.27 0.86
N GLU A 45 9.96 4.86 1.97
CA GLU A 45 9.97 6.31 2.12
C GLU A 45 11.41 6.84 2.14
N GLU A 46 12.38 5.99 2.51
CA GLU A 46 13.79 6.37 2.57
C GLU A 46 14.47 6.23 1.20
N ILE A 47 13.76 5.69 0.20
CA ILE A 47 14.27 5.50 -1.15
C ILE A 47 13.45 6.33 -2.14
N TYR A 48 12.16 6.51 -1.89
CA TYR A 48 11.31 7.29 -2.77
C TYR A 48 11.86 8.70 -2.96
N GLN A 49 12.42 9.28 -1.89
CA GLN A 49 12.97 10.63 -1.95
C GLN A 49 14.16 10.69 -2.91
N ARG A 50 14.79 9.54 -3.18
CA ARG A 50 15.97 9.49 -4.03
C ARG A 50 15.59 9.36 -5.50
N ILE A 51 14.53 8.62 -5.82
CA ILE A 51 14.06 8.51 -7.20
C ILE A 51 13.60 9.89 -7.69
N GLN A 52 13.34 10.81 -6.73
CA GLN A 52 12.91 12.16 -7.02
C GLN A 52 14.07 13.17 -6.90
N ALA A 53 15.29 12.68 -6.64
CA ALA A 53 16.45 13.55 -6.49
C ALA A 53 17.56 13.21 -7.48
N GLY A 54 17.70 11.93 -7.85
CA GLY A 54 18.67 11.48 -8.83
C GLY A 54 19.05 10.02 -8.61
N LEU A 55 19.42 9.33 -9.69
CA LEU A 55 19.72 7.91 -9.64
C LEU A 55 20.50 7.48 -10.88
N THR A 56 20.93 6.20 -10.89
CA THR A 56 21.71 5.63 -11.97
C THR A 56 21.53 4.11 -12.04
N ALA A 57 20.43 3.59 -11.45
CA ALA A 57 20.22 2.17 -11.30
C ALA A 57 18.87 1.64 -11.85
N PRO A 58 17.83 2.46 -12.04
CA PRO A 58 16.59 2.02 -12.68
C PRO A 58 16.80 1.34 -14.02
N ASP A 59 15.73 0.69 -14.50
CA ASP A 59 15.73 -0.01 -15.78
C ASP A 59 16.04 0.93 -16.93
N MET C 1 5.63 -9.30 -7.40
CA MET C 1 5.63 -9.01 -5.95
C MET C 1 6.91 -8.30 -5.54
N LEU C 2 6.79 -7.20 -4.81
CA LEU C 2 7.93 -6.51 -4.24
C LEU C 2 7.66 -6.38 -2.75
N ILE C 3 8.34 -7.21 -1.95
CA ILE C 3 8.20 -7.20 -0.50
C ILE C 3 9.04 -6.07 0.06
N LEU C 4 8.55 -5.47 1.14
CA LEU C 4 9.29 -4.50 1.92
C LEU C 4 8.98 -4.77 3.39
N THR C 5 9.85 -4.30 4.28
CA THR C 5 9.59 -4.40 5.71
C THR C 5 9.61 -3.01 6.32
N ARG C 6 8.75 -2.80 7.32
CA ARG C 6 8.71 -1.52 8.02
C ARG C 6 8.33 -1.71 9.48
N LYS C 7 8.72 -0.77 10.33
CA LYS C 7 8.36 -0.80 11.76
C LYS C 7 7.16 0.12 11.95
N VAL C 8 6.31 -0.15 12.93
CA VAL C 8 5.13 0.69 13.15
C VAL C 8 5.55 2.14 13.37
N GLY C 9 4.89 3.08 12.68
CA GLY C 9 5.19 4.49 12.78
C GLY C 9 5.92 5.04 11.54
N GLU C 10 6.25 4.16 10.58
CA GLU C 10 6.96 4.54 9.36
C GLU C 10 6.03 4.55 8.14
N SER C 11 6.59 4.81 6.96
CA SER C 11 5.82 4.95 5.74
C SER C 11 6.50 4.29 4.53
N ILE C 12 5.76 4.21 3.43
CA ILE C 12 6.16 3.59 2.16
C ILE C 12 5.49 4.38 1.03
N ASN C 13 5.92 4.21 -0.23
CA ASN C 13 5.40 4.99 -1.34
C ASN C 13 5.09 4.16 -2.57
N ILE C 14 4.16 4.65 -3.38
CA ILE C 14 3.71 4.00 -4.61
C ILE C 14 3.39 5.06 -5.65
N GLY C 15 3.69 4.78 -6.92
CA GLY C 15 3.48 5.71 -8.00
C GLY C 15 4.18 7.04 -7.71
N ASP C 16 3.52 8.13 -8.07
CA ASP C 16 4.01 9.48 -7.83
C ASP C 16 2.93 10.31 -7.13
N ASP C 17 1.85 9.65 -6.69
CA ASP C 17 0.70 10.31 -6.08
C ASP C 17 0.13 9.50 -4.91
N ILE C 18 0.82 8.43 -4.46
CA ILE C 18 0.32 7.63 -3.37
C ILE C 18 1.40 7.41 -2.31
N THR C 19 0.95 7.32 -1.05
CA THR C 19 1.81 7.07 0.10
C THR C 19 1.08 6.13 1.04
N ILE C 20 1.84 5.40 1.86
CA ILE C 20 1.31 4.40 2.77
C ILE C 20 1.97 4.60 4.13
N THR C 21 1.27 4.28 5.22
CA THR C 21 1.81 4.46 6.56
C THR C 21 1.37 3.31 7.45
N ILE C 22 2.33 2.58 8.01
CA ILE C 22 2.06 1.48 8.93
C ILE C 22 1.72 2.06 10.29
N LEU C 23 0.42 2.29 10.52
CA LEU C 23 -0.06 2.94 11.74
C LEU C 23 0.17 2.05 12.96
N GLY C 24 0.11 0.73 12.79
CA GLY C 24 0.40 -0.18 13.90
C GLY C 24 -0.19 -1.56 13.68
N VAL C 25 -0.15 -2.39 14.73
CA VAL C 25 -0.70 -3.74 14.69
C VAL C 25 -1.51 -4.05 15.94
N SER C 26 -2.30 -5.12 15.91
CA SER C 26 -3.11 -5.57 17.03
C SER C 26 -3.28 -7.08 16.92
N GLY C 27 -2.52 -7.85 17.72
CA GLY C 27 -2.50 -9.30 17.57
C GLY C 27 -1.85 -9.65 16.24
N GLN C 28 -2.69 -9.88 15.22
CA GLN C 28 -2.22 -10.12 13.86
C GLN C 28 -2.86 -9.13 12.89
N GLN C 29 -3.69 -8.21 13.41
CA GLN C 29 -4.21 -7.12 12.61
C GLN C 29 -3.09 -6.14 12.31
N VAL C 30 -3.29 -5.31 11.29
CA VAL C 30 -2.38 -4.24 10.94
C VAL C 30 -3.23 -3.05 10.53
N ARG C 31 -3.09 -1.93 11.24
CA ARG C 31 -3.69 -0.68 10.81
C ARG C 31 -2.78 -0.10 9.74
N ILE C 32 -3.32 0.07 8.54
CA ILE C 32 -2.58 0.60 7.42
C ILE C 32 -3.28 1.87 6.94
N GLY C 33 -2.55 2.99 6.96
CA GLY C 33 -3.06 4.27 6.47
C GLY C 33 -2.63 4.43 5.03
N ILE C 34 -3.44 5.15 4.25
CA ILE C 34 -3.14 5.39 2.85
C ILE C 34 -3.43 6.86 2.56
N ASN C 35 -2.62 7.46 1.68
CA ASN C 35 -2.75 8.86 1.34
C ASN C 35 -2.64 8.99 -0.17
N ALA C 36 -3.79 9.21 -0.81
CA ALA C 36 -3.90 9.33 -2.25
C ALA C 36 -5.00 10.35 -2.57
N PRO C 37 -4.94 11.00 -3.74
CA PRO C 37 -5.97 11.94 -4.18
C PRO C 37 -7.25 11.19 -4.55
N LYS C 38 -8.40 11.86 -4.43
CA LYS C 38 -9.67 11.27 -4.85
C LYS C 38 -9.70 11.09 -6.36
N ASP C 39 -8.63 11.50 -7.05
CA ASP C 39 -8.42 11.25 -8.46
C ASP C 39 -8.18 9.76 -8.72
N VAL C 40 -7.97 8.99 -7.66
CA VAL C 40 -7.74 7.55 -7.73
C VAL C 40 -8.50 6.85 -6.62
N ALA C 41 -8.73 5.54 -6.76
CA ALA C 41 -9.51 4.77 -5.82
C ALA C 41 -8.61 3.95 -4.89
N VAL C 42 -9.15 3.59 -3.73
CA VAL C 42 -8.48 2.70 -2.78
C VAL C 42 -9.53 1.97 -1.95
N HIS C 43 -9.37 0.66 -1.79
CA HIS C 43 -10.36 -0.18 -1.10
C HIS C 43 -9.72 -1.46 -0.55
N ARG C 44 -10.47 -2.19 0.29
CA ARG C 44 -10.05 -3.52 0.70
C ARG C 44 -10.19 -4.46 -0.49
N GLU C 45 -9.48 -5.59 -0.49
CA GLU C 45 -9.59 -6.55 -1.59
C GLU C 45 -11.00 -7.15 -1.65
N GLU C 46 -11.73 -7.12 -0.53
CA GLU C 46 -13.10 -7.63 -0.45
C GLU C 46 -14.12 -6.55 -0.87
N ILE C 47 -13.66 -5.35 -1.21
CA ILE C 47 -14.51 -4.25 -1.62
C ILE C 47 -14.13 -3.82 -3.04
N TYR C 48 -12.84 -3.88 -3.38
CA TYR C 48 -12.38 -3.49 -4.71
C TYR C 48 -13.11 -4.28 -5.79
N GLN C 49 -13.40 -5.56 -5.55
CA GLN C 49 -14.08 -6.39 -6.53
C GLN C 49 -15.49 -5.91 -6.78
N ARG C 50 -16.06 -5.14 -5.83
CA ARG C 50 -17.42 -4.64 -5.93
C ARG C 50 -17.47 -3.32 -6.70
N ILE C 51 -16.42 -2.50 -6.60
CA ILE C 51 -16.39 -1.25 -7.35
C ILE C 51 -16.34 -1.54 -8.86
N GLN C 52 -15.98 -2.77 -9.23
CA GLN C 52 -15.82 -3.18 -10.61
C GLN C 52 -16.98 -4.07 -11.08
N ALA C 53 -18.06 -4.17 -10.30
CA ALA C 53 -19.10 -5.16 -10.54
C ALA C 53 -20.46 -4.62 -10.98
N GLY C 54 -20.62 -3.31 -11.20
CA GLY C 54 -21.92 -2.79 -11.62
C GLY C 54 -22.67 -2.22 -10.43
N LEU C 55 -21.91 -1.68 -9.48
CA LEU C 55 -22.35 -1.11 -8.22
C LEU C 55 -23.42 -0.01 -8.33
N THR C 56 -23.80 0.52 -7.15
CA THR C 56 -24.81 1.56 -7.04
C THR C 56 -24.41 2.59 -5.97
N ALA C 57 -23.13 2.60 -5.59
CA ALA C 57 -22.61 3.49 -4.56
C ALA C 57 -21.27 4.14 -4.94
N PRO C 58 -21.04 4.56 -6.20
CA PRO C 58 -19.82 5.28 -6.59
C PRO C 58 -19.46 6.42 -5.66
N ASP C 59 -20.48 7.04 -5.04
CA ASP C 59 -20.33 8.22 -4.22
C ASP C 59 -21.58 8.38 -3.36
N MET A 1 -6.08 10.58 4.67
CA MET A 1 -5.76 9.23 5.16
C MET A 1 -6.99 8.33 5.09
N LEU A 2 -6.82 7.11 4.58
CA LEU A 2 -7.87 6.11 4.60
C LEU A 2 -7.28 4.87 5.28
N ILE A 3 -7.72 4.60 6.52
CA ILE A 3 -7.27 3.46 7.30
C ILE A 3 -8.10 2.24 6.92
N LEU A 4 -7.45 1.08 6.97
CA LEU A 4 -8.10 -0.22 6.82
C LEU A 4 -7.45 -1.17 7.83
N THR A 5 -8.15 -2.25 8.15
CA THR A 5 -7.61 -3.29 9.03
C THR A 5 -7.57 -4.59 8.27
N ARG A 6 -6.50 -5.35 8.49
CA ARG A 6 -6.30 -6.65 7.85
C ARG A 6 -5.63 -7.57 8.84
N LYS A 7 -5.66 -8.87 8.56
CA LYS A 7 -5.00 -9.87 9.37
C LYS A 7 -3.87 -10.45 8.53
N VAL A 8 -2.83 -11.00 9.16
CA VAL A 8 -1.72 -11.56 8.40
C VAL A 8 -2.22 -12.62 7.42
N GLY A 9 -2.09 -12.32 6.12
CA GLY A 9 -2.52 -13.20 5.03
C GLY A 9 -3.54 -12.55 4.10
N GLU A 10 -4.13 -11.43 4.53
CA GLU A 10 -5.16 -10.72 3.75
C GLU A 10 -4.54 -9.75 2.75
N SER A 11 -5.38 -8.97 2.06
CA SER A 11 -4.94 -8.06 0.99
C SER A 11 -5.77 -6.78 0.93
N ILE A 12 -5.27 -5.80 0.17
CA ILE A 12 -5.85 -4.48 -0.03
C ILE A 12 -5.58 -4.07 -1.49
N ASN A 13 -6.25 -3.03 -2.01
CA ASN A 13 -6.10 -2.63 -3.41
C ASN A 13 -6.02 -1.11 -3.56
N ILE A 14 -5.36 -0.68 -4.63
CA ILE A 14 -5.17 0.73 -4.96
C ILE A 14 -5.28 0.91 -6.47
N GLY A 15 -5.84 2.03 -6.92
CA GLY A 15 -6.03 2.30 -8.33
C GLY A 15 -6.81 1.17 -8.99
N ASP A 16 -6.40 0.82 -10.20
CA ASP A 16 -6.98 -0.30 -10.95
C ASP A 16 -5.86 -1.19 -11.47
N ASP A 17 -4.63 -0.96 -10.99
CA ASP A 17 -3.44 -1.67 -11.44
C ASP A 17 -2.51 -2.01 -10.28
N ILE A 18 -2.93 -1.79 -9.02
CA ILE A 18 -2.08 -2.09 -7.88
C ILE A 18 -2.84 -2.92 -6.84
N THR A 19 -2.10 -3.80 -6.16
CA THR A 19 -2.62 -4.63 -5.09
C THR A 19 -1.58 -4.65 -3.97
N ILE A 20 -2.05 -4.91 -2.74
CA ILE A 20 -1.22 -4.88 -1.54
C ILE A 20 -1.53 -6.13 -0.72
N THR A 21 -0.55 -6.64 0.00
CA THR A 21 -0.71 -7.85 0.80
C THR A 21 0.00 -7.66 2.15
N ILE A 22 -0.51 -8.32 3.19
CA ILE A 22 0.07 -8.29 4.51
C ILE A 22 0.62 -9.67 4.83
N LEU A 23 1.89 -9.91 4.45
CA LEU A 23 2.52 -11.21 4.54
C LEU A 23 2.67 -11.66 6.00
N GLY A 24 2.85 -10.71 6.94
CA GLY A 24 2.91 -11.06 8.35
C GLY A 24 3.63 -10.01 9.19
N VAL A 25 3.93 -10.35 10.45
CA VAL A 25 4.68 -9.47 11.34
C VAL A 25 5.88 -10.21 11.91
N SER A 26 6.86 -9.45 12.41
CA SER A 26 8.10 -9.98 12.98
C SER A 26 8.54 -9.03 14.08
N GLY A 27 7.91 -9.16 15.26
CA GLY A 27 8.11 -8.21 16.33
C GLY A 27 7.31 -6.97 16.01
N GLN A 28 7.98 -5.83 15.84
CA GLN A 28 7.33 -4.58 15.47
C GLN A 28 7.49 -4.36 13.98
N GLN A 29 8.14 -5.28 13.28
CA GLN A 29 8.22 -5.24 11.84
C GLN A 29 6.94 -5.81 11.25
N VAL A 30 6.70 -5.47 9.99
CA VAL A 30 5.57 -5.99 9.24
C VAL A 30 6.04 -6.26 7.83
N ARG A 31 5.98 -7.53 7.38
CA ARG A 31 6.25 -7.85 5.99
C ARG A 31 5.03 -7.47 5.19
N ILE A 32 5.22 -6.48 4.30
CA ILE A 32 4.17 -6.00 3.41
C ILE A 32 4.58 -6.36 2.00
N GLY A 33 3.62 -6.72 1.15
CA GLY A 33 3.88 -7.08 -0.23
C GLY A 33 3.11 -6.14 -1.13
N ILE A 34 3.63 -5.91 -2.33
CA ILE A 34 2.99 -5.04 -3.29
C ILE A 34 3.04 -5.69 -4.65
N ASN A 35 2.00 -5.49 -5.46
CA ASN A 35 1.90 -6.09 -6.77
C ASN A 35 1.40 -5.04 -7.75
N ALA A 36 2.33 -4.52 -8.56
CA ALA A 36 2.05 -3.48 -9.51
C ALA A 36 2.90 -3.70 -10.76
N PRO A 37 2.48 -3.18 -11.92
CA PRO A 37 3.25 -3.28 -13.15
C PRO A 37 4.47 -2.37 -13.08
N LYS A 38 5.54 -2.73 -13.79
CA LYS A 38 6.73 -1.90 -13.86
C LYS A 38 6.42 -0.58 -14.58
N ASP A 39 5.19 -0.44 -15.09
CA ASP A 39 4.67 0.79 -15.65
C ASP A 39 4.48 1.87 -14.57
N VAL A 40 4.64 1.48 -13.29
CA VAL A 40 4.55 2.41 -12.17
C VAL A 40 5.64 2.08 -11.15
N ALA A 41 5.96 3.03 -10.28
CA ALA A 41 7.06 2.88 -9.33
C ALA A 41 6.55 2.54 -7.94
N VAL A 42 7.40 1.92 -7.11
CA VAL A 42 7.10 1.63 -5.72
C VAL A 42 8.41 1.55 -4.93
N HIS A 43 8.46 2.21 -3.77
CA HIS A 43 9.66 2.28 -2.95
C HIS A 43 9.32 2.56 -1.50
N ARG A 44 10.30 2.40 -0.59
CA ARG A 44 10.12 2.83 0.78
C ARG A 44 10.10 4.36 0.79
N GLU A 45 9.55 4.97 1.84
CA GLU A 45 9.51 6.42 1.93
C GLU A 45 10.91 7.02 2.00
N GLU A 46 11.90 6.24 2.47
CA GLU A 46 13.29 6.65 2.56
C GLU A 46 14.04 6.46 1.24
N ILE A 47 13.38 5.89 0.23
CA ILE A 47 13.97 5.65 -1.09
C ILE A 47 13.20 6.46 -2.14
N TYR A 48 11.89 6.61 -1.97
CA TYR A 48 11.07 7.37 -2.91
C TYR A 48 11.61 8.78 -3.09
N GLN A 49 12.09 9.40 -2.02
CA GLN A 49 12.62 10.76 -2.08
C GLN A 49 13.87 10.82 -2.96
N ARG A 50 14.54 9.68 -3.16
CA ARG A 50 15.78 9.61 -3.92
C ARG A 50 15.51 9.45 -5.40
N ILE A 51 14.46 8.70 -5.78
CA ILE A 51 14.10 8.56 -7.19
C ILE A 51 13.66 9.93 -7.72
N GLN A 52 13.33 10.85 -6.82
CA GLN A 52 12.90 12.20 -7.16
C GLN A 52 14.02 13.22 -6.97
N ALA A 53 15.23 12.76 -6.61
CA ALA A 53 16.38 13.62 -6.40
C ALA A 53 17.54 13.29 -7.34
N GLY A 54 17.69 12.01 -7.68
CA GLY A 54 18.70 11.55 -8.63
C GLY A 54 19.13 10.12 -8.29
N LEU A 55 19.61 9.39 -9.31
CA LEU A 55 19.99 8.00 -9.15
C LEU A 55 20.86 7.52 -10.31
N THR A 56 21.29 6.26 -10.23
CA THR A 56 22.14 5.61 -11.22
C THR A 56 21.69 4.16 -11.44
N ALA A 57 20.48 3.84 -11.01
CA ALA A 57 19.94 2.50 -11.10
C ALA A 57 18.42 2.51 -11.40
N PRO A 58 17.98 3.15 -12.49
CA PRO A 58 16.58 3.24 -12.88
C PRO A 58 15.82 1.92 -12.83
N ASP A 59 16.51 0.82 -13.14
CA ASP A 59 15.89 -0.49 -13.25
C ASP A 59 16.91 -1.62 -13.08
N MET C 1 5.60 -9.29 -7.24
CA MET C 1 5.57 -9.01 -5.78
C MET C 1 6.85 -8.30 -5.36
N LEU C 2 6.72 -7.18 -4.67
CA LEU C 2 7.86 -6.46 -4.09
C LEU C 2 7.60 -6.33 -2.60
N ILE C 3 8.33 -7.09 -1.80
CA ILE C 3 8.19 -7.10 -0.35
C ILE C 3 9.01 -5.95 0.24
N LEU C 4 8.50 -5.38 1.33
CA LEU C 4 9.18 -4.35 2.10
C LEU C 4 8.84 -4.59 3.57
N THR C 5 9.85 -4.52 4.45
CA THR C 5 9.61 -4.61 5.88
C THR C 5 9.49 -3.19 6.42
N ARG C 6 8.61 -2.99 7.41
CA ARG C 6 8.42 -1.67 7.99
C ARG C 6 8.08 -1.79 9.47
N LYS C 7 8.79 -1.04 10.32
CA LYS C 7 8.48 -0.99 11.74
C LYS C 7 7.24 -0.11 11.91
N VAL C 8 6.40 -0.41 12.90
CA VAL C 8 5.19 0.38 13.13
C VAL C 8 5.58 1.85 13.34
N GLY C 9 4.98 2.75 12.55
CA GLY C 9 5.25 4.18 12.66
C GLY C 9 5.98 4.76 11.46
N GLU C 10 6.37 3.93 10.49
CA GLU C 10 7.08 4.40 9.31
C GLU C 10 6.21 4.28 8.05
N SER C 11 6.75 4.65 6.88
CA SER C 11 5.96 4.78 5.66
C SER C 11 6.63 4.18 4.43
N ILE C 12 5.85 4.10 3.35
CA ILE C 12 6.20 3.53 2.05
C ILE C 12 5.51 4.37 0.98
N ASN C 13 5.89 4.25 -0.29
CA ASN C 13 5.33 5.05 -1.37
C ASN C 13 5.05 4.24 -2.62
N ILE C 14 4.09 4.72 -3.41
CA ILE C 14 3.67 4.08 -4.65
C ILE C 14 3.35 5.17 -5.67
N GLY C 15 3.64 4.90 -6.95
CA GLY C 15 3.41 5.85 -8.01
C GLY C 15 4.14 7.17 -7.72
N ASP C 16 3.47 8.28 -8.04
CA ASP C 16 4.00 9.62 -7.80
C ASP C 16 2.94 10.46 -7.07
N ASP C 17 1.87 9.81 -6.60
CA ASP C 17 0.75 10.46 -5.96
C ASP C 17 0.18 9.65 -4.79
N ILE C 18 0.86 8.57 -4.36
CA ILE C 18 0.34 7.75 -3.28
C ILE C 18 1.41 7.50 -2.22
N THR C 19 0.98 7.40 -0.97
CA THR C 19 1.83 7.10 0.17
C THR C 19 1.11 6.10 1.06
N ILE C 20 1.88 5.32 1.83
CA ILE C 20 1.37 4.25 2.68
C ILE C 20 2.06 4.36 4.04
N THR C 21 1.35 3.97 5.11
CA THR C 21 1.91 4.05 6.45
C THR C 21 1.43 2.87 7.28
N ILE C 22 2.34 2.26 8.03
CA ILE C 22 2.02 1.18 8.94
C ILE C 22 1.67 1.78 10.29
N LEU C 23 0.37 2.02 10.52
CA LEU C 23 -0.10 2.70 11.71
C LEU C 23 0.16 1.84 12.95
N GLY C 24 0.12 0.52 12.80
CA GLY C 24 0.49 -0.37 13.90
C GLY C 24 -0.12 -1.76 13.75
N VAL C 25 -0.06 -2.56 14.82
CA VAL C 25 -0.64 -3.89 14.83
C VAL C 25 -1.61 -4.00 16.01
N SER C 26 -2.46 -5.02 15.96
CA SER C 26 -3.49 -5.29 16.96
C SER C 26 -3.62 -6.80 17.08
N GLY C 27 -2.54 -7.43 17.54
CA GLY C 27 -2.45 -8.87 17.56
C GLY C 27 -2.07 -9.34 16.17
N GLN C 28 -2.99 -10.04 15.50
CA GLN C 28 -2.78 -10.49 14.14
C GLN C 28 -3.34 -9.45 13.19
N GLN C 29 -4.01 -8.43 13.72
CA GLN C 29 -4.47 -7.32 12.91
C GLN C 29 -3.31 -6.39 12.60
N VAL C 30 -3.46 -5.65 11.51
CA VAL C 30 -2.55 -4.59 11.15
C VAL C 30 -3.35 -3.39 10.67
N ARG C 31 -3.17 -2.25 11.33
CA ARG C 31 -3.75 -1.01 10.86
C ARG C 31 -2.81 -0.44 9.82
N ILE C 32 -3.33 -0.29 8.61
CA ILE C 32 -2.59 0.23 7.48
C ILE C 32 -3.32 1.49 7.01
N GLY C 33 -2.56 2.54 6.74
CA GLY C 33 -3.12 3.81 6.29
C GLY C 33 -2.63 4.11 4.88
N ILE C 34 -3.43 4.85 4.12
CA ILE C 34 -3.12 5.19 2.75
C ILE C 34 -3.43 6.67 2.54
N ASN C 35 -2.62 7.33 1.71
CA ASN C 35 -2.76 8.75 1.44
C ASN C 35 -2.64 8.98 -0.05
N ALA C 36 -3.79 9.22 -0.69
CA ALA C 36 -3.89 9.42 -2.13
C ALA C 36 -5.00 10.44 -2.41
N PRO C 37 -4.93 11.14 -3.55
CA PRO C 37 -5.96 12.07 -3.96
C PRO C 37 -7.23 11.31 -4.38
N LYS C 38 -8.39 11.93 -4.24
CA LYS C 38 -9.65 11.33 -4.69
C LYS C 38 -9.66 11.20 -6.21
N ASP C 39 -8.59 11.66 -6.86
CA ASP C 39 -8.37 11.49 -8.29
C ASP C 39 -8.10 10.02 -8.62
N VAL C 40 -7.87 9.20 -7.60
CA VAL C 40 -7.59 7.78 -7.75
C VAL C 40 -8.36 7.00 -6.66
N ALA C 41 -8.55 5.70 -6.88
CA ALA C 41 -9.33 4.88 -5.97
C ALA C 41 -8.44 4.08 -5.03
N VAL C 42 -8.98 3.71 -3.86
CA VAL C 42 -8.32 2.81 -2.92
C VAL C 42 -9.38 2.11 -2.09
N HIS C 43 -9.26 0.79 -1.93
CA HIS C 43 -10.26 0.01 -1.21
C HIS C 43 -9.67 -1.28 -0.65
N ARG C 44 -10.41 -1.91 0.26
CA ARG C 44 -10.09 -3.24 0.75
C ARG C 44 -10.32 -4.23 -0.40
N GLU C 45 -9.65 -5.38 -0.39
CA GLU C 45 -9.75 -6.33 -1.50
C GLU C 45 -11.19 -6.86 -1.67
N GLU C 46 -12.01 -6.82 -0.62
CA GLU C 46 -13.41 -7.22 -0.70
C GLU C 46 -14.21 -6.18 -1.48
N ILE C 47 -13.84 -4.91 -1.29
CA ILE C 47 -14.61 -3.78 -1.77
C ILE C 47 -14.13 -3.34 -3.15
N TYR C 48 -12.85 -3.51 -3.44
CA TYR C 48 -12.32 -3.17 -4.75
C TYR C 48 -13.09 -3.91 -5.84
N GLN C 49 -13.41 -5.19 -5.60
CA GLN C 49 -14.13 -6.00 -6.58
C GLN C 49 -15.54 -5.44 -6.82
N ARG C 50 -16.05 -4.66 -5.86
CA ARG C 50 -17.41 -4.14 -5.92
C ARG C 50 -17.47 -2.82 -6.69
N ILE C 51 -16.47 -1.96 -6.57
CA ILE C 51 -16.44 -0.72 -7.34
C ILE C 51 -16.40 -1.03 -8.84
N GLN C 52 -16.00 -2.27 -9.17
CA GLN C 52 -15.89 -2.72 -10.55
C GLN C 52 -17.13 -3.52 -10.97
N ALA C 53 -18.13 -3.62 -10.08
CA ALA C 53 -19.32 -4.42 -10.33
C ALA C 53 -20.63 -3.66 -10.09
N GLY C 54 -20.58 -2.49 -9.45
CA GLY C 54 -21.78 -1.71 -9.18
C GLY C 54 -21.58 -0.84 -7.95
N LEU C 55 -22.27 0.31 -7.89
CA LEU C 55 -22.04 1.28 -6.84
C LEU C 55 -23.34 1.62 -6.13
N THR C 56 -23.23 2.18 -4.92
CA THR C 56 -24.37 2.57 -4.10
C THR C 56 -24.07 3.89 -3.36
N ALA C 57 -22.88 4.46 -3.60
CA ALA C 57 -22.48 5.71 -2.97
C ALA C 57 -21.50 6.52 -3.83
N PRO C 58 -21.66 6.60 -5.17
CA PRO C 58 -20.76 7.35 -6.03
C PRO C 58 -20.46 8.76 -5.52
N ASP C 59 -21.50 9.44 -5.04
CA ASP C 59 -21.43 10.80 -4.58
C ASP C 59 -22.72 11.16 -3.84
N MET A 1 -6.15 10.68 4.24
CA MET A 1 -5.84 9.45 4.98
C MET A 1 -7.02 8.50 4.99
N LEU A 2 -6.82 7.26 4.55
CA LEU A 2 -7.85 6.24 4.59
C LEU A 2 -7.26 5.03 5.30
N ILE A 3 -7.72 4.76 6.52
CA ILE A 3 -7.24 3.65 7.32
C ILE A 3 -8.01 2.39 6.93
N LEU A 4 -7.32 1.25 6.97
CA LEU A 4 -7.92 -0.06 6.77
C LEU A 4 -7.21 -1.04 7.71
N THR A 5 -7.97 -1.88 8.39
CA THR A 5 -7.38 -2.93 9.22
C THR A 5 -7.24 -4.17 8.34
N ARG A 6 -6.19 -4.95 8.56
CA ARG A 6 -5.95 -6.15 7.77
C ARG A 6 -5.30 -7.23 8.63
N LYS A 7 -5.87 -8.43 8.64
CA LYS A 7 -5.28 -9.55 9.34
C LYS A 7 -4.16 -10.12 8.46
N VAL A 8 -3.11 -10.68 9.07
CA VAL A 8 -2.02 -11.25 8.28
C VAL A 8 -2.57 -12.33 7.37
N GLY A 9 -2.22 -12.27 6.08
CA GLY A 9 -2.69 -13.23 5.09
C GLY A 9 -3.78 -12.66 4.19
N GLU A 10 -4.14 -11.38 4.35
CA GLU A 10 -5.19 -10.76 3.54
C GLU A 10 -4.59 -9.69 2.61
N SER A 11 -5.45 -8.98 1.85
CA SER A 11 -4.98 -8.04 0.83
C SER A 11 -5.83 -6.77 0.74
N ILE A 12 -5.33 -5.79 -0.02
CA ILE A 12 -5.91 -4.47 -0.25
C ILE A 12 -5.61 -4.06 -1.69
N ASN A 13 -6.28 -3.05 -2.23
CA ASN A 13 -6.13 -2.62 -3.61
C ASN A 13 -6.04 -1.10 -3.74
N ILE A 14 -5.37 -0.66 -4.82
CA ILE A 14 -5.19 0.75 -5.14
C ILE A 14 -5.27 0.90 -6.65
N GLY A 15 -5.87 2.00 -7.11
CA GLY A 15 -6.06 2.24 -8.54
C GLY A 15 -6.78 1.06 -9.19
N ASP A 16 -6.35 0.71 -10.39
CA ASP A 16 -6.88 -0.42 -11.13
C ASP A 16 -5.74 -1.32 -11.61
N ASP A 17 -4.52 -1.06 -11.10
CA ASP A 17 -3.32 -1.76 -11.52
C ASP A 17 -2.39 -2.07 -10.33
N ILE A 18 -2.85 -1.85 -9.09
CA ILE A 18 -2.01 -2.12 -7.92
C ILE A 18 -2.78 -2.94 -6.89
N THR A 19 -2.04 -3.81 -6.19
CA THR A 19 -2.58 -4.64 -5.12
C THR A 19 -1.55 -4.67 -3.99
N ILE A 20 -2.02 -4.90 -2.77
CA ILE A 20 -1.19 -4.89 -1.57
C ILE A 20 -1.52 -6.13 -0.74
N THR A 21 -0.55 -6.65 0.00
CA THR A 21 -0.73 -7.84 0.83
C THR A 21 0.04 -7.68 2.14
N ILE A 22 -0.45 -8.33 3.20
CA ILE A 22 0.18 -8.29 4.51
C ILE A 22 0.74 -9.67 4.82
N LEU A 23 2.04 -9.85 4.57
CA LEU A 23 2.69 -11.13 4.73
C LEU A 23 2.79 -11.52 6.22
N GLY A 24 2.94 -10.53 7.11
CA GLY A 24 2.89 -10.78 8.55
C GLY A 24 3.56 -9.69 9.36
N VAL A 25 3.64 -9.89 10.69
CA VAL A 25 4.27 -8.92 11.60
C VAL A 25 5.18 -9.65 12.60
N SER A 26 6.10 -8.90 13.20
CA SER A 26 7.01 -9.37 14.23
C SER A 26 7.38 -8.18 15.10
N GLY A 27 6.86 -8.12 16.33
CA GLY A 27 7.02 -6.96 17.18
C GLY A 27 6.31 -5.78 16.54
N GLN A 28 7.08 -4.86 15.95
CA GLN A 28 6.56 -3.72 15.22
C GLN A 28 6.97 -3.81 13.75
N GLN A 29 7.78 -4.82 13.38
CA GLN A 29 8.10 -5.03 11.97
C GLN A 29 6.89 -5.62 11.27
N VAL A 30 6.79 -5.36 9.98
CA VAL A 30 5.69 -5.86 9.16
C VAL A 30 6.23 -6.18 7.78
N ARG A 31 6.11 -7.44 7.35
CA ARG A 31 6.41 -7.79 5.97
C ARG A 31 5.18 -7.44 5.15
N ILE A 32 5.38 -6.60 4.15
CA ILE A 32 4.32 -6.13 3.28
C ILE A 32 4.69 -6.50 1.85
N GLY A 33 3.71 -6.93 1.07
CA GLY A 33 3.92 -7.30 -0.31
C GLY A 33 3.14 -6.34 -1.21
N ILE A 34 3.67 -6.07 -2.40
CA ILE A 34 3.03 -5.17 -3.34
C ILE A 34 3.08 -5.81 -4.72
N ASN A 35 2.04 -5.58 -5.51
CA ASN A 35 1.93 -6.17 -6.84
C ASN A 35 1.46 -5.09 -7.80
N ALA A 36 2.40 -4.57 -8.59
CA ALA A 36 2.16 -3.51 -9.54
C ALA A 36 3.02 -3.72 -10.79
N PRO A 37 2.62 -3.18 -11.94
CA PRO A 37 3.39 -3.25 -13.17
C PRO A 37 4.60 -2.34 -13.06
N LYS A 38 5.68 -2.67 -13.79
CA LYS A 38 6.86 -1.83 -13.85
C LYS A 38 6.54 -0.50 -14.56
N ASP A 39 5.29 -0.35 -15.02
CA ASP A 39 4.78 0.90 -15.57
C ASP A 39 4.65 1.96 -14.48
N VAL A 40 4.78 1.55 -13.21
CA VAL A 40 4.69 2.44 -12.07
C VAL A 40 5.77 2.08 -11.05
N ALA A 41 6.09 3.01 -10.15
CA ALA A 41 7.16 2.82 -9.20
C ALA A 41 6.64 2.51 -7.80
N VAL A 42 7.46 1.88 -6.97
CA VAL A 42 7.13 1.57 -5.58
C VAL A 42 8.41 1.48 -4.76
N HIS A 43 8.45 2.16 -3.60
CA HIS A 43 9.66 2.22 -2.77
C HIS A 43 9.32 2.59 -1.32
N ARG A 44 10.26 2.39 -0.40
CA ARG A 44 10.13 2.93 0.95
C ARG A 44 10.22 4.45 0.86
N GLU A 45 9.72 5.16 1.88
CA GLU A 45 9.67 6.60 1.89
C GLU A 45 11.07 7.21 1.77
N GLU A 46 12.08 6.55 2.36
CA GLU A 46 13.46 7.04 2.34
C GLU A 46 14.15 6.82 0.99
N ILE A 47 13.56 5.98 0.13
CA ILE A 47 14.10 5.70 -1.19
C ILE A 47 13.33 6.47 -2.25
N TYR A 48 12.03 6.66 -2.03
CA TYR A 48 11.20 7.40 -2.98
C TYR A 48 11.77 8.79 -3.25
N GLN A 49 12.29 9.45 -2.22
CA GLN A 49 12.84 10.80 -2.38
C GLN A 49 14.06 10.79 -3.28
N ARG A 50 14.71 9.63 -3.42
CA ARG A 50 15.92 9.51 -4.22
C ARG A 50 15.60 9.32 -5.69
N ILE A 51 14.52 8.59 -6.01
CA ILE A 51 14.09 8.44 -7.38
C ILE A 51 13.65 9.81 -7.92
N GLN A 52 13.39 10.75 -7.02
CA GLN A 52 12.96 12.10 -7.36
C GLN A 52 14.11 13.10 -7.24
N ALA A 53 15.32 12.63 -6.91
CA ALA A 53 16.48 13.51 -6.76
C ALA A 53 17.58 13.16 -7.77
N GLY A 54 17.67 11.89 -8.19
CA GLY A 54 18.61 11.45 -9.20
C GLY A 54 19.10 10.03 -8.93
N LEU A 55 19.49 9.33 -9.99
CA LEU A 55 19.95 7.95 -9.90
C LEU A 55 20.67 7.54 -11.18
N THR A 56 21.27 6.34 -11.16
CA THR A 56 21.99 5.77 -12.29
C THR A 56 21.79 4.25 -12.37
N ALA A 57 20.91 3.70 -11.52
CA ALA A 57 20.64 2.27 -11.50
C ALA A 57 20.00 1.76 -12.80
N PRO A 58 19.13 2.53 -13.47
CA PRO A 58 18.54 2.13 -14.74
C PRO A 58 19.55 1.78 -15.84
N ASP A 59 19.03 1.19 -16.91
CA ASP A 59 19.80 0.76 -18.06
C ASP A 59 20.12 1.92 -19.01
N MET C 1 5.65 -9.13 -7.42
CA MET C 1 5.68 -9.01 -5.96
C MET C 1 6.95 -8.33 -5.49
N LEU C 2 6.82 -7.22 -4.74
CA LEU C 2 7.95 -6.53 -4.17
C LEU C 2 7.67 -6.39 -2.68
N ILE C 3 8.47 -7.08 -1.86
CA ILE C 3 8.35 -7.05 -0.41
C ILE C 3 9.18 -5.89 0.13
N LEU C 4 8.68 -5.26 1.19
CA LEU C 4 9.40 -4.28 1.96
C LEU C 4 9.07 -4.51 3.43
N THR C 5 10.09 -4.52 4.30
CA THR C 5 9.84 -4.57 5.73
C THR C 5 9.68 -3.14 6.20
N ARG C 6 8.86 -2.96 7.23
CA ARG C 6 8.58 -1.64 7.77
C ARG C 6 8.32 -1.76 9.26
N LYS C 7 8.53 -0.68 10.01
CA LYS C 7 8.28 -0.67 11.45
C LYS C 7 7.07 0.22 11.67
N VAL C 8 6.22 -0.14 12.65
CA VAL C 8 5.10 0.69 13.02
C VAL C 8 5.63 2.09 13.32
N GLY C 9 5.25 3.07 12.49
CA GLY C 9 5.77 4.43 12.60
C GLY C 9 6.48 4.89 11.32
N GLU C 10 6.44 4.10 10.25
CA GLU C 10 7.09 4.45 8.98
C GLU C 10 6.09 4.51 7.83
N SER C 11 6.60 4.57 6.59
CA SER C 11 5.80 4.83 5.40
C SER C 11 6.44 4.22 4.14
N ILE C 12 5.66 4.19 3.05
CA ILE C 12 6.03 3.64 1.74
C ILE C 12 5.36 4.52 0.68
N ASN C 13 5.78 4.40 -0.58
CA ASN C 13 5.24 5.19 -1.69
C ASN C 13 4.96 4.33 -2.91
N ILE C 14 4.01 4.78 -3.71
CA ILE C 14 3.59 4.10 -4.94
C ILE C 14 3.25 5.16 -5.98
N GLY C 15 3.56 4.88 -7.26
CA GLY C 15 3.35 5.83 -8.33
C GLY C 15 4.06 7.14 -8.02
N ASP C 16 3.40 8.26 -8.31
CA ASP C 16 3.90 9.59 -8.05
C ASP C 16 2.85 10.42 -7.30
N ASP C 17 1.77 9.77 -6.86
CA ASP C 17 0.64 10.43 -6.22
C ASP C 17 0.08 9.62 -5.05
N ILE C 18 0.76 8.55 -4.61
CA ILE C 18 0.25 7.74 -3.51
C ILE C 18 1.33 7.51 -2.46
N THR C 19 0.90 7.43 -1.19
CA THR C 19 1.75 7.16 -0.05
C THR C 19 1.02 6.20 0.87
N ILE C 20 1.76 5.43 1.65
CA ILE C 20 1.23 4.39 2.54
C ILE C 20 1.90 4.54 3.90
N THR C 21 1.20 4.18 4.98
CA THR C 21 1.72 4.33 6.34
C THR C 21 1.36 3.09 7.16
N ILE C 22 2.15 2.81 8.19
CA ILE C 22 1.92 1.68 9.10
C ILE C 22 1.62 2.22 10.50
N LEU C 23 0.32 2.44 10.76
CA LEU C 23 -0.13 3.06 11.99
C LEU C 23 0.07 2.16 13.20
N GLY C 24 0.13 0.84 12.99
CA GLY C 24 0.37 -0.08 14.10
C GLY C 24 -0.20 -1.47 13.86
N VAL C 25 -0.14 -2.32 14.88
CA VAL C 25 -0.71 -3.66 14.85
C VAL C 25 -1.54 -3.89 16.10
N SER C 26 -2.46 -4.86 16.03
CA SER C 26 -3.35 -5.20 17.13
C SER C 26 -3.61 -6.70 17.06
N GLY C 27 -2.70 -7.49 17.64
CA GLY C 27 -2.73 -8.93 17.47
C GLY C 27 -2.22 -9.25 16.08
N GLN C 28 -3.07 -9.86 15.26
CA GLN C 28 -2.72 -10.19 13.88
C GLN C 28 -3.28 -9.14 12.94
N GLN C 29 -3.98 -8.14 13.48
CA GLN C 29 -4.43 -7.02 12.69
C GLN C 29 -3.28 -6.06 12.46
N VAL C 30 -3.43 -5.22 11.43
CA VAL C 30 -2.48 -4.18 11.11
C VAL C 30 -3.26 -2.95 10.69
N ARG C 31 -3.10 -1.84 11.42
CA ARG C 31 -3.66 -0.57 10.99
C ARG C 31 -2.73 0.00 9.94
N ILE C 32 -3.24 0.13 8.72
CA ILE C 32 -2.51 0.67 7.59
C ILE C 32 -3.21 1.94 7.17
N GLY C 33 -2.45 2.95 6.77
CA GLY C 33 -2.99 4.22 6.32
C GLY C 33 -2.59 4.44 4.88
N ILE C 34 -3.43 5.15 4.12
CA ILE C 34 -3.15 5.42 2.72
C ILE C 34 -3.46 6.89 2.45
N ASN C 35 -2.67 7.51 1.57
CA ASN C 35 -2.80 8.91 1.25
C ASN C 35 -2.69 9.08 -0.26
N ALA C 36 -3.84 9.28 -0.89
CA ALA C 36 -3.95 9.45 -2.33
C ALA C 36 -5.06 10.46 -2.62
N PRO C 37 -5.00 11.13 -3.77
CA PRO C 37 -6.03 12.06 -4.19
C PRO C 37 -7.30 11.29 -4.55
N LYS C 38 -8.46 11.93 -4.40
CA LYS C 38 -9.73 11.32 -4.82
C LYS C 38 -9.77 11.14 -6.33
N ASP C 39 -8.72 11.60 -7.03
CA ASP C 39 -8.53 11.40 -8.45
C ASP C 39 -8.26 9.92 -8.76
N VAL C 40 -8.00 9.12 -7.72
CA VAL C 40 -7.73 7.69 -7.86
C VAL C 40 -8.46 6.94 -6.75
N ALA C 41 -8.65 5.63 -6.93
CA ALA C 41 -9.43 4.82 -6.01
C ALA C 41 -8.52 3.99 -5.10
N VAL C 42 -9.04 3.62 -3.92
CA VAL C 42 -8.36 2.74 -2.99
C VAL C 42 -9.40 2.02 -2.14
N HIS C 43 -9.26 0.69 -2.02
CA HIS C 43 -10.24 -0.12 -1.31
C HIS C 43 -9.63 -1.42 -0.81
N ARG C 44 -10.34 -2.14 0.08
CA ARG C 44 -9.97 -3.48 0.45
C ARG C 44 -10.22 -4.40 -0.74
N GLU C 45 -9.62 -5.60 -0.72
CA GLU C 45 -9.73 -6.54 -1.84
C GLU C 45 -11.17 -7.01 -2.02
N GLU C 46 -12.00 -6.97 -0.96
CA GLU C 46 -13.40 -7.32 -1.06
C GLU C 46 -14.16 -6.21 -1.77
N ILE C 47 -13.93 -4.97 -1.32
CA ILE C 47 -14.66 -3.81 -1.76
C ILE C 47 -14.23 -3.39 -3.16
N TYR C 48 -12.96 -3.59 -3.52
CA TYR C 48 -12.49 -3.23 -4.84
C TYR C 48 -13.31 -3.92 -5.92
N GLN C 49 -13.61 -5.20 -5.73
CA GLN C 49 -14.38 -5.96 -6.73
C GLN C 49 -15.80 -5.42 -6.85
N ARG C 50 -16.27 -4.70 -5.82
CA ARG C 50 -17.63 -4.18 -5.81
C ARG C 50 -17.74 -2.87 -6.57
N ILE C 51 -16.73 -1.99 -6.48
CA ILE C 51 -16.75 -0.74 -7.25
C ILE C 51 -16.75 -1.07 -8.74
N GLN C 52 -16.35 -2.30 -9.10
CA GLN C 52 -16.29 -2.76 -10.48
C GLN C 52 -17.53 -3.58 -10.85
N ALA C 53 -18.50 -3.69 -9.93
CA ALA C 53 -19.69 -4.50 -10.15
C ALA C 53 -21.00 -3.75 -9.93
N GLY C 54 -20.96 -2.56 -9.33
CA GLY C 54 -22.15 -1.76 -9.09
C GLY C 54 -21.95 -0.89 -7.86
N LEU C 55 -22.64 0.25 -7.79
CA LEU C 55 -22.42 1.23 -6.75
C LEU C 55 -23.73 1.58 -6.06
N THR C 56 -23.62 2.04 -4.82
CA THR C 56 -24.75 2.48 -4.00
C THR C 56 -24.37 3.70 -3.16
N ALA C 57 -23.13 4.17 -3.29
CA ALA C 57 -22.62 5.32 -2.57
C ALA C 57 -21.50 6.00 -3.35
N PRO C 58 -21.72 6.42 -4.60
CA PRO C 58 -20.73 7.11 -5.42
C PRO C 58 -20.08 8.30 -4.74
N ASP C 59 -19.00 8.81 -5.35
CA ASP C 59 -18.25 9.93 -4.83
C ASP C 59 -19.11 11.19 -4.74
N MET A 1 -6.08 10.67 4.14
CA MET A 1 -5.75 9.44 4.87
C MET A 1 -6.95 8.51 4.92
N LEU A 2 -6.79 7.26 4.47
CA LEU A 2 -7.82 6.25 4.55
C LEU A 2 -7.20 5.03 5.22
N ILE A 3 -7.63 4.76 6.45
CA ILE A 3 -7.14 3.63 7.23
C ILE A 3 -7.96 2.40 6.88
N LEU A 4 -7.29 1.25 6.90
CA LEU A 4 -7.92 -0.06 6.74
C LEU A 4 -7.26 -1.02 7.73
N THR A 5 -7.91 -2.15 7.98
CA THR A 5 -7.38 -3.16 8.90
C THR A 5 -7.31 -4.49 8.18
N ARG A 6 -6.23 -5.24 8.40
CA ARG A 6 -6.07 -6.54 7.78
C ARG A 6 -5.40 -7.51 8.74
N LYS A 7 -5.89 -8.76 8.74
CA LYS A 7 -5.27 -9.86 9.48
C LYS A 7 -4.12 -10.35 8.61
N VAL A 8 -3.06 -10.94 9.20
CA VAL A 8 -1.96 -11.40 8.35
C VAL A 8 -2.47 -12.43 7.33
N GLY A 9 -2.12 -12.23 6.06
CA GLY A 9 -2.51 -13.10 4.96
C GLY A 9 -3.57 -12.45 4.05
N GLU A 10 -4.20 -11.36 4.51
CA GLU A 10 -5.23 -10.66 3.75
C GLU A 10 -4.61 -9.66 2.77
N SER A 11 -5.45 -8.96 1.99
CA SER A 11 -4.98 -8.05 0.95
C SER A 11 -5.80 -6.77 0.87
N ILE A 12 -5.27 -5.79 0.13
CA ILE A 12 -5.86 -4.47 -0.08
C ILE A 12 -5.56 -4.07 -1.53
N ASN A 13 -6.24 -3.05 -2.06
CA ASN A 13 -6.11 -2.64 -3.45
C ASN A 13 -6.05 -1.13 -3.60
N ILE A 14 -5.40 -0.68 -4.68
CA ILE A 14 -5.23 0.73 -5.00
C ILE A 14 -5.29 0.89 -6.52
N GLY A 15 -5.90 1.98 -6.98
CA GLY A 15 -6.08 2.23 -8.41
C GLY A 15 -6.79 1.05 -9.05
N ASP A 16 -6.36 0.69 -10.26
CA ASP A 16 -6.89 -0.44 -11.01
C ASP A 16 -5.75 -1.33 -11.48
N ASP A 17 -4.53 -1.09 -10.97
CA ASP A 17 -3.33 -1.80 -11.39
C ASP A 17 -2.40 -2.10 -10.20
N ILE A 18 -2.84 -1.86 -8.96
CA ILE A 18 -2.01 -2.13 -7.80
C ILE A 18 -2.77 -2.95 -6.77
N THR A 19 -2.05 -3.82 -6.07
CA THR A 19 -2.58 -4.65 -5.00
C THR A 19 -1.55 -4.71 -3.87
N ILE A 20 -2.00 -4.99 -2.65
CA ILE A 20 -1.15 -5.01 -1.46
C ILE A 20 -1.51 -6.25 -0.66
N THR A 21 -0.54 -6.83 0.06
CA THR A 21 -0.77 -8.02 0.86
C THR A 21 0.05 -7.96 2.14
N ILE A 22 -0.62 -8.09 3.29
CA ILE A 22 0.06 -8.14 4.58
C ILE A 22 0.64 -9.53 4.76
N LEU A 23 1.93 -9.69 4.43
CA LEU A 23 2.58 -10.98 4.48
C LEU A 23 2.74 -11.46 5.92
N GLY A 24 2.91 -10.54 6.88
CA GLY A 24 2.93 -10.91 8.29
C GLY A 24 3.64 -9.88 9.16
N VAL A 25 3.86 -10.23 10.43
CA VAL A 25 4.54 -9.36 11.38
C VAL A 25 5.58 -10.17 12.17
N SER A 26 6.51 -9.45 12.80
CA SER A 26 7.54 -10.03 13.64
C SER A 26 7.95 -8.97 14.65
N GLY A 27 7.30 -9.00 15.81
CA GLY A 27 7.45 -7.93 16.80
C GLY A 27 6.69 -6.73 16.28
N GLN A 28 7.39 -5.62 16.06
CA GLN A 28 6.78 -4.40 15.52
C GLN A 28 7.11 -4.25 14.04
N GLN A 29 7.86 -5.21 13.48
CA GLN A 29 8.14 -5.24 12.05
C GLN A 29 6.94 -5.81 11.33
N VAL A 30 6.79 -5.45 10.06
CA VAL A 30 5.69 -5.92 9.24
C VAL A 30 6.23 -6.16 7.83
N ARG A 31 6.08 -7.40 7.34
CA ARG A 31 6.36 -7.68 5.94
C ARG A 31 5.12 -7.30 5.15
N ILE A 32 5.31 -6.40 4.19
CA ILE A 32 4.25 -5.91 3.33
C ILE A 32 4.65 -6.18 1.89
N GLY A 33 3.79 -6.89 1.16
CA GLY A 33 4.03 -7.22 -0.24
C GLY A 33 3.24 -6.25 -1.10
N ILE A 34 3.76 -5.96 -2.30
CA ILE A 34 3.10 -5.06 -3.23
C ILE A 34 3.12 -5.71 -4.60
N ASN A 35 2.07 -5.49 -5.38
CA ASN A 35 1.95 -6.08 -6.70
C ASN A 35 1.45 -5.01 -7.67
N ALA A 36 2.38 -4.51 -8.48
CA ALA A 36 2.12 -3.47 -9.46
C ALA A 36 3.00 -3.71 -10.68
N PRO A 37 2.58 -3.27 -11.88
CA PRO A 37 3.37 -3.42 -13.08
C PRO A 37 4.61 -2.54 -12.98
N LYS A 38 5.70 -2.92 -13.64
CA LYS A 38 6.92 -2.10 -13.62
C LYS A 38 6.65 -0.76 -14.31
N ASP A 39 5.44 -0.62 -14.90
CA ASP A 39 4.97 0.60 -15.53
C ASP A 39 4.80 1.74 -14.51
N VAL A 40 4.88 1.41 -13.22
CA VAL A 40 4.75 2.39 -12.14
C VAL A 40 5.81 2.10 -11.08
N ALA A 41 6.11 3.10 -10.26
CA ALA A 41 7.16 2.99 -9.27
C ALA A 41 6.59 2.62 -7.91
N VAL A 42 7.41 1.98 -7.07
CA VAL A 42 7.08 1.69 -5.69
C VAL A 42 8.38 1.59 -4.90
N HIS A 43 8.46 2.29 -3.75
CA HIS A 43 9.69 2.34 -2.96
C HIS A 43 9.38 2.66 -1.50
N ARG A 44 10.39 2.46 -0.64
CA ARG A 44 10.31 2.91 0.74
C ARG A 44 10.37 4.42 0.78
N GLU A 45 9.95 5.03 1.89
CA GLU A 45 9.96 6.48 2.03
C GLU A 45 11.41 7.01 2.00
N GLU A 46 12.36 6.19 2.45
CA GLU A 46 13.78 6.54 2.50
C GLU A 46 14.46 6.39 1.13
N ILE A 47 13.74 5.85 0.13
CA ILE A 47 14.25 5.65 -1.22
C ILE A 47 13.47 6.48 -2.20
N TYR A 48 12.17 6.68 -1.95
CA TYR A 48 11.34 7.47 -2.84
C TYR A 48 11.90 8.87 -3.04
N GLN A 49 12.50 9.44 -1.99
CA GLN A 49 13.07 10.78 -2.07
C GLN A 49 14.25 10.82 -3.04
N ARG A 50 14.86 9.66 -3.31
CA ARG A 50 16.03 9.57 -4.16
C ARG A 50 15.66 9.43 -5.63
N ILE A 51 14.57 8.71 -5.93
CA ILE A 51 14.10 8.61 -7.31
C ILE A 51 13.63 9.99 -7.79
N GLN A 52 13.38 10.90 -6.85
CA GLN A 52 12.95 12.26 -7.13
C GLN A 52 14.11 13.25 -7.03
N ALA A 53 15.32 12.77 -6.75
CA ALA A 53 16.50 13.62 -6.62
C ALA A 53 17.55 13.31 -7.69
N GLY A 54 17.64 12.04 -8.13
CA GLY A 54 18.53 11.63 -9.20
C GLY A 54 19.04 10.21 -8.97
N LEU A 55 19.39 9.52 -10.06
CA LEU A 55 19.85 8.15 -10.02
C LEU A 55 20.54 7.76 -11.32
N THR A 56 21.16 6.57 -11.33
CA THR A 56 21.83 6.01 -12.49
C THR A 56 21.65 4.49 -12.56
N ALA A 57 20.87 3.93 -11.64
CA ALA A 57 20.63 2.49 -11.57
C ALA A 57 19.85 1.92 -12.78
N PRO A 58 18.92 2.67 -13.40
CA PRO A 58 18.22 2.24 -14.61
C PRO A 58 19.14 1.80 -15.75
N ASP A 59 18.53 1.25 -16.80
CA ASP A 59 19.23 0.79 -17.99
C ASP A 59 19.95 1.95 -18.70
N MET C 1 5.67 -9.20 -7.38
CA MET C 1 5.66 -8.95 -5.92
C MET C 1 6.93 -8.24 -5.49
N LEU C 2 6.80 -7.11 -4.79
CA LEU C 2 7.93 -6.39 -4.24
C LEU C 2 7.67 -6.26 -2.75
N ILE C 3 8.35 -7.06 -1.93
CA ILE C 3 8.22 -7.04 -0.48
C ILE C 3 9.08 -5.91 0.09
N LEU C 4 8.59 -5.31 1.17
CA LEU C 4 9.33 -4.33 1.95
C LEU C 4 9.03 -4.60 3.41
N THR C 5 9.94 -4.19 4.30
CA THR C 5 9.71 -4.30 5.73
C THR C 5 9.68 -2.91 6.35
N ARG C 6 8.83 -2.75 7.37
CA ARG C 6 8.67 -1.50 8.09
C ARG C 6 8.44 -1.81 9.55
N LYS C 7 8.59 -0.80 10.40
CA LYS C 7 8.30 -0.89 11.84
C LYS C 7 7.11 0.03 12.08
N VAL C 8 6.27 -0.24 13.08
CA VAL C 8 5.11 0.61 13.31
C VAL C 8 5.55 2.07 13.49
N GLY C 9 5.07 2.95 12.61
CA GLY C 9 5.43 4.36 12.63
C GLY C 9 6.22 4.80 11.39
N GLU C 10 6.41 3.90 10.41
CA GLU C 10 7.16 4.20 9.20
C GLU C 10 6.24 4.21 7.97
N SER C 11 6.81 4.44 6.78
CA SER C 11 6.01 4.65 5.58
C SER C 11 6.65 4.06 4.32
N ILE C 12 5.85 3.98 3.25
CA ILE C 12 6.21 3.45 1.94
C ILE C 12 5.51 4.32 0.89
N ASN C 13 5.92 4.22 -0.38
CA ASN C 13 5.39 5.06 -1.46
C ASN C 13 5.06 4.22 -2.70
N ILE C 14 4.11 4.72 -3.48
CA ILE C 14 3.65 4.07 -4.70
C ILE C 14 3.31 5.15 -5.73
N GLY C 15 3.63 4.89 -7.00
CA GLY C 15 3.40 5.84 -8.07
C GLY C 15 4.08 7.16 -7.75
N ASP C 16 3.39 8.26 -8.05
CA ASP C 16 3.86 9.62 -7.76
C ASP C 16 2.75 10.39 -7.04
N ASP C 17 1.69 9.70 -6.62
CA ASP C 17 0.52 10.31 -6.01
C ASP C 17 -0.03 9.47 -4.85
N ILE C 18 0.68 8.42 -4.42
CA ILE C 18 0.19 7.58 -3.33
C ILE C 18 1.30 7.33 -2.31
N THR C 19 0.90 7.22 -1.04
CA THR C 19 1.79 6.94 0.07
C THR C 19 1.09 5.99 1.03
N ILE C 20 1.87 5.24 1.81
CA ILE C 20 1.36 4.23 2.73
C ILE C 20 2.07 4.41 4.07
N THR C 21 1.39 4.08 5.18
CA THR C 21 1.96 4.21 6.51
C THR C 21 1.48 3.08 7.41
N ILE C 22 2.41 2.37 8.04
CA ILE C 22 2.09 1.31 8.97
C ILE C 22 1.75 1.94 10.32
N LEU C 23 0.45 2.13 10.58
CA LEU C 23 -0.02 2.79 11.79
C LEU C 23 0.20 1.93 13.02
N GLY C 24 0.11 0.61 12.87
CA GLY C 24 0.39 -0.29 13.99
C GLY C 24 -0.22 -1.66 13.80
N VAL C 25 -0.14 -2.51 14.83
CA VAL C 25 -0.72 -3.85 14.80
C VAL C 25 -1.47 -4.14 16.11
N SER C 26 -2.35 -5.14 16.07
CA SER C 26 -3.05 -5.62 17.25
C SER C 26 -3.41 -7.08 17.04
N GLY C 27 -2.84 -7.97 17.84
CA GLY C 27 -2.98 -9.40 17.63
C GLY C 27 -2.34 -9.80 16.31
N GLN C 28 -3.16 -9.94 15.27
CA GLN C 28 -2.70 -10.21 13.92
C GLN C 28 -3.27 -9.19 12.94
N GLN C 29 -4.07 -8.24 13.44
CA GLN C 29 -4.52 -7.14 12.61
C GLN C 29 -3.36 -6.17 12.39
N VAL C 30 -3.47 -5.35 11.35
CA VAL C 30 -2.53 -4.30 11.06
C VAL C 30 -3.32 -3.10 10.59
N ARG C 31 -3.19 -1.98 11.31
CA ARG C 31 -3.74 -0.73 10.84
C ARG C 31 -2.78 -0.16 9.82
N ILE C 32 -3.28 0.04 8.60
CA ILE C 32 -2.50 0.58 7.50
C ILE C 32 -3.21 1.82 6.99
N GLY C 33 -2.48 2.94 6.94
CA GLY C 33 -3.00 4.19 6.44
C GLY C 33 -2.56 4.37 5.00
N ILE C 34 -3.38 5.06 4.21
CA ILE C 34 -3.08 5.31 2.80
C ILE C 34 -3.39 6.77 2.51
N ASN C 35 -2.60 7.39 1.64
CA ASN C 35 -2.77 8.80 1.32
C ASN C 35 -2.67 8.96 -0.19
N ALA C 36 -3.83 9.18 -0.81
CA ALA C 36 -3.96 9.32 -2.25
C ALA C 36 -5.08 10.31 -2.55
N PRO C 37 -5.05 10.97 -3.73
CA PRO C 37 -6.09 11.88 -4.15
C PRO C 37 -7.36 11.12 -4.50
N LYS C 38 -8.52 11.75 -4.36
CA LYS C 38 -9.79 11.15 -4.76
C LYS C 38 -9.84 10.95 -6.28
N ASP C 39 -8.81 11.43 -6.99
CA ASP C 39 -8.61 11.20 -8.40
C ASP C 39 -8.27 9.73 -8.68
N VAL C 40 -8.02 8.95 -7.62
CA VAL C 40 -7.75 7.53 -7.71
C VAL C 40 -8.47 6.81 -6.58
N ALA C 41 -8.66 5.49 -6.71
CA ALA C 41 -9.44 4.72 -5.76
C ALA C 41 -8.55 3.88 -4.86
N VAL C 42 -9.06 3.53 -3.67
CA VAL C 42 -8.37 2.65 -2.73
C VAL C 42 -9.42 1.93 -1.87
N HIS C 43 -9.27 0.60 -1.72
CA HIS C 43 -10.23 -0.20 -0.98
C HIS C 43 -9.58 -1.50 -0.53
N ARG C 44 -10.20 -2.21 0.42
CA ARG C 44 -9.73 -3.55 0.78
C ARG C 44 -10.10 -4.50 -0.36
N GLU C 45 -9.49 -5.68 -0.40
CA GLU C 45 -9.68 -6.61 -1.53
C GLU C 45 -11.13 -7.04 -1.71
N GLU C 46 -11.96 -7.00 -0.65
CA GLU C 46 -13.38 -7.34 -0.76
C GLU C 46 -14.12 -6.25 -1.53
N ILE C 47 -13.95 -5.01 -1.08
CA ILE C 47 -14.70 -3.88 -1.56
C ILE C 47 -14.24 -3.46 -2.96
N TYR C 48 -12.96 -3.64 -3.28
CA TYR C 48 -12.45 -3.27 -4.59
C TYR C 48 -13.27 -3.93 -5.69
N GLN C 49 -13.62 -5.20 -5.50
CA GLN C 49 -14.36 -5.95 -6.51
C GLN C 49 -15.77 -5.37 -6.70
N ARG C 50 -16.27 -4.64 -5.71
CA ARG C 50 -17.64 -4.12 -5.73
C ARG C 50 -17.72 -2.79 -6.49
N ILE C 51 -16.67 -1.97 -6.40
CA ILE C 51 -16.63 -0.73 -7.18
C ILE C 51 -16.59 -1.07 -8.68
N GLN C 52 -16.24 -2.33 -9.00
CA GLN C 52 -16.09 -2.79 -10.36
C GLN C 52 -17.24 -3.68 -10.82
N ALA C 53 -18.26 -3.90 -9.98
CA ALA C 53 -19.32 -4.86 -10.27
C ALA C 53 -20.69 -4.22 -10.52
N GLY C 54 -20.86 -2.91 -10.27
CA GLY C 54 -22.14 -2.25 -10.54
C GLY C 54 -22.54 -1.29 -9.41
N LEU C 55 -21.72 -1.20 -8.36
CA LEU C 55 -21.95 -0.38 -7.18
C LEU C 55 -23.21 -0.78 -6.40
N THR C 56 -23.28 -0.27 -5.16
CA THR C 56 -24.40 -0.46 -4.25
C THR C 56 -24.56 0.78 -3.36
N ALA C 57 -23.77 1.83 -3.63
CA ALA C 57 -23.76 3.06 -2.86
C ALA C 57 -23.49 4.28 -3.75
N PRO C 58 -24.35 4.54 -4.76
CA PRO C 58 -24.26 5.70 -5.64
C PRO C 58 -24.22 7.06 -4.95
N ASP C 59 -24.38 8.11 -5.75
CA ASP C 59 -24.26 9.48 -5.30
C ASP C 59 -25.28 10.38 -6.00
N MET A 1 -6.07 10.59 4.22
CA MET A 1 -5.77 9.36 4.99
C MET A 1 -6.98 8.43 5.03
N LEU A 2 -6.81 7.20 4.58
CA LEU A 2 -7.85 6.19 4.63
C LEU A 2 -7.25 4.98 5.34
N ILE A 3 -7.73 4.71 6.57
CA ILE A 3 -7.26 3.60 7.38
C ILE A 3 -8.04 2.34 7.02
N LEU A 4 -7.35 1.21 7.06
CA LEU A 4 -7.94 -0.10 6.86
C LEU A 4 -7.26 -1.07 7.81
N THR A 5 -8.05 -1.91 8.50
CA THR A 5 -7.48 -2.98 9.33
C THR A 5 -7.39 -4.23 8.50
N ARG A 6 -6.33 -5.02 8.69
CA ARG A 6 -6.13 -6.23 7.92
C ARG A 6 -5.40 -7.27 8.77
N LYS A 7 -5.86 -8.52 8.75
CA LYS A 7 -5.18 -9.61 9.46
C LYS A 7 -4.07 -10.13 8.56
N VAL A 8 -2.98 -10.67 9.13
CA VAL A 8 -1.91 -11.20 8.30
C VAL A 8 -2.46 -12.28 7.37
N GLY A 9 -2.07 -12.22 6.09
CA GLY A 9 -2.50 -13.17 5.09
C GLY A 9 -3.63 -12.64 4.19
N GLU A 10 -4.08 -11.40 4.40
CA GLU A 10 -5.14 -10.81 3.59
C GLU A 10 -4.58 -9.70 2.69
N SER A 11 -5.44 -9.00 1.95
CA SER A 11 -4.97 -8.05 0.94
C SER A 11 -5.81 -6.78 0.86
N ILE A 12 -5.31 -5.80 0.11
CA ILE A 12 -5.86 -4.47 -0.08
C ILE A 12 -5.60 -4.05 -1.54
N ASN A 13 -6.25 -3.00 -2.04
CA ASN A 13 -6.14 -2.60 -3.44
C ASN A 13 -5.92 -1.09 -3.59
N ILE A 14 -5.28 -0.68 -4.69
CA ILE A 14 -5.02 0.72 -5.01
C ILE A 14 -5.13 0.91 -6.52
N GLY A 15 -5.72 2.03 -6.95
CA GLY A 15 -5.91 2.31 -8.36
C GLY A 15 -6.68 1.19 -9.04
N ASP A 16 -6.28 0.84 -10.26
CA ASP A 16 -6.84 -0.26 -11.00
C ASP A 16 -5.72 -1.14 -11.55
N ASP A 17 -4.49 -0.91 -11.09
CA ASP A 17 -3.31 -1.62 -11.55
C ASP A 17 -2.35 -1.94 -10.39
N ILE A 18 -2.77 -1.72 -9.13
CA ILE A 18 -1.92 -2.00 -7.98
C ILE A 18 -2.70 -2.80 -6.93
N THR A 19 -1.99 -3.66 -6.21
CA THR A 19 -2.56 -4.45 -5.13
C THR A 19 -1.55 -4.51 -3.99
N ILE A 20 -2.03 -4.75 -2.77
CA ILE A 20 -1.21 -4.74 -1.57
C ILE A 20 -1.54 -5.96 -0.75
N THR A 21 -0.56 -6.48 0.00
CA THR A 21 -0.73 -7.66 0.83
C THR A 21 0.00 -7.48 2.15
N ILE A 22 -0.51 -8.11 3.21
CA ILE A 22 0.10 -8.06 4.53
C ILE A 22 0.65 -9.45 4.85
N LEU A 23 1.91 -9.66 4.49
CA LEU A 23 2.55 -10.97 4.57
C LEU A 23 2.71 -11.43 6.02
N GLY A 24 2.89 -10.47 6.94
CA GLY A 24 2.94 -10.82 8.36
C GLY A 24 3.64 -9.77 9.20
N VAL A 25 3.87 -10.09 10.49
CA VAL A 25 4.58 -9.21 11.40
C VAL A 25 5.65 -10.00 12.14
N SER A 26 6.62 -9.28 12.69
CA SER A 26 7.73 -9.85 13.45
C SER A 26 8.08 -8.85 14.54
N GLY A 27 7.34 -8.87 15.64
CA GLY A 27 7.46 -7.85 16.66
C GLY A 27 6.83 -6.58 16.13
N GLN A 28 7.63 -5.52 16.01
CA GLN A 28 7.15 -4.23 15.51
C GLN A 28 7.38 -4.12 14.02
N GLN A 29 8.04 -5.13 13.44
CA GLN A 29 8.27 -5.18 12.01
C GLN A 29 7.02 -5.69 11.32
N VAL A 30 6.81 -5.24 10.09
CA VAL A 30 5.72 -5.73 9.26
C VAL A 30 6.25 -6.02 7.87
N ARG A 31 6.05 -7.25 7.39
CA ARG A 31 6.32 -7.60 6.00
C ARG A 31 5.08 -7.24 5.20
N ILE A 32 5.27 -6.36 4.22
CA ILE A 32 4.21 -5.91 3.35
C ILE A 32 4.62 -6.23 1.91
N GLY A 33 3.65 -6.64 1.09
CA GLY A 33 3.89 -6.99 -0.30
C GLY A 33 3.12 -6.04 -1.20
N ILE A 34 3.64 -5.80 -2.40
CA ILE A 34 3.00 -4.92 -3.35
C ILE A 34 3.05 -5.59 -4.72
N ASN A 35 2.00 -5.40 -5.53
CA ASN A 35 1.91 -6.01 -6.83
C ASN A 35 1.42 -4.97 -7.83
N ALA A 36 2.37 -4.48 -8.64
CA ALA A 36 2.12 -3.44 -9.62
C ALA A 36 2.99 -3.69 -10.85
N PRO A 37 2.59 -3.20 -12.02
CA PRO A 37 3.37 -3.31 -13.25
C PRO A 37 4.57 -2.39 -13.19
N LYS A 38 5.65 -2.72 -13.91
CA LYS A 38 6.82 -1.87 -14.01
C LYS A 38 6.49 -0.57 -14.76
N ASP A 39 5.25 -0.47 -15.26
CA ASP A 39 4.71 0.75 -15.85
C ASP A 39 4.51 1.82 -14.79
N VAL A 40 4.65 1.46 -13.50
CA VAL A 40 4.54 2.39 -12.39
C VAL A 40 5.62 2.08 -11.35
N ALA A 41 5.92 3.03 -10.48
CA ALA A 41 7.00 2.91 -9.52
C ALA A 41 6.48 2.61 -8.12
N VAL A 42 7.33 2.00 -7.29
CA VAL A 42 7.03 1.73 -5.89
C VAL A 42 8.33 1.66 -5.10
N HIS A 43 8.40 2.34 -3.95
CA HIS A 43 9.63 2.40 -3.15
C HIS A 43 9.34 2.73 -1.69
N ARG A 44 10.35 2.51 -0.84
CA ARG A 44 10.35 2.96 0.54
C ARG A 44 10.34 4.50 0.53
N GLU A 45 9.89 5.12 1.61
CA GLU A 45 9.81 6.58 1.68
C GLU A 45 11.21 7.20 1.64
N GLU A 46 12.25 6.47 2.04
CA GLU A 46 13.62 6.93 1.94
C GLU A 46 14.07 6.92 0.48
N ILE A 47 13.77 5.81 -0.20
CA ILE A 47 14.25 5.54 -1.55
C ILE A 47 13.46 6.34 -2.57
N TYR A 48 12.17 6.56 -2.34
CA TYR A 48 11.34 7.30 -3.26
C TYR A 48 11.94 8.68 -3.55
N GLN A 49 12.46 9.35 -2.52
CA GLN A 49 13.03 10.68 -2.67
C GLN A 49 14.30 10.63 -3.52
N ARG A 50 14.93 9.45 -3.61
CA ARG A 50 16.19 9.30 -4.32
C ARG A 50 15.96 9.09 -5.81
N ILE A 51 14.87 8.41 -6.19
CA ILE A 51 14.51 8.27 -7.60
C ILE A 51 14.16 9.66 -8.16
N GLN A 52 13.88 10.61 -7.27
CA GLN A 52 13.47 11.96 -7.66
C GLN A 52 14.59 12.98 -7.46
N ALA A 53 15.80 12.54 -7.12
CA ALA A 53 16.91 13.44 -6.79
C ALA A 53 18.04 13.43 -7.82
N GLY A 54 18.03 12.50 -8.79
CA GLY A 54 19.07 12.44 -9.81
C GLY A 54 19.67 11.05 -9.98
N LEU A 55 19.18 10.08 -9.18
CA LEU A 55 19.64 8.71 -9.15
C LEU A 55 21.10 8.59 -8.70
N THR A 56 21.45 7.38 -8.22
CA THR A 56 22.80 7.04 -7.76
C THR A 56 23.07 5.56 -7.99
N ALA A 57 22.05 4.81 -8.44
CA ALA A 57 22.13 3.37 -8.65
C ALA A 57 21.19 2.93 -9.77
N PRO A 58 21.29 3.51 -10.98
CA PRO A 58 20.44 3.18 -12.12
C PRO A 58 20.27 1.68 -12.34
N ASP A 59 21.33 0.91 -12.08
CA ASP A 59 21.33 -0.52 -12.31
C ASP A 59 22.46 -1.22 -11.53
N MET C 1 5.56 -9.09 -7.42
CA MET C 1 5.55 -8.85 -5.97
C MET C 1 6.85 -8.16 -5.54
N LEU C 2 6.73 -7.09 -4.77
CA LEU C 2 7.87 -6.39 -4.21
C LEU C 2 7.61 -6.27 -2.71
N ILE C 3 8.36 -7.03 -1.90
CA ILE C 3 8.22 -7.03 -0.46
C ILE C 3 9.10 -5.92 0.12
N LEU C 4 8.63 -5.33 1.21
CA LEU C 4 9.37 -4.35 1.99
C LEU C 4 9.09 -4.63 3.46
N THR C 5 10.01 -4.22 4.33
CA THR C 5 9.83 -4.36 5.77
C THR C 5 9.84 -2.97 6.38
N ARG C 6 9.03 -2.79 7.43
CA ARG C 6 8.99 -1.53 8.13
C ARG C 6 8.51 -1.71 9.56
N LYS C 7 8.71 -0.69 10.39
CA LYS C 7 8.31 -0.74 11.78
C LYS C 7 7.09 0.17 11.96
N VAL C 8 6.27 -0.10 12.97
CA VAL C 8 5.09 0.73 13.22
C VAL C 8 5.50 2.19 13.39
N GLY C 9 4.91 3.09 12.58
CA GLY C 9 5.20 4.51 12.63
C GLY C 9 5.90 5.04 11.38
N GLU C 10 6.25 4.17 10.42
CA GLU C 10 6.98 4.57 9.22
C GLU C 10 6.08 4.64 7.98
N SER C 11 6.66 4.98 6.81
CA SER C 11 5.88 5.17 5.58
C SER C 11 6.57 4.59 4.35
N ILE C 12 5.80 4.46 3.26
CA ILE C 12 6.20 3.90 1.97
C ILE C 12 5.49 4.68 0.86
N ASN C 13 5.92 4.54 -0.40
CA ASN C 13 5.37 5.32 -1.51
C ASN C 13 5.09 4.46 -2.73
N ILE C 14 4.13 4.91 -3.54
CA ILE C 14 3.71 4.25 -4.77
C ILE C 14 3.38 5.32 -5.80
N GLY C 15 3.68 5.06 -7.07
CA GLY C 15 3.46 6.02 -8.14
C GLY C 15 4.15 7.33 -7.82
N ASP C 16 3.47 8.45 -8.11
CA ASP C 16 3.97 9.79 -7.82
C ASP C 16 2.88 10.58 -7.09
N ASP C 17 1.82 9.90 -6.66
CA ASP C 17 0.67 10.53 -6.03
C ASP C 17 0.10 9.69 -4.87
N ILE C 18 0.80 8.63 -4.44
CA ILE C 18 0.29 7.79 -3.37
C ILE C 18 1.38 7.57 -2.31
N THR C 19 0.93 7.45 -1.05
CA THR C 19 1.79 7.20 0.10
C THR C 19 1.08 6.19 1.00
N ILE C 20 1.85 5.46 1.81
CA ILE C 20 1.36 4.39 2.68
C ILE C 20 1.97 4.58 4.06
N THR C 21 1.24 4.18 5.11
CA THR C 21 1.71 4.34 6.48
C THR C 21 1.34 3.10 7.29
N ILE C 22 2.13 2.79 8.33
CA ILE C 22 1.89 1.64 9.19
C ILE C 22 1.55 2.14 10.60
N LEU C 23 0.26 2.36 10.86
CA LEU C 23 -0.19 2.97 12.10
C LEU C 23 0.09 2.06 13.29
N GLY C 24 0.05 0.74 13.10
CA GLY C 24 0.41 -0.18 14.17
C GLY C 24 -0.17 -1.58 13.98
N VAL C 25 -0.05 -2.43 15.00
CA VAL C 25 -0.58 -3.78 14.98
C VAL C 25 -1.34 -4.07 16.27
N SER C 26 -2.13 -5.14 16.26
CA SER C 26 -2.87 -5.63 17.41
C SER C 26 -3.07 -7.11 17.21
N GLY C 27 -2.29 -7.93 17.91
CA GLY C 27 -2.25 -9.36 17.64
C GLY C 27 -1.79 -9.58 16.21
N GLN C 28 -2.69 -10.04 15.35
CA GLN C 28 -2.40 -10.27 13.94
C GLN C 28 -3.09 -9.24 13.06
N GLN C 29 -3.83 -8.30 13.66
CA GLN C 29 -4.43 -7.20 12.94
C GLN C 29 -3.36 -6.14 12.72
N VAL C 30 -3.54 -5.30 11.71
CA VAL C 30 -2.61 -4.25 11.38
C VAL C 30 -3.40 -3.03 10.92
N ARG C 31 -3.25 -1.90 11.60
CA ARG C 31 -3.81 -0.65 11.11
C ARG C 31 -2.86 -0.09 10.07
N ILE C 32 -3.36 0.04 8.85
CA ILE C 32 -2.60 0.56 7.73
C ILE C 32 -3.28 1.84 7.25
N GLY C 33 -2.48 2.84 6.87
CA GLY C 33 -3.00 4.11 6.40
C GLY C 33 -2.58 4.32 4.95
N ILE C 34 -3.39 5.04 4.18
CA ILE C 34 -3.10 5.31 2.79
C ILE C 34 -3.44 6.77 2.52
N ASN C 35 -2.65 7.41 1.66
CA ASN C 35 -2.83 8.82 1.34
C ASN C 35 -2.71 8.99 -0.16
N ALA C 36 -3.86 9.22 -0.80
CA ALA C 36 -3.95 9.38 -2.24
C ALA C 36 -5.07 10.38 -2.57
N PRO C 37 -5.01 11.03 -3.73
CA PRO C 37 -6.06 11.93 -4.18
C PRO C 37 -7.30 11.15 -4.58
N LYS C 38 -8.49 11.76 -4.45
CA LYS C 38 -9.73 11.14 -4.88
C LYS C 38 -9.73 10.94 -6.39
N ASP C 39 -8.67 11.40 -7.06
CA ASP C 39 -8.44 11.18 -8.49
C ASP C 39 -8.15 9.70 -8.77
N VAL C 40 -7.90 8.91 -7.70
CA VAL C 40 -7.62 7.49 -7.81
C VAL C 40 -8.36 6.75 -6.70
N ALA C 41 -8.55 5.44 -6.88
CA ALA C 41 -9.31 4.63 -5.95
C ALA C 41 -8.41 3.88 -4.98
N VAL C 42 -8.95 3.52 -3.81
CA VAL C 42 -8.27 2.65 -2.85
C VAL C 42 -9.32 1.92 -2.01
N HIS C 43 -9.17 0.61 -1.82
CA HIS C 43 -10.13 -0.18 -1.07
C HIS C 43 -9.51 -1.47 -0.54
N ARG C 44 -10.27 -2.19 0.28
CA ARG C 44 -9.89 -3.55 0.65
C ARG C 44 -10.12 -4.44 -0.57
N GLU C 45 -9.48 -5.61 -0.59
CA GLU C 45 -9.61 -6.53 -1.71
C GLU C 45 -11.05 -7.05 -1.80
N GLU C 46 -11.73 -7.10 -0.65
CA GLU C 46 -13.12 -7.56 -0.54
C GLU C 46 -14.12 -6.50 -1.00
N ILE C 47 -13.65 -5.26 -1.23
CA ILE C 47 -14.48 -4.15 -1.67
C ILE C 47 -14.12 -3.77 -3.11
N TYR C 48 -12.85 -3.88 -3.48
CA TYR C 48 -12.42 -3.52 -4.83
C TYR C 48 -13.22 -4.28 -5.88
N GLN C 49 -13.52 -5.56 -5.63
CA GLN C 49 -14.27 -6.37 -6.57
C GLN C 49 -15.67 -5.81 -6.80
N ARG C 50 -16.18 -5.01 -5.86
CA ARG C 50 -17.53 -4.48 -5.92
C ARG C 50 -17.57 -3.16 -6.71
N ILE C 51 -16.49 -2.38 -6.69
CA ILE C 51 -16.41 -1.18 -7.51
C ILE C 51 -16.43 -1.58 -8.98
N GLN C 52 -16.12 -2.85 -9.27
CA GLN C 52 -16.03 -3.37 -10.62
C GLN C 52 -17.22 -4.24 -11.00
N ALA C 53 -18.22 -4.38 -10.10
CA ALA C 53 -19.30 -5.33 -10.32
C ALA C 53 -20.69 -4.70 -10.54
N GLY C 54 -20.86 -3.40 -10.25
CA GLY C 54 -22.15 -2.74 -10.49
C GLY C 54 -22.45 -1.60 -9.53
N LEU C 55 -21.63 -1.46 -8.49
CA LEU C 55 -21.74 -0.41 -7.46
C LEU C 55 -23.00 -0.54 -6.61
N THR C 56 -22.89 -0.01 -5.38
CA THR C 56 -23.95 0.05 -4.38
C THR C 56 -23.69 1.23 -3.43
N ALA C 57 -22.47 1.75 -3.45
CA ALA C 57 -22.02 2.88 -2.64
C ALA C 57 -20.85 3.56 -3.36
N PRO C 58 -21.10 4.19 -4.52
CA PRO C 58 -20.11 4.74 -5.42
C PRO C 58 -18.97 5.53 -4.79
N ASP C 59 -19.20 6.15 -3.62
CA ASP C 59 -18.20 7.00 -3.00
C ASP C 59 -18.46 7.16 -1.50
N MET A 1 -6.06 10.77 4.30
CA MET A 1 -5.71 9.51 4.99
C MET A 1 -6.91 8.58 5.05
N LEU A 2 -6.77 7.36 4.52
CA LEU A 2 -7.82 6.36 4.59
C LEU A 2 -7.21 5.14 5.27
N ILE A 3 -7.59 4.91 6.54
CA ILE A 3 -7.11 3.78 7.32
C ILE A 3 -7.94 2.55 6.98
N LEU A 4 -7.29 1.39 7.03
CA LEU A 4 -7.92 0.09 6.87
C LEU A 4 -7.26 -0.87 7.86
N THR A 5 -7.92 -1.98 8.17
CA THR A 5 -7.34 -3.00 9.03
C THR A 5 -7.26 -4.30 8.26
N ARG A 6 -6.20 -5.07 8.52
CA ARG A 6 -5.98 -6.32 7.80
C ARG A 6 -5.29 -7.34 8.70
N LYS A 7 -5.75 -8.60 8.66
CA LYS A 7 -5.09 -9.69 9.39
C LYS A 7 -4.00 -10.24 8.49
N VAL A 8 -2.91 -10.77 9.06
CA VAL A 8 -1.84 -11.32 8.23
C VAL A 8 -2.41 -12.41 7.31
N GLY A 9 -2.10 -12.35 6.03
CA GLY A 9 -2.58 -13.31 5.05
C GLY A 9 -3.69 -12.77 4.16
N GLU A 10 -4.10 -11.51 4.35
CA GLU A 10 -5.16 -10.90 3.55
C GLU A 10 -4.59 -9.78 2.65
N SER A 11 -5.45 -9.08 1.91
CA SER A 11 -4.98 -8.11 0.92
C SER A 11 -5.83 -6.83 0.86
N ILE A 12 -5.31 -5.84 0.13
CA ILE A 12 -5.90 -4.52 -0.07
C ILE A 12 -5.60 -4.09 -1.51
N ASN A 13 -6.28 -3.06 -2.02
CA ASN A 13 -6.11 -2.61 -3.40
C ASN A 13 -6.04 -1.09 -3.52
N ILE A 14 -5.36 -0.65 -4.59
CA ILE A 14 -5.17 0.76 -4.90
C ILE A 14 -5.26 0.94 -6.42
N GLY A 15 -5.84 2.06 -6.86
CA GLY A 15 -6.03 2.31 -8.27
C GLY A 15 -6.83 1.17 -8.90
N ASP A 16 -6.43 0.79 -10.12
CA ASP A 16 -7.02 -0.34 -10.84
C ASP A 16 -5.90 -1.24 -11.36
N ASP A 17 -4.67 -1.01 -10.90
CA ASP A 17 -3.49 -1.73 -11.36
C ASP A 17 -2.55 -2.06 -10.20
N ILE A 18 -2.96 -1.84 -8.94
CA ILE A 18 -2.09 -2.13 -7.80
C ILE A 18 -2.84 -2.95 -6.75
N THR A 19 -2.10 -3.83 -6.07
CA THR A 19 -2.61 -4.66 -5.00
C THR A 19 -1.57 -4.70 -3.89
N ILE A 20 -2.02 -4.98 -2.66
CA ILE A 20 -1.18 -5.01 -1.48
C ILE A 20 -1.52 -6.27 -0.69
N THR A 21 -0.55 -6.86 -0.01
CA THR A 21 -0.77 -8.09 0.75
C THR A 21 0.07 -8.06 2.02
N ILE A 22 -0.59 -8.14 3.17
CA ILE A 22 0.08 -8.19 4.46
C ILE A 22 0.66 -9.58 4.67
N LEU A 23 1.93 -9.76 4.30
CA LEU A 23 2.58 -11.06 4.38
C LEU A 23 2.76 -11.50 5.83
N GLY A 24 2.91 -10.55 6.76
CA GLY A 24 2.99 -10.89 8.17
C GLY A 24 3.69 -9.81 9.00
N VAL A 25 3.97 -10.13 10.26
CA VAL A 25 4.69 -9.22 11.16
C VAL A 25 5.82 -9.96 11.85
N SER A 26 6.75 -9.21 12.45
CA SER A 26 7.88 -9.74 13.18
C SER A 26 8.28 -8.70 14.22
N GLY A 27 7.79 -8.87 15.44
CA GLY A 27 7.93 -7.83 16.44
C GLY A 27 7.12 -6.63 16.01
N GLN A 28 7.78 -5.50 15.74
CA GLN A 28 7.12 -4.29 15.30
C GLN A 28 7.34 -4.09 13.80
N GLN A 29 8.02 -5.02 13.15
CA GLN A 29 8.15 -5.00 11.70
C GLN A 29 6.88 -5.55 11.08
N VAL A 30 6.68 -5.23 9.81
CA VAL A 30 5.57 -5.74 9.03
C VAL A 30 6.09 -6.04 7.63
N ARG A 31 5.99 -7.31 7.20
CA ARG A 31 6.29 -7.65 5.83
C ARG A 31 5.07 -7.30 5.00
N ILE A 32 5.27 -6.39 4.05
CA ILE A 32 4.21 -5.93 3.17
C ILE A 32 4.62 -6.25 1.74
N GLY A 33 3.77 -7.00 1.04
CA GLY A 33 3.98 -7.34 -0.35
C GLY A 33 3.18 -6.36 -1.20
N ILE A 34 3.69 -6.08 -2.40
CA ILE A 34 3.03 -5.16 -3.33
C ILE A 34 3.06 -5.79 -4.71
N ASN A 35 1.99 -5.57 -5.48
CA ASN A 35 1.87 -6.14 -6.81
C ASN A 35 1.37 -5.06 -7.77
N ALA A 36 2.30 -4.55 -8.58
CA ALA A 36 2.03 -3.51 -9.55
C ALA A 36 2.90 -3.74 -10.78
N PRO A 37 2.47 -3.26 -11.96
CA PRO A 37 3.25 -3.35 -13.17
C PRO A 37 4.47 -2.43 -13.10
N LYS A 38 5.54 -2.79 -13.79
CA LYS A 38 6.73 -1.94 -13.88
C LYS A 38 6.41 -0.65 -14.62
N ASP A 39 5.17 -0.52 -15.10
CA ASP A 39 4.65 0.69 -15.71
C ASP A 39 4.50 1.80 -14.67
N VAL A 40 4.63 1.45 -13.38
CA VAL A 40 4.52 2.39 -12.26
C VAL A 40 5.59 2.06 -11.23
N ALA A 41 5.91 3.02 -10.36
CA ALA A 41 6.96 2.87 -9.39
C ALA A 41 6.42 2.53 -8.01
N VAL A 42 7.27 1.91 -7.17
CA VAL A 42 6.95 1.63 -5.78
C VAL A 42 8.25 1.55 -4.98
N HIS A 43 8.29 2.22 -3.82
CA HIS A 43 9.49 2.29 -2.99
C HIS A 43 9.15 2.60 -1.55
N ARG A 44 10.11 2.42 -0.64
CA ARG A 44 9.97 2.90 0.73
C ARG A 44 10.02 4.43 0.71
N GLU A 45 9.51 5.06 1.76
CA GLU A 45 9.49 6.52 1.84
C GLU A 45 10.91 7.08 1.92
N GLU A 46 11.86 6.28 2.40
CA GLU A 46 13.26 6.66 2.51
C GLU A 46 14.03 6.46 1.20
N ILE A 47 13.36 5.90 0.19
CA ILE A 47 13.94 5.64 -1.13
C ILE A 47 13.19 6.43 -2.19
N TYR A 48 11.88 6.62 -2.04
CA TYR A 48 11.09 7.35 -3.01
C TYR A 48 11.65 8.75 -3.22
N GLN A 49 12.12 9.40 -2.15
CA GLN A 49 12.66 10.75 -2.24
C GLN A 49 13.92 10.77 -3.10
N ARG A 50 14.57 9.60 -3.27
CA ARG A 50 15.82 9.51 -4.00
C ARG A 50 15.58 9.32 -5.50
N ILE A 51 14.54 8.56 -5.88
CA ILE A 51 14.22 8.39 -7.30
C ILE A 51 13.85 9.74 -7.91
N GLN A 52 13.52 10.72 -7.05
CA GLN A 52 13.13 12.04 -7.48
C GLN A 52 14.29 13.03 -7.35
N ALA A 53 15.48 12.54 -6.96
CA ALA A 53 16.64 13.39 -6.72
C ALA A 53 17.89 12.96 -7.48
N GLY A 54 17.90 11.74 -8.05
CA GLY A 54 19.04 11.23 -8.81
C GLY A 54 19.07 9.72 -8.74
N LEU A 55 19.64 9.07 -9.76
CA LEU A 55 19.60 7.63 -9.87
C LEU A 55 21.00 7.05 -10.03
N THR A 56 21.16 5.79 -9.65
CA THR A 56 22.43 5.06 -9.76
C THR A 56 22.18 3.61 -10.15
N ALA A 57 20.91 3.24 -10.32
CA ALA A 57 20.50 1.89 -10.69
C ALA A 57 19.18 1.93 -11.46
N PRO A 58 19.11 2.62 -12.61
CA PRO A 58 17.91 2.71 -13.43
C PRO A 58 17.28 1.35 -13.77
N ASP A 59 16.08 1.39 -14.33
CA ASP A 59 15.31 0.21 -14.71
C ASP A 59 15.98 -0.58 -15.85
N MET C 1 5.67 -9.13 -7.47
CA MET C 1 5.67 -8.99 -6.00
C MET C 1 6.92 -8.30 -5.52
N LEU C 2 6.77 -7.20 -4.77
CA LEU C 2 7.88 -6.48 -4.18
C LEU C 2 7.62 -6.37 -2.69
N ILE C 3 8.38 -7.12 -1.89
CA ILE C 3 8.23 -7.12 -0.43
C ILE C 3 9.08 -5.99 0.15
N LEU C 4 8.60 -5.43 1.25
CA LEU C 4 9.31 -4.44 2.03
C LEU C 4 9.05 -4.74 3.51
N THR C 5 9.93 -4.25 4.38
CA THR C 5 9.71 -4.36 5.82
C THR C 5 9.60 -2.95 6.39
N ARG C 6 8.70 -2.77 7.37
CA ARG C 6 8.44 -1.46 7.93
C ARG C 6 8.11 -1.57 9.41
N LYS C 7 8.79 -0.79 10.26
CA LYS C 7 8.49 -0.75 11.68
C LYS C 7 7.27 0.16 11.85
N VAL C 8 6.43 -0.10 12.86
CA VAL C 8 5.26 0.74 13.07
C VAL C 8 5.68 2.19 13.26
N GLY C 9 5.03 3.11 12.55
CA GLY C 9 5.32 4.54 12.63
C GLY C 9 6.11 5.06 11.43
N GLU C 10 6.44 4.19 10.47
CA GLU C 10 7.18 4.58 9.27
C GLU C 10 6.27 4.55 8.03
N SER C 11 6.82 4.82 6.84
CA SER C 11 6.02 4.99 5.64
C SER C 11 6.62 4.35 4.40
N ILE C 12 5.80 4.25 3.33
CA ILE C 12 6.14 3.66 2.05
C ILE C 12 5.43 4.48 0.97
N ASN C 13 5.79 4.33 -0.30
CA ASN C 13 5.25 5.13 -1.40
C ASN C 13 4.97 4.31 -2.64
N ILE C 14 4.03 4.77 -3.45
CA ILE C 14 3.61 4.14 -4.69
C ILE C 14 3.32 5.23 -5.72
N GLY C 15 3.67 4.98 -6.98
CA GLY C 15 3.50 5.96 -8.04
C GLY C 15 4.19 7.26 -7.66
N ASP C 16 3.55 8.38 -7.99
CA ASP C 16 4.02 9.71 -7.65
C ASP C 16 2.89 10.52 -7.01
N ASP C 17 1.80 9.84 -6.63
CA ASP C 17 0.63 10.47 -6.03
C ASP C 17 0.09 9.63 -4.86
N ILE C 18 0.79 8.58 -4.43
CA ILE C 18 0.29 7.75 -3.34
C ILE C 18 1.37 7.54 -2.28
N THR C 19 0.93 7.44 -1.02
CA THR C 19 1.79 7.20 0.14
C THR C 19 1.07 6.23 1.07
N ILE C 20 1.85 5.53 1.90
CA ILE C 20 1.34 4.52 2.81
C ILE C 20 2.03 4.71 4.16
N THR C 21 1.32 4.41 5.26
CA THR C 21 1.87 4.55 6.60
C THR C 21 1.38 3.41 7.48
N ILE C 22 2.32 2.66 8.06
CA ILE C 22 2.00 1.58 8.97
C ILE C 22 1.67 2.17 10.34
N LEU C 23 0.38 2.40 10.60
CA LEU C 23 -0.06 3.05 11.82
C LEU C 23 0.18 2.15 13.03
N GLY C 24 0.15 0.83 12.86
CA GLY C 24 0.51 -0.08 13.93
C GLY C 24 -0.09 -1.47 13.75
N VAL C 25 0.02 -2.31 14.78
CA VAL C 25 -0.53 -3.66 14.76
C VAL C 25 -1.30 -3.94 16.06
N SER C 26 -2.14 -4.97 16.03
CA SER C 26 -2.95 -5.40 17.16
C SER C 26 -3.09 -6.91 17.08
N GLY C 27 -2.07 -7.62 17.56
CA GLY C 27 -1.99 -9.06 17.37
C GLY C 27 -1.56 -9.33 15.94
N GLN C 28 -2.46 -9.89 15.14
CA GLN C 28 -2.19 -10.15 13.73
C GLN C 28 -2.91 -9.13 12.86
N GLN C 29 -3.68 -8.22 13.48
CA GLN C 29 -4.29 -7.11 12.76
C GLN C 29 -3.24 -6.05 12.53
N VAL C 30 -3.44 -5.23 11.51
CA VAL C 30 -2.52 -4.17 11.16
C VAL C 30 -3.32 -2.97 10.69
N ARG C 31 -3.19 -1.83 11.39
CA ARG C 31 -3.75 -0.58 10.91
C ARG C 31 -2.81 -0.04 9.84
N ILE C 32 -3.32 0.11 8.63
CA ILE C 32 -2.56 0.61 7.51
C ILE C 32 -3.26 1.86 6.99
N GLY C 33 -2.54 2.98 6.95
CA GLY C 33 -3.07 4.23 6.45
C GLY C 33 -2.61 4.43 5.00
N ILE C 34 -3.44 5.13 4.22
CA ILE C 34 -3.13 5.38 2.82
C ILE C 34 -3.43 6.83 2.54
N ASN C 35 -2.65 7.45 1.66
CA ASN C 35 -2.80 8.86 1.34
C ASN C 35 -2.68 9.02 -0.17
N ALA C 36 -3.82 9.23 -0.82
CA ALA C 36 -3.92 9.38 -2.26
C ALA C 36 -5.03 10.39 -2.58
N PRO C 37 -4.97 11.03 -3.76
CA PRO C 37 -5.99 11.96 -4.20
C PRO C 37 -7.27 11.21 -4.57
N LYS C 38 -8.42 11.86 -4.44
CA LYS C 38 -9.69 11.27 -4.85
C LYS C 38 -9.73 11.04 -6.36
N ASP C 39 -8.68 11.51 -7.06
CA ASP C 39 -8.47 11.24 -8.47
C ASP C 39 -8.16 9.77 -8.72
N VAL C 40 -7.94 8.98 -7.65
CA VAL C 40 -7.70 7.55 -7.75
C VAL C 40 -8.46 6.83 -6.65
N ALA C 41 -8.67 5.52 -6.82
CA ALA C 41 -9.45 4.73 -5.88
C ALA C 41 -8.56 3.95 -4.93
N VAL C 42 -9.11 3.60 -3.76
CA VAL C 42 -8.43 2.72 -2.80
C VAL C 42 -9.48 2.00 -1.97
N HIS C 43 -9.32 0.68 -1.79
CA HIS C 43 -10.31 -0.15 -1.10
C HIS C 43 -9.69 -1.42 -0.54
N ARG C 44 -10.41 -2.09 0.35
CA ARG C 44 -10.04 -3.43 0.80
C ARG C 44 -10.21 -4.38 -0.38
N GLU C 45 -9.50 -5.51 -0.39
CA GLU C 45 -9.62 -6.47 -1.47
C GLU C 45 -11.03 -7.09 -1.51
N GLU C 46 -11.73 -7.05 -0.36
CA GLU C 46 -13.08 -7.58 -0.23
C GLU C 46 -14.13 -6.54 -0.70
N ILE C 47 -13.67 -5.35 -1.09
CA ILE C 47 -14.52 -4.25 -1.55
C ILE C 47 -14.16 -3.87 -2.97
N TYR C 48 -12.88 -3.93 -3.33
CA TYR C 48 -12.43 -3.54 -4.66
C TYR C 48 -13.15 -4.35 -5.73
N GLN C 49 -13.41 -5.64 -5.46
CA GLN C 49 -14.08 -6.51 -6.43
C GLN C 49 -15.50 -6.02 -6.69
N ARG C 50 -16.07 -5.24 -5.75
CA ARG C 50 -17.43 -4.75 -5.84
C ARG C 50 -17.51 -3.43 -6.61
N ILE C 51 -16.50 -2.56 -6.48
CA ILE C 51 -16.50 -1.32 -7.25
C ILE C 51 -16.43 -1.64 -8.75
N GLN C 52 -16.00 -2.87 -9.07
CA GLN C 52 -15.87 -3.34 -10.44
C GLN C 52 -17.07 -4.22 -10.85
N ALA C 53 -18.08 -4.34 -9.98
CA ALA C 53 -19.26 -5.14 -10.25
C ALA C 53 -20.55 -4.34 -10.10
N GLY C 54 -20.57 -3.34 -9.21
CA GLY C 54 -21.69 -2.44 -9.01
C GLY C 54 -21.76 -1.97 -7.56
N LEU C 55 -22.34 -0.79 -7.33
CA LEU C 55 -22.39 -0.20 -6.00
C LEU C 55 -23.48 0.86 -5.91
N THR C 56 -23.75 1.29 -4.67
CA THR C 56 -24.76 2.31 -4.39
C THR C 56 -24.34 3.21 -3.21
N ALA C 57 -23.16 2.98 -2.63
CA ALA C 57 -22.67 3.80 -1.54
C ALA C 57 -22.40 5.26 -1.97
N PRO C 58 -21.89 5.51 -3.19
CA PRO C 58 -21.77 6.85 -3.74
C PRO C 58 -23.11 7.60 -3.82
N ASP C 59 -23.08 8.82 -4.34
CA ASP C 59 -24.27 9.62 -4.57
C ASP C 59 -25.23 8.91 -5.52
N MET A 1 -6.33 10.78 4.33
CA MET A 1 -5.95 9.56 5.08
C MET A 1 -7.11 8.57 5.13
N LEU A 2 -6.90 7.37 4.59
CA LEU A 2 -7.88 6.31 4.63
C LEU A 2 -7.26 5.11 5.34
N ILE A 3 -7.65 4.89 6.60
CA ILE A 3 -7.19 3.77 7.40
C ILE A 3 -7.98 2.52 7.01
N LEU A 4 -7.32 1.37 7.09
CA LEU A 4 -7.93 0.07 6.92
C LEU A 4 -7.30 -0.88 7.93
N THR A 5 -8.00 -1.94 8.30
CA THR A 5 -7.45 -2.97 9.17
C THR A 5 -7.36 -4.27 8.39
N ARG A 6 -6.29 -5.01 8.61
CA ARG A 6 -6.06 -6.23 7.86
C ARG A 6 -5.36 -7.29 8.73
N LYS A 7 -5.91 -8.50 8.80
CA LYS A 7 -5.27 -9.61 9.51
C LYS A 7 -4.17 -10.16 8.59
N VAL A 8 -3.09 -10.71 9.15
CA VAL A 8 -2.03 -11.25 8.31
C VAL A 8 -2.60 -12.30 7.37
N GLY A 9 -2.17 -12.28 6.10
CA GLY A 9 -2.61 -13.25 5.10
C GLY A 9 -3.71 -12.70 4.20
N GLU A 10 -4.19 -11.48 4.44
CA GLU A 10 -5.25 -10.87 3.63
C GLU A 10 -4.65 -9.80 2.70
N SER A 11 -5.50 -9.09 1.94
CA SER A 11 -5.02 -8.17 0.90
C SER A 11 -5.81 -6.87 0.82
N ILE A 12 -5.26 -5.90 0.08
CA ILE A 12 -5.81 -4.56 -0.12
C ILE A 12 -5.49 -4.14 -1.56
N ASN A 13 -6.14 -3.09 -2.07
CA ASN A 13 -5.97 -2.65 -3.45
C ASN A 13 -5.88 -1.12 -3.56
N ILE A 14 -5.21 -0.65 -4.62
CA ILE A 14 -5.02 0.75 -4.91
C ILE A 14 -5.12 0.96 -6.41
N GLY A 15 -5.68 2.08 -6.84
CA GLY A 15 -5.89 2.37 -8.25
C GLY A 15 -6.69 1.25 -8.90
N ASP A 16 -6.28 0.87 -10.12
CA ASP A 16 -6.88 -0.23 -10.87
C ASP A 16 -5.78 -1.15 -11.38
N ASP A 17 -4.55 -0.94 -10.90
CA ASP A 17 -3.36 -1.67 -11.36
C ASP A 17 -2.43 -2.03 -10.22
N ILE A 18 -2.84 -1.82 -8.95
CA ILE A 18 -1.97 -2.14 -7.82
C ILE A 18 -2.74 -2.98 -6.79
N THR A 19 -2.01 -3.88 -6.13
CA THR A 19 -2.53 -4.75 -5.08
C THR A 19 -1.50 -4.82 -3.97
N ILE A 20 -1.97 -5.10 -2.75
CA ILE A 20 -1.14 -5.14 -1.55
C ILE A 20 -1.50 -6.39 -0.76
N THR A 21 -0.53 -6.96 -0.04
CA THR A 21 -0.76 -8.15 0.77
C THR A 21 0.07 -8.08 2.05
N ILE A 22 -0.60 -8.21 3.20
CA ILE A 22 0.05 -8.21 4.50
C ILE A 22 0.66 -9.59 4.73
N LEU A 23 1.93 -9.76 4.38
CA LEU A 23 2.61 -11.04 4.49
C LEU A 23 2.74 -11.48 5.94
N GLY A 24 2.89 -10.52 6.87
CA GLY A 24 2.88 -10.84 8.29
C GLY A 24 3.56 -9.78 9.13
N VAL A 25 3.74 -10.07 10.43
CA VAL A 25 4.41 -9.16 11.35
C VAL A 25 5.40 -9.93 12.23
N SER A 26 6.33 -9.19 12.84
CA SER A 26 7.33 -9.75 13.74
C SER A 26 7.67 -8.69 14.77
N GLY A 27 7.20 -8.83 16.00
CA GLY A 27 7.36 -7.81 17.02
C GLY A 27 6.54 -6.59 16.63
N GLN A 28 7.19 -5.61 15.99
CA GLN A 28 6.53 -4.42 15.46
C GLN A 28 6.89 -4.24 13.99
N GLN A 29 7.67 -5.16 13.42
CA GLN A 29 7.91 -5.15 11.98
C GLN A 29 6.66 -5.63 11.26
N VAL A 30 6.59 -5.29 9.97
CA VAL A 30 5.53 -5.76 9.10
C VAL A 30 6.15 -6.05 7.74
N ARG A 31 5.96 -7.28 7.25
CA ARG A 31 6.31 -7.62 5.89
C ARG A 31 5.08 -7.34 5.04
N ILE A 32 5.27 -6.53 4.00
CA ILE A 32 4.19 -6.14 3.11
C ILE A 32 4.64 -6.42 1.68
N GLY A 33 3.79 -7.15 0.94
CA GLY A 33 4.03 -7.46 -0.46
C GLY A 33 3.21 -6.50 -1.31
N ILE A 34 3.72 -6.17 -2.49
CA ILE A 34 3.06 -5.25 -3.39
C ILE A 34 3.11 -5.86 -4.79
N ASN A 35 2.05 -5.64 -5.56
CA ASN A 35 1.93 -6.20 -6.90
C ASN A 35 1.42 -5.13 -7.83
N ALA A 36 2.34 -4.58 -8.63
CA ALA A 36 2.06 -3.51 -9.56
C ALA A 36 2.91 -3.70 -10.82
N PRO A 37 2.50 -3.16 -11.97
CA PRO A 37 3.26 -3.23 -13.19
C PRO A 37 4.48 -2.33 -13.10
N LYS A 38 5.55 -2.66 -13.83
CA LYS A 38 6.74 -1.82 -13.88
C LYS A 38 6.42 -0.49 -14.57
N ASP A 39 5.19 -0.34 -15.06
CA ASP A 39 4.67 0.92 -15.59
C ASP A 39 4.47 1.95 -14.49
N VAL A 40 4.62 1.55 -13.22
CA VAL A 40 4.50 2.45 -12.08
C VAL A 40 5.59 2.10 -11.05
N ALA A 41 5.88 3.04 -10.15
CA ALA A 41 6.96 2.88 -9.19
C ALA A 41 6.44 2.49 -7.81
N VAL A 42 7.30 1.86 -7.01
CA VAL A 42 6.99 1.53 -5.62
C VAL A 42 8.31 1.43 -4.85
N HIS A 43 8.40 2.06 -3.67
CA HIS A 43 9.64 2.07 -2.90
C HIS A 43 9.42 2.33 -1.42
N ARG A 44 10.49 2.09 -0.64
CA ARG A 44 10.57 2.52 0.74
C ARG A 44 10.61 4.06 0.72
N GLU A 45 10.10 4.72 1.76
CA GLU A 45 10.02 6.17 1.78
C GLU A 45 11.41 6.82 1.63
N GLU A 46 12.46 6.18 2.18
CA GLU A 46 13.82 6.70 2.11
C GLU A 46 14.45 6.48 0.73
N ILE A 47 13.82 5.65 -0.10
CA ILE A 47 14.32 5.33 -1.44
C ILE A 47 13.53 6.13 -2.47
N TYR A 48 12.24 6.34 -2.24
CA TYR A 48 11.42 7.10 -3.16
C TYR A 48 12.02 8.47 -3.42
N GLN A 49 12.48 9.15 -2.36
CA GLN A 49 13.07 10.47 -2.50
C GLN A 49 14.34 10.43 -3.34
N ARG A 50 14.96 9.25 -3.47
CA ARG A 50 16.20 9.12 -4.22
C ARG A 50 15.92 8.99 -5.71
N ILE A 51 14.85 8.29 -6.11
CA ILE A 51 14.50 8.20 -7.52
C ILE A 51 14.19 9.59 -8.07
N GLN A 52 13.91 10.54 -7.17
CA GLN A 52 13.56 11.90 -7.54
C GLN A 52 14.77 12.84 -7.43
N ALA A 53 15.95 12.30 -7.10
CA ALA A 53 17.15 13.10 -6.88
C ALA A 53 18.36 12.63 -7.69
N GLY A 54 18.29 11.47 -8.34
CA GLY A 54 19.39 10.93 -9.12
C GLY A 54 19.39 9.41 -9.01
N LEU A 55 19.95 8.71 -10.01
CA LEU A 55 19.83 7.27 -10.06
C LEU A 55 21.20 6.61 -10.11
N THR A 56 21.30 5.47 -9.42
CA THR A 56 22.50 4.63 -9.34
C THR A 56 22.10 3.16 -9.31
N ALA A 57 20.79 2.91 -9.39
CA ALA A 57 20.20 1.58 -9.39
C ALA A 57 18.88 1.65 -10.16
N PRO A 58 18.96 1.70 -11.50
CA PRO A 58 17.84 1.84 -12.42
C PRO A 58 16.68 0.88 -12.19
N ASP A 59 15.64 1.01 -13.02
CA ASP A 59 14.42 0.22 -12.95
C ASP A 59 14.66 -1.29 -13.06
N MET C 1 5.68 -9.11 -7.52
CA MET C 1 5.71 -9.03 -6.05
C MET C 1 6.97 -8.31 -5.58
N LEU C 2 6.81 -7.24 -4.80
CA LEU C 2 7.93 -6.53 -4.21
C LEU C 2 7.66 -6.39 -2.72
N ILE C 3 8.43 -7.10 -1.91
CA ILE C 3 8.31 -7.07 -0.46
C ILE C 3 9.17 -5.95 0.11
N LEU C 4 8.69 -5.34 1.20
CA LEU C 4 9.43 -4.37 1.97
C LEU C 4 9.15 -4.63 3.45
N THR C 5 10.02 -4.17 4.33
CA THR C 5 9.86 -4.31 5.77
C THR C 5 9.86 -2.94 6.43
N ARG C 6 9.03 -2.79 7.46
CA ARG C 6 8.99 -1.55 8.23
C ARG C 6 8.46 -1.81 9.63
N LYS C 7 8.70 -0.86 10.55
CA LYS C 7 8.23 -0.94 11.92
C LYS C 7 6.98 -0.07 12.04
N VAL C 8 6.18 -0.20 13.10
CA VAL C 8 5.04 0.69 13.24
C VAL C 8 5.51 2.14 13.30
N GLY C 9 4.78 3.05 12.65
CA GLY C 9 5.11 4.46 12.57
C GLY C 9 5.85 4.83 11.29
N GLU C 10 6.24 3.84 10.47
CA GLU C 10 6.99 4.06 9.24
C GLU C 10 6.10 4.36 8.03
N SER C 11 6.70 4.39 6.83
CA SER C 11 6.06 4.86 5.62
C SER C 11 6.60 4.13 4.38
N ILE C 12 5.81 4.12 3.30
CA ILE C 12 6.14 3.50 2.02
C ILE C 12 5.54 4.37 0.91
N ASN C 13 5.94 4.19 -0.35
CA ASN C 13 5.46 5.01 -1.45
C ASN C 13 5.02 4.16 -2.65
N ILE C 14 4.07 4.69 -3.43
CA ILE C 14 3.54 4.03 -4.62
C ILE C 14 3.22 5.08 -5.67
N GLY C 15 3.50 4.76 -6.94
CA GLY C 15 3.30 5.68 -8.04
C GLY C 15 4.06 6.98 -7.79
N ASP C 16 3.42 8.11 -8.10
CA ASP C 16 3.97 9.43 -7.85
C ASP C 16 2.91 10.29 -7.14
N ASP C 17 1.81 9.65 -6.71
CA ASP C 17 0.67 10.35 -6.12
C ASP C 17 0.09 9.57 -4.94
N ILE C 18 0.76 8.50 -4.47
CA ILE C 18 0.26 7.72 -3.34
C ILE C 18 1.37 7.49 -2.32
N THR C 19 0.98 7.48 -1.05
CA THR C 19 1.89 7.23 0.07
C THR C 19 1.15 6.38 1.10
N ILE C 20 1.89 5.63 1.92
CA ILE C 20 1.31 4.69 2.85
C ILE C 20 1.92 4.91 4.24
N THR C 21 1.15 4.64 5.30
CA THR C 21 1.61 4.79 6.68
C THR C 21 1.18 3.56 7.46
N ILE C 22 1.98 3.17 8.45
CA ILE C 22 1.67 2.00 9.29
C ILE C 22 1.35 2.49 10.69
N LEU C 23 0.07 2.74 10.95
CA LEU C 23 -0.37 3.30 12.22
C LEU C 23 -0.10 2.32 13.36
N GLY C 24 -0.10 1.02 13.08
CA GLY C 24 0.27 0.04 14.09
C GLY C 24 -0.32 -1.34 13.86
N VAL C 25 -0.20 -2.22 14.86
CA VAL C 25 -0.77 -3.56 14.80
C VAL C 25 -1.53 -3.86 16.09
N SER C 26 -2.38 -4.88 16.04
CA SER C 26 -3.15 -5.35 17.20
C SER C 26 -3.42 -6.84 17.01
N GLY C 27 -2.73 -7.67 17.78
CA GLY C 27 -2.80 -9.11 17.61
C GLY C 27 -2.19 -9.49 16.27
N GLN C 28 -3.03 -9.67 15.26
CA GLN C 28 -2.59 -9.92 13.89
C GLN C 28 -3.21 -8.91 12.93
N GLN C 29 -4.03 -7.99 13.44
CA GLN C 29 -4.52 -6.89 12.65
C GLN C 29 -3.39 -5.90 12.40
N VAL C 30 -3.54 -5.08 11.37
CA VAL C 30 -2.59 -4.04 11.04
C VAL C 30 -3.39 -2.82 10.61
N ARG C 31 -3.29 -1.72 11.36
CA ARG C 31 -3.86 -0.45 10.95
C ARG C 31 -2.93 0.16 9.92
N ILE C 32 -3.39 0.23 8.68
CA ILE C 32 -2.63 0.78 7.58
C ILE C 32 -3.33 2.03 7.08
N GLY C 33 -2.64 3.16 7.12
CA GLY C 33 -3.16 4.42 6.62
C GLY C 33 -2.70 4.61 5.18
N ILE C 34 -3.51 5.29 4.38
CA ILE C 34 -3.18 5.52 2.98
C ILE C 34 -3.46 6.98 2.66
N ASN C 35 -2.64 7.56 1.78
CA ASN C 35 -2.72 8.97 1.44
C ASN C 35 -2.63 9.10 -0.08
N ALA C 36 -3.77 9.32 -0.72
CA ALA C 36 -3.88 9.44 -2.17
C ALA C 36 -5.00 10.43 -2.48
N PRO C 37 -4.96 11.07 -3.65
CA PRO C 37 -6.00 11.99 -4.10
C PRO C 37 -7.24 11.21 -4.50
N LYS C 38 -8.42 11.84 -4.37
CA LYS C 38 -9.67 11.23 -4.81
C LYS C 38 -9.68 11.03 -6.32
N ASP C 39 -8.64 11.53 -7.00
CA ASP C 39 -8.39 11.30 -8.41
C ASP C 39 -8.05 9.84 -8.70
N VAL C 40 -7.84 9.04 -7.63
CA VAL C 40 -7.57 7.61 -7.74
C VAL C 40 -8.32 6.87 -6.64
N ALA C 41 -8.52 5.56 -6.83
CA ALA C 41 -9.29 4.76 -5.89
C ALA C 41 -8.40 3.98 -4.94
N VAL C 42 -8.94 3.61 -3.78
CA VAL C 42 -8.25 2.73 -2.83
C VAL C 42 -9.31 2.00 -2.01
N HIS C 43 -9.14 0.67 -1.86
CA HIS C 43 -10.11 -0.16 -1.14
C HIS C 43 -9.45 -1.43 -0.64
N ARG C 44 -10.15 -2.16 0.24
CA ARG C 44 -9.74 -3.50 0.62
C ARG C 44 -9.97 -4.43 -0.56
N GLU C 45 -9.31 -5.58 -0.57
CA GLU C 45 -9.46 -6.53 -1.68
C GLU C 45 -10.87 -7.09 -1.71
N GLU C 46 -11.58 -7.07 -0.58
CA GLU C 46 -12.95 -7.56 -0.47
C GLU C 46 -13.97 -6.49 -0.90
N ILE C 47 -13.49 -5.29 -1.23
CA ILE C 47 -14.33 -4.16 -1.65
C ILE C 47 -13.96 -3.73 -3.07
N TYR C 48 -12.68 -3.83 -3.43
CA TYR C 48 -12.23 -3.45 -4.75
C TYR C 48 -12.98 -4.22 -5.83
N GLN C 49 -13.26 -5.50 -5.59
CA GLN C 49 -13.96 -6.33 -6.55
C GLN C 49 -15.39 -5.82 -6.77
N ARG C 50 -15.91 -5.05 -5.82
CA ARG C 50 -17.28 -4.55 -5.87
C ARG C 50 -17.37 -3.24 -6.65
N ILE C 51 -16.37 -2.35 -6.53
CA ILE C 51 -16.39 -1.11 -7.30
C ILE C 51 -16.35 -1.44 -8.80
N GLN C 52 -15.94 -2.67 -9.13
CA GLN C 52 -15.84 -3.13 -10.51
C GLN C 52 -17.05 -3.98 -10.90
N ALA C 53 -18.04 -4.13 -10.00
CA ALA C 53 -19.18 -5.00 -10.23
C ALA C 53 -20.52 -4.30 -10.00
N GLY C 54 -20.54 -3.12 -9.39
CA GLY C 54 -21.77 -2.37 -9.13
C GLY C 54 -21.58 -1.48 -7.92
N LEU C 55 -22.31 -0.37 -7.85
CA LEU C 55 -22.06 0.63 -6.81
C LEU C 55 -23.32 0.90 -5.99
N THR C 56 -23.09 1.14 -4.70
CA THR C 56 -24.11 1.49 -3.73
C THR C 56 -23.54 2.50 -2.73
N ALA C 57 -22.28 2.88 -2.94
CA ALA C 57 -21.54 3.81 -2.09
C ALA C 57 -20.48 4.51 -2.95
N PRO C 58 -20.91 5.43 -3.83
CA PRO C 58 -20.06 6.18 -4.75
C PRO C 58 -18.87 6.87 -4.08
N ASP C 59 -18.06 7.56 -4.90
CA ASP C 59 -16.88 8.30 -4.47
C ASP C 59 -17.19 9.35 -3.41
N MET A 1 -6.06 10.75 4.40
CA MET A 1 -5.75 9.45 5.03
C MET A 1 -6.97 8.54 5.01
N LEU A 2 -6.80 7.31 4.54
CA LEU A 2 -7.85 6.31 4.59
C LEU A 2 -7.27 5.09 5.29
N ILE A 3 -7.72 4.83 6.52
CA ILE A 3 -7.25 3.71 7.32
C ILE A 3 -8.04 2.47 6.92
N LEU A 4 -7.36 1.32 6.93
CA LEU A 4 -7.97 0.02 6.75
C LEU A 4 -7.26 -0.97 7.66
N THR A 5 -8.02 -1.80 8.38
CA THR A 5 -7.43 -2.85 9.20
C THR A 5 -7.33 -4.12 8.37
N ARG A 6 -6.31 -4.93 8.62
CA ARG A 6 -6.13 -6.17 7.90
C ARG A 6 -5.42 -7.20 8.78
N LYS A 7 -5.83 -8.47 8.69
CA LYS A 7 -5.16 -9.55 9.42
C LYS A 7 -4.06 -10.12 8.53
N VAL A 8 -2.99 -10.66 9.11
CA VAL A 8 -1.92 -11.23 8.31
C VAL A 8 -2.49 -12.31 7.40
N GLY A 9 -2.09 -12.31 6.12
CA GLY A 9 -2.56 -13.29 5.16
C GLY A 9 -3.69 -12.76 4.27
N GLU A 10 -4.07 -11.48 4.43
CA GLU A 10 -5.12 -10.88 3.60
C GLU A 10 -4.55 -9.76 2.73
N SER A 11 -5.41 -9.04 1.99
CA SER A 11 -4.94 -8.09 0.99
C SER A 11 -5.78 -6.82 0.92
N ILE A 12 -5.27 -5.84 0.15
CA ILE A 12 -5.87 -4.51 -0.05
C ILE A 12 -5.58 -4.10 -1.50
N ASN A 13 -6.26 -3.08 -2.02
CA ASN A 13 -6.13 -2.67 -3.41
C ASN A 13 -6.06 -1.15 -3.56
N ILE A 14 -5.41 -0.70 -4.65
CA ILE A 14 -5.24 0.71 -4.97
C ILE A 14 -5.34 0.87 -6.49
N GLY A 15 -5.96 1.97 -6.94
CA GLY A 15 -6.18 2.23 -8.35
C GLY A 15 -6.89 1.05 -9.00
N ASP A 16 -6.49 0.73 -10.23
CA ASP A 16 -7.00 -0.41 -10.96
C ASP A 16 -5.86 -1.25 -11.52
N ASP A 17 -4.63 -0.97 -11.06
CA ASP A 17 -3.43 -1.67 -11.50
C ASP A 17 -2.50 -1.98 -10.31
N ILE A 18 -2.92 -1.76 -9.06
CA ILE A 18 -2.07 -2.02 -7.92
C ILE A 18 -2.83 -2.85 -6.87
N THR A 19 -2.08 -3.70 -6.16
CA THR A 19 -2.59 -4.54 -5.09
C THR A 19 -1.55 -4.55 -3.97
N ILE A 20 -2.01 -4.78 -2.74
CA ILE A 20 -1.18 -4.76 -1.55
C ILE A 20 -1.50 -5.99 -0.70
N THR A 21 -0.51 -6.50 0.03
CA THR A 21 -0.70 -7.70 0.84
C THR A 21 0.04 -7.54 2.17
N ILE A 22 -0.49 -8.17 3.22
CA ILE A 22 0.10 -8.14 4.55
C ILE A 22 0.63 -9.54 4.86
N LEU A 23 1.89 -9.77 4.48
CA LEU A 23 2.52 -11.08 4.57
C LEU A 23 2.67 -11.52 6.02
N GLY A 24 2.86 -10.58 6.95
CA GLY A 24 2.91 -10.92 8.36
C GLY A 24 3.60 -9.84 9.20
N VAL A 25 3.86 -10.16 10.47
CA VAL A 25 4.56 -9.27 11.38
C VAL A 25 5.64 -10.04 12.13
N SER A 26 6.57 -9.30 12.76
CA SER A 26 7.66 -9.88 13.52
C SER A 26 8.06 -8.87 14.60
N GLY A 27 7.39 -8.93 15.74
CA GLY A 27 7.53 -7.89 16.74
C GLY A 27 6.77 -6.67 16.26
N GLN A 28 7.49 -5.58 16.02
CA GLN A 28 6.89 -4.34 15.51
C GLN A 28 7.17 -4.21 14.03
N GLN A 29 7.87 -5.19 13.44
CA GLN A 29 8.05 -5.23 12.00
C GLN A 29 6.78 -5.70 11.32
N VAL A 30 6.68 -5.40 10.03
CA VAL A 30 5.59 -5.83 9.19
C VAL A 30 6.16 -6.16 7.83
N ARG A 31 5.99 -7.41 7.38
CA ARG A 31 6.30 -7.77 6.01
C ARG A 31 5.09 -7.41 5.17
N ILE A 32 5.31 -6.54 4.19
CA ILE A 32 4.25 -6.06 3.32
C ILE A 32 4.65 -6.36 1.88
N GLY A 33 3.67 -6.73 1.06
CA GLY A 33 3.90 -7.06 -0.34
C GLY A 33 3.14 -6.09 -1.22
N ILE A 34 3.67 -5.84 -2.42
CA ILE A 34 3.03 -4.94 -3.36
C ILE A 34 3.07 -5.60 -4.73
N ASN A 35 2.02 -5.38 -5.53
CA ASN A 35 1.91 -5.97 -6.84
C ASN A 35 1.42 -4.92 -7.81
N ALA A 36 2.35 -4.41 -8.62
CA ALA A 36 2.07 -3.36 -9.59
C ALA A 36 2.93 -3.60 -10.84
N PRO A 37 2.50 -3.09 -12.00
CA PRO A 37 3.27 -3.19 -13.24
C PRO A 37 4.50 -2.29 -13.17
N LYS A 38 5.55 -2.66 -13.90
CA LYS A 38 6.76 -1.84 -13.99
C LYS A 38 6.44 -0.52 -14.71
N ASP A 39 5.20 -0.36 -15.18
CA ASP A 39 4.70 0.88 -15.75
C ASP A 39 4.59 1.96 -14.68
N VAL A 40 4.74 1.58 -13.41
CA VAL A 40 4.68 2.49 -12.27
C VAL A 40 5.77 2.15 -11.28
N ALA A 41 6.12 3.10 -10.40
CA ALA A 41 7.20 2.91 -9.44
C ALA A 41 6.67 2.59 -8.05
N VAL A 42 7.51 1.96 -7.23
CA VAL A 42 7.19 1.70 -5.83
C VAL A 42 8.49 1.60 -5.04
N HIS A 43 8.55 2.28 -3.88
CA HIS A 43 9.77 2.31 -3.08
C HIS A 43 9.46 2.64 -1.62
N ARG A 44 10.42 2.36 -0.74
CA ARG A 44 10.37 2.81 0.64
C ARG A 44 10.42 4.34 0.67
N GLU A 45 10.01 4.94 1.78
CA GLU A 45 10.03 6.40 1.92
C GLU A 45 11.47 6.90 1.92
N GLU A 46 12.40 6.08 2.41
CA GLU A 46 13.82 6.42 2.46
C GLU A 46 14.52 6.25 1.10
N ILE A 47 13.84 5.65 0.12
CA ILE A 47 14.37 5.42 -1.22
C ILE A 47 13.63 6.28 -2.22
N TYR A 48 12.34 6.53 -2.00
CA TYR A 48 11.54 7.32 -2.91
C TYR A 48 12.15 8.71 -3.13
N GLN A 49 12.71 9.30 -2.08
CA GLN A 49 13.31 10.61 -2.16
C GLN A 49 14.52 10.60 -3.10
N ARG A 50 15.10 9.42 -3.34
CA ARG A 50 16.30 9.29 -4.15
C ARG A 50 15.95 9.15 -5.64
N ILE A 51 14.87 8.44 -5.96
CA ILE A 51 14.43 8.32 -7.35
C ILE A 51 14.02 9.69 -7.87
N GLN A 52 13.77 10.63 -6.94
CA GLN A 52 13.39 12.00 -7.27
C GLN A 52 14.58 12.96 -7.13
N ALA A 53 15.78 12.44 -6.85
CA ALA A 53 16.98 13.26 -6.69
C ALA A 53 18.11 12.85 -7.64
N GLY A 54 18.09 11.60 -8.11
CA GLY A 54 19.08 11.07 -9.05
C GLY A 54 19.46 9.66 -8.62
N LEU A 55 19.86 8.80 -9.56
CA LEU A 55 20.13 7.42 -9.20
C LEU A 55 21.13 6.69 -10.11
N THR A 56 21.20 7.05 -11.40
CA THR A 56 22.00 6.38 -12.41
C THR A 56 21.97 4.85 -12.34
N ALA A 57 20.98 4.26 -11.64
CA ALA A 57 20.89 2.83 -11.42
C ALA A 57 20.54 2.00 -12.67
N PRO A 58 19.81 2.51 -13.67
CA PRO A 58 19.50 1.79 -14.90
C PRO A 58 20.71 1.17 -15.59
N ASP A 59 20.45 0.31 -16.57
CA ASP A 59 21.47 -0.40 -17.32
C ASP A 59 22.42 0.54 -18.05
N MET C 1 5.49 -9.14 -7.39
CA MET C 1 5.53 -8.94 -5.93
C MET C 1 6.82 -8.26 -5.52
N LEU C 2 6.71 -7.17 -4.77
CA LEU C 2 7.87 -6.48 -4.21
C LEU C 2 7.62 -6.34 -2.71
N ILE C 3 8.37 -7.12 -1.91
CA ILE C 3 8.25 -7.10 -0.46
C ILE C 3 9.09 -5.96 0.09
N LEU C 4 8.58 -5.32 1.14
CA LEU C 4 9.31 -4.31 1.89
C LEU C 4 8.95 -4.47 3.37
N THR C 5 9.95 -4.45 4.24
CA THR C 5 9.71 -4.50 5.67
C THR C 5 9.73 -3.10 6.23
N ARG C 6 8.92 -2.87 7.27
CA ARG C 6 8.94 -1.61 8.00
C ARG C 6 8.49 -1.83 9.43
N LYS C 7 8.41 -0.77 10.21
CA LYS C 7 8.13 -0.84 11.65
C LYS C 7 6.97 0.11 11.93
N VAL C 8 6.18 -0.14 12.98
CA VAL C 8 5.06 0.74 13.27
C VAL C 8 5.56 2.18 13.44
N GLY C 9 5.00 3.11 12.66
CA GLY C 9 5.41 4.50 12.67
C GLY C 9 6.16 4.92 11.40
N GLU C 10 6.28 4.01 10.42
CA GLU C 10 7.02 4.27 9.18
C GLU C 10 6.08 4.36 7.98
N SER C 11 6.65 4.52 6.78
CA SER C 11 5.88 4.75 5.56
C SER C 11 6.57 4.17 4.32
N ILE C 12 5.82 4.11 3.21
CA ILE C 12 6.27 3.61 1.91
C ILE C 12 5.56 4.43 0.83
N ASN C 13 6.04 4.38 -0.42
CA ASN C 13 5.51 5.19 -1.51
C ASN C 13 5.21 4.36 -2.75
N ILE C 14 4.26 4.85 -3.55
CA ILE C 14 3.84 4.21 -4.79
C ILE C 14 3.54 5.31 -5.81
N GLY C 15 3.94 5.09 -7.06
CA GLY C 15 3.77 6.08 -8.10
C GLY C 15 4.40 7.40 -7.66
N ASP C 16 3.74 8.51 -7.99
CA ASP C 16 4.17 9.85 -7.58
C ASP C 16 3.01 10.61 -6.95
N ASP C 17 1.93 9.90 -6.63
CA ASP C 17 0.72 10.48 -6.04
C ASP C 17 0.15 9.61 -4.92
N ILE C 18 0.85 8.54 -4.50
CA ILE C 18 0.33 7.69 -3.44
C ILE C 18 1.41 7.43 -2.39
N THR C 19 0.97 7.35 -1.12
CA THR C 19 1.84 7.07 0.01
C THR C 19 1.10 6.12 0.96
N ILE C 20 1.86 5.34 1.75
CA ILE C 20 1.31 4.34 2.65
C ILE C 20 1.97 4.50 4.01
N THR C 21 1.25 4.17 5.09
CA THR C 21 1.76 4.31 6.45
C THR C 21 1.32 3.12 7.30
N ILE C 22 2.11 2.79 8.33
CA ILE C 22 1.80 1.72 9.26
C ILE C 22 1.49 2.33 10.62
N LEU C 23 0.20 2.49 10.92
CA LEU C 23 -0.22 3.12 12.17
C LEU C 23 0.05 2.20 13.36
N GLY C 24 0.00 0.88 13.15
CA GLY C 24 0.36 -0.06 14.20
C GLY C 24 -0.24 -1.46 13.99
N VAL C 25 -0.14 -2.30 15.02
CA VAL C 25 -0.68 -3.66 14.98
C VAL C 25 -1.45 -3.96 16.27
N SER C 26 -2.24 -5.03 16.25
CA SER C 26 -2.98 -5.51 17.39
C SER C 26 -3.17 -7.01 17.21
N GLY C 27 -2.37 -7.81 17.90
CA GLY C 27 -2.33 -9.24 17.64
C GLY C 27 -1.84 -9.45 16.22
N GLN C 28 -2.72 -9.93 15.33
CA GLN C 28 -2.39 -10.16 13.93
C GLN C 28 -3.06 -9.13 13.03
N GLN C 29 -3.82 -8.20 13.63
CA GLN C 29 -4.40 -7.09 12.90
C GLN C 29 -3.34 -6.03 12.68
N VAL C 30 -3.54 -5.19 11.67
CA VAL C 30 -2.61 -4.14 11.33
C VAL C 30 -3.41 -2.92 10.89
N ARG C 31 -3.28 -1.80 11.60
CA ARG C 31 -3.85 -0.54 11.12
C ARG C 31 -2.90 0.01 10.08
N ILE C 32 -3.39 0.07 8.83
CA ILE C 32 -2.63 0.58 7.71
C ILE C 32 -3.32 1.85 7.23
N GLY C 33 -2.52 2.85 6.85
CA GLY C 33 -3.05 4.12 6.38
C GLY C 33 -2.60 4.35 4.95
N ILE C 34 -3.42 5.07 4.18
CA ILE C 34 -3.12 5.34 2.78
C ILE C 34 -3.41 6.81 2.51
N ASN C 35 -2.61 7.41 1.63
CA ASN C 35 -2.74 8.81 1.30
C ASN C 35 -2.63 8.97 -0.22
N ALA C 36 -3.79 9.18 -0.86
CA ALA C 36 -3.88 9.31 -2.29
C ALA C 36 -4.98 10.31 -2.64
N PRO C 37 -4.91 10.95 -3.82
CA PRO C 37 -5.93 11.88 -4.28
C PRO C 37 -7.20 11.12 -4.65
N LYS C 38 -8.36 11.78 -4.52
CA LYS C 38 -9.63 11.19 -4.92
C LYS C 38 -9.66 10.94 -6.43
N ASP C 39 -8.60 11.37 -7.12
CA ASP C 39 -8.40 11.08 -8.54
C ASP C 39 -8.15 9.59 -8.78
N VAL C 40 -7.93 8.82 -7.71
CA VAL C 40 -7.69 7.38 -7.78
C VAL C 40 -8.45 6.69 -6.65
N ALA C 41 -8.67 5.38 -6.80
CA ALA C 41 -9.46 4.61 -5.86
C ALA C 41 -8.57 3.84 -4.88
N VAL C 42 -9.11 3.50 -3.71
CA VAL C 42 -8.43 2.65 -2.75
C VAL C 42 -9.45 1.93 -1.88
N HIS C 43 -9.31 0.62 -1.72
CA HIS C 43 -10.25 -0.20 -0.97
C HIS C 43 -9.60 -1.48 -0.48
N ARG C 44 -10.22 -2.16 0.50
CA ARG C 44 -9.77 -3.48 0.89
C ARG C 44 -10.18 -4.49 -0.18
N GLU C 45 -9.58 -5.68 -0.18
CA GLU C 45 -9.77 -6.65 -1.25
C GLU C 45 -11.22 -7.16 -1.36
N GLU C 46 -12.00 -7.13 -0.26
CA GLU C 46 -13.39 -7.58 -0.30
C GLU C 46 -14.35 -6.48 -0.73
N ILE C 47 -13.84 -5.26 -0.93
CA ILE C 47 -14.64 -4.13 -1.39
C ILE C 47 -14.21 -3.74 -2.81
N TYR C 48 -12.93 -3.88 -3.14
CA TYR C 48 -12.44 -3.52 -4.46
C TYR C 48 -13.22 -4.28 -5.54
N GLN C 49 -13.52 -5.56 -5.29
CA GLN C 49 -14.24 -6.38 -6.25
C GLN C 49 -15.64 -5.83 -6.51
N ARG C 50 -16.16 -5.01 -5.59
CA ARG C 50 -17.50 -4.47 -5.69
C ARG C 50 -17.54 -3.18 -6.51
N ILE C 51 -16.51 -2.34 -6.41
CA ILE C 51 -16.46 -1.12 -7.22
C ILE C 51 -16.42 -1.50 -8.70
N GLN C 52 -16.05 -2.75 -8.99
CA GLN C 52 -15.95 -3.28 -10.35
C GLN C 52 -17.20 -4.07 -10.73
N ALA C 53 -18.22 -4.11 -9.86
CA ALA C 53 -19.42 -4.90 -10.08
C ALA C 53 -20.73 -4.14 -9.87
N GLY C 54 -20.68 -2.95 -9.24
CA GLY C 54 -21.87 -2.16 -8.99
C GLY C 54 -21.63 -1.24 -7.79
N LEU C 55 -22.31 -0.10 -7.75
CA LEU C 55 -22.00 0.92 -6.75
C LEU C 55 -23.23 1.28 -5.93
N THR C 56 -23.00 1.58 -4.65
CA THR C 56 -24.03 1.97 -3.70
C THR C 56 -23.48 3.02 -2.73
N ALA C 57 -22.20 3.39 -2.89
CA ALA C 57 -21.52 4.37 -2.06
C ALA C 57 -20.42 5.07 -2.88
N PRO C 58 -20.75 5.68 -4.03
CA PRO C 58 -19.79 6.30 -4.93
C PRO C 58 -18.78 7.23 -4.27
N ASP C 59 -19.18 7.91 -3.19
CA ASP C 59 -18.34 8.92 -2.57
C ASP C 59 -18.77 9.18 -1.12
N MET A 1 -6.24 10.85 4.11
CA MET A 1 -5.88 9.68 4.95
C MET A 1 -7.06 8.71 5.03
N LEU A 2 -6.87 7.49 4.55
CA LEU A 2 -7.89 6.45 4.62
C LEU A 2 -7.27 5.23 5.30
N ILE A 3 -7.73 4.94 6.51
CA ILE A 3 -7.24 3.81 7.29
C ILE A 3 -8.07 2.58 6.98
N LEU A 4 -7.41 1.42 7.03
CA LEU A 4 -8.04 0.12 6.90
C LEU A 4 -7.36 -0.82 7.89
N THR A 5 -8.04 -1.91 8.27
CA THR A 5 -7.48 -2.93 9.14
C THR A 5 -7.52 -4.27 8.43
N ARG A 6 -6.45 -5.05 8.57
CA ARG A 6 -6.39 -6.36 7.95
C ARG A 6 -5.43 -7.30 8.71
N LYS A 7 -5.80 -8.58 8.78
CA LYS A 7 -5.05 -9.61 9.49
C LYS A 7 -3.91 -10.10 8.62
N VAL A 8 -2.88 -10.73 9.20
CA VAL A 8 -1.82 -11.28 8.36
C VAL A 8 -2.40 -12.31 7.39
N GLY A 9 -1.83 -12.38 6.18
CA GLY A 9 -2.30 -13.29 5.15
C GLY A 9 -3.42 -12.69 4.29
N GLU A 10 -3.87 -11.46 4.58
CA GLU A 10 -4.95 -10.83 3.83
C GLU A 10 -4.42 -9.87 2.76
N SER A 11 -5.33 -9.12 2.12
CA SER A 11 -5.03 -8.33 0.94
C SER A 11 -5.78 -6.99 0.97
N ILE A 12 -5.25 -6.02 0.20
CA ILE A 12 -5.78 -4.66 0.10
C ILE A 12 -5.52 -4.19 -1.35
N ASN A 13 -6.15 -3.10 -1.80
CA ASN A 13 -6.03 -2.65 -3.18
C ASN A 13 -5.93 -1.14 -3.29
N ILE A 14 -5.28 -0.69 -4.38
CA ILE A 14 -5.05 0.71 -4.68
C ILE A 14 -5.14 0.92 -6.20
N GLY A 15 -5.63 2.09 -6.61
CA GLY A 15 -5.80 2.41 -8.02
C GLY A 15 -6.66 1.36 -8.72
N ASP A 16 -6.29 1.05 -9.96
CA ASP A 16 -6.96 0.03 -10.76
C ASP A 16 -5.90 -0.94 -11.32
N ASP A 17 -4.67 -0.83 -10.82
CA ASP A 17 -3.54 -1.62 -11.30
C ASP A 17 -2.61 -2.02 -10.15
N ILE A 18 -3.00 -1.81 -8.88
CA ILE A 18 -2.14 -2.17 -7.77
C ILE A 18 -2.90 -3.01 -6.74
N THR A 19 -2.19 -3.93 -6.12
CA THR A 19 -2.71 -4.79 -5.05
C THR A 19 -1.63 -4.87 -3.97
N ILE A 20 -2.05 -5.13 -2.73
CA ILE A 20 -1.16 -5.15 -1.58
C ILE A 20 -1.43 -6.41 -0.77
N THR A 21 -0.40 -6.96 -0.12
CA THR A 21 -0.52 -8.19 0.66
C THR A 21 0.22 -8.01 1.99
N ILE A 22 -0.17 -8.75 3.01
CA ILE A 22 0.49 -8.70 4.32
C ILE A 22 1.07 -10.08 4.63
N LEU A 23 2.36 -10.26 4.33
CA LEU A 23 3.00 -11.54 4.52
C LEU A 23 3.09 -11.89 6.01
N GLY A 24 3.16 -10.86 6.89
CA GLY A 24 3.09 -11.09 8.32
C GLY A 24 3.77 -10.00 9.14
N VAL A 25 3.91 -10.22 10.45
CA VAL A 25 4.59 -9.28 11.34
C VAL A 25 5.57 -10.02 12.25
N SER A 26 6.51 -9.27 12.84
CA SER A 26 7.51 -9.78 13.76
C SER A 26 7.87 -8.67 14.74
N GLY A 27 7.39 -8.75 15.98
CA GLY A 27 7.56 -7.68 16.95
C GLY A 27 6.75 -6.49 16.50
N GLN A 28 7.40 -5.53 15.83
CA GLN A 28 6.75 -4.38 15.23
C GLN A 28 7.10 -4.25 13.75
N GLN A 29 7.94 -5.16 13.25
CA GLN A 29 8.21 -5.23 11.82
C GLN A 29 7.00 -5.79 11.12
N VAL A 30 6.84 -5.46 9.84
CA VAL A 30 5.73 -5.93 9.04
C VAL A 30 6.24 -6.25 7.65
N ARG A 31 6.22 -7.52 7.26
CA ARG A 31 6.50 -7.90 5.88
C ARG A 31 5.29 -7.59 5.06
N ILE A 32 5.35 -6.48 4.33
CA ILE A 32 4.31 -6.04 3.42
C ILE A 32 4.73 -6.46 2.02
N GLY A 33 3.77 -6.81 1.17
CA GLY A 33 4.03 -7.18 -0.21
C GLY A 33 3.22 -6.28 -1.12
N ILE A 34 3.73 -6.02 -2.33
CA ILE A 34 3.06 -5.14 -3.27
C ILE A 34 3.09 -5.80 -4.64
N ASN A 35 2.02 -5.60 -5.41
CA ASN A 35 1.88 -6.21 -6.72
C ASN A 35 1.37 -5.15 -7.69
N ALA A 36 2.29 -4.63 -8.51
CA ALA A 36 2.01 -3.58 -9.48
C ALA A 36 2.88 -3.82 -10.72
N PRO A 37 2.43 -3.35 -11.89
CA PRO A 37 3.19 -3.46 -13.13
C PRO A 37 4.40 -2.54 -13.10
N LYS A 38 5.46 -2.91 -13.82
CA LYS A 38 6.65 -2.07 -13.93
C LYS A 38 6.32 -0.76 -14.67
N ASP A 39 5.07 -0.64 -15.13
CA ASP A 39 4.54 0.58 -15.72
C ASP A 39 4.41 1.69 -14.67
N VAL A 40 4.57 1.33 -13.38
CA VAL A 40 4.50 2.25 -12.26
C VAL A 40 5.61 1.91 -11.27
N ALA A 41 5.94 2.87 -10.39
CA ALA A 41 7.05 2.70 -9.46
C ALA A 41 6.55 2.46 -8.04
N VAL A 42 7.39 1.85 -7.21
CA VAL A 42 7.08 1.60 -5.80
C VAL A 42 8.38 1.53 -5.00
N HIS A 43 8.40 2.18 -3.83
CA HIS A 43 9.58 2.22 -2.97
C HIS A 43 9.19 2.53 -1.53
N ARG A 44 10.09 2.29 -0.58
CA ARG A 44 9.90 2.75 0.78
C ARG A 44 10.13 4.26 0.82
N GLU A 45 9.66 4.92 1.88
CA GLU A 45 9.64 6.38 1.96
C GLU A 45 11.06 6.98 1.99
N GLU A 46 12.07 6.21 2.43
CA GLU A 46 13.44 6.69 2.49
C GLU A 46 14.19 6.45 1.17
N ILE A 47 13.51 5.85 0.18
CA ILE A 47 14.07 5.60 -1.13
C ILE A 47 13.27 6.35 -2.18
N TYR A 48 11.96 6.50 -1.97
CA TYR A 48 11.11 7.21 -2.90
C TYR A 48 11.64 8.61 -3.17
N GLN A 49 12.02 9.33 -2.11
CA GLN A 49 12.53 10.69 -2.21
C GLN A 49 13.81 10.75 -3.03
N ARG A 50 14.54 9.63 -3.10
CA ARG A 50 15.77 9.58 -3.87
C ARG A 50 15.45 9.51 -5.36
N ILE A 51 14.47 8.71 -5.76
CA ILE A 51 14.07 8.63 -7.17
C ILE A 51 13.48 9.98 -7.61
N GLN A 52 13.04 10.81 -6.67
CA GLN A 52 12.45 12.10 -7.03
C GLN A 52 13.53 13.15 -7.19
N ALA A 53 14.77 12.80 -6.81
CA ALA A 53 15.93 13.64 -7.03
C ALA A 53 16.54 13.31 -8.39
N GLY A 54 16.14 12.16 -8.97
CA GLY A 54 16.53 11.69 -10.28
C GLY A 54 17.90 11.02 -10.27
N LEU A 55 18.00 9.92 -11.01
CA LEU A 55 19.18 9.09 -11.09
C LEU A 55 18.95 7.95 -12.10
N THR A 56 19.86 6.97 -12.14
CA THR A 56 19.73 5.80 -13.02
C THR A 56 20.25 4.57 -12.27
N ALA A 57 19.71 4.33 -11.07
CA ALA A 57 20.23 3.34 -10.13
C ALA A 57 21.76 3.29 -10.20
N PRO A 58 22.40 4.42 -9.86
CA PRO A 58 23.81 4.66 -10.11
C PRO A 58 24.78 3.56 -9.68
N ASP A 59 25.98 3.62 -10.24
CA ASP A 59 27.04 2.65 -10.00
C ASP A 59 27.72 2.89 -8.65
N MET C 1 5.67 -9.30 -7.24
CA MET C 1 5.68 -9.03 -5.79
C MET C 1 6.95 -8.31 -5.39
N LEU C 2 6.82 -7.18 -4.68
CA LEU C 2 7.94 -6.45 -4.14
C LEU C 2 7.69 -6.30 -2.64
N ILE C 3 8.49 -6.99 -1.82
CA ILE C 3 8.37 -6.98 -0.38
C ILE C 3 9.15 -5.81 0.19
N LEU C 4 8.62 -5.23 1.28
CA LEU C 4 9.29 -4.20 2.05
C LEU C 4 8.95 -4.43 3.52
N THR C 5 9.95 -4.36 4.39
CA THR C 5 9.73 -4.48 5.83
C THR C 5 9.56 -3.09 6.41
N ARG C 6 8.71 -2.95 7.42
CA ARG C 6 8.49 -1.65 8.03
C ARG C 6 8.14 -1.78 9.52
N LYS C 7 8.81 -1.00 10.38
CA LYS C 7 8.47 -0.93 11.80
C LYS C 7 7.29 0.01 11.93
N VAL C 8 6.40 -0.22 12.90
CA VAL C 8 5.25 0.68 13.07
C VAL C 8 5.73 2.12 13.25
N GLY C 9 5.05 3.07 12.61
CA GLY C 9 5.38 4.48 12.69
C GLY C 9 6.11 5.00 11.46
N GLU C 10 6.54 4.11 10.54
CA GLU C 10 7.25 4.53 9.33
C GLU C 10 6.32 4.52 8.12
N SER C 11 6.86 4.76 6.92
CA SER C 11 6.05 4.94 5.72
C SER C 11 6.65 4.28 4.47
N ILE C 12 5.84 4.23 3.41
CA ILE C 12 6.15 3.63 2.12
C ILE C 12 5.44 4.46 1.03
N ASN C 13 5.81 4.28 -0.24
CA ASN C 13 5.26 5.06 -1.34
C ASN C 13 4.96 4.21 -2.56
N ILE C 14 4.01 4.66 -3.37
CA ILE C 14 3.59 3.97 -4.59
C ILE C 14 3.26 5.02 -5.65
N GLY C 15 3.55 4.72 -6.91
CA GLY C 15 3.31 5.64 -8.01
C GLY C 15 4.03 6.97 -7.77
N ASP C 16 3.34 8.06 -8.11
CA ASP C 16 3.85 9.42 -7.90
C ASP C 16 2.78 10.26 -7.21
N ASP C 17 1.72 9.59 -6.72
CA ASP C 17 0.56 10.26 -6.12
C ASP C 17 0.02 9.48 -4.92
N ILE C 18 0.72 8.43 -4.45
CA ILE C 18 0.24 7.65 -3.32
C ILE C 18 1.33 7.48 -2.26
N THR C 19 0.90 7.43 -1.00
CA THR C 19 1.77 7.22 0.15
C THR C 19 1.07 6.26 1.11
N ILE C 20 1.85 5.56 1.94
CA ILE C 20 1.36 4.54 2.85
C ILE C 20 2.04 4.74 4.20
N THR C 21 1.34 4.44 5.30
CA THR C 21 1.87 4.62 6.63
C THR C 21 1.40 3.48 7.53
N ILE C 22 2.34 2.71 8.07
CA ILE C 22 2.03 1.62 8.99
C ILE C 22 1.69 2.21 10.35
N LEU C 23 0.39 2.48 10.58
CA LEU C 23 -0.05 3.11 11.80
C LEU C 23 0.18 2.21 13.01
N GLY C 24 0.14 0.88 12.82
CA GLY C 24 0.46 -0.04 13.89
C GLY C 24 -0.17 -1.41 13.69
N VAL C 25 -0.09 -2.26 14.73
CA VAL C 25 -0.67 -3.60 14.69
C VAL C 25 -1.48 -3.86 15.96
N SER C 26 -2.31 -4.91 15.93
CA SER C 26 -3.10 -5.32 17.08
C SER C 26 -3.37 -6.82 16.94
N GLY C 27 -2.67 -7.63 17.74
CA GLY C 27 -2.74 -9.08 17.59
C GLY C 27 -2.07 -9.48 16.29
N GLN C 28 -2.89 -9.68 15.24
CA GLN C 28 -2.41 -9.94 13.90
C GLN C 28 -3.01 -8.94 12.91
N GLN C 29 -3.84 -8.01 13.40
CA GLN C 29 -4.34 -6.93 12.57
C GLN C 29 -3.23 -5.95 12.29
N VAL C 30 -3.41 -5.15 11.24
CA VAL C 30 -2.50 -4.09 10.88
C VAL C 30 -3.33 -2.88 10.49
N ARG C 31 -3.14 -1.76 11.21
CA ARG C 31 -3.73 -0.49 10.81
C ARG C 31 -2.79 0.12 9.79
N ILE C 32 -3.31 0.37 8.59
CA ILE C 32 -2.55 0.97 7.51
C ILE C 32 -3.27 2.22 7.04
N GLY C 33 -2.55 3.35 7.08
CA GLY C 33 -3.07 4.60 6.58
C GLY C 33 -2.63 4.74 5.13
N ILE C 34 -3.46 5.39 4.30
CA ILE C 34 -3.16 5.57 2.90
C ILE C 34 -3.49 7.01 2.55
N ASN C 35 -2.68 7.60 1.67
CA ASN C 35 -2.84 8.98 1.28
C ASN C 35 -2.72 9.10 -0.22
N ALA C 36 -3.87 9.29 -0.88
CA ALA C 36 -3.97 9.38 -2.32
C ALA C 36 -5.08 10.37 -2.69
N PRO C 37 -5.03 10.96 -3.89
CA PRO C 37 -6.06 11.85 -4.36
C PRO C 37 -7.32 11.08 -4.71
N LYS C 38 -8.50 11.72 -4.62
CA LYS C 38 -9.74 11.09 -5.03
C LYS C 38 -9.75 10.80 -6.53
N ASP C 39 -8.70 11.26 -7.23
CA ASP C 39 -8.47 10.95 -8.63
C ASP C 39 -8.12 9.46 -8.81
N VAL C 40 -7.92 8.73 -7.70
CA VAL C 40 -7.64 7.30 -7.72
C VAL C 40 -8.41 6.62 -6.59
N ALA C 41 -8.58 5.30 -6.70
CA ALA C 41 -9.36 4.54 -5.73
C ALA C 41 -8.46 3.80 -4.74
N VAL C 42 -9.02 3.46 -3.58
CA VAL C 42 -8.34 2.63 -2.59
C VAL C 42 -9.38 1.91 -1.75
N HIS C 43 -9.24 0.59 -1.59
CA HIS C 43 -10.25 -0.23 -0.91
C HIS C 43 -9.67 -1.53 -0.37
N ARG C 44 -10.48 -2.26 0.42
CA ARG C 44 -10.14 -3.61 0.83
C ARG C 44 -10.32 -4.54 -0.37
N GLU C 45 -9.74 -5.73 -0.33
CA GLU C 45 -9.84 -6.67 -1.44
C GLU C 45 -11.30 -7.07 -1.68
N GLU C 46 -12.09 -7.16 -0.60
CA GLU C 46 -13.49 -7.56 -0.68
C GLU C 46 -14.40 -6.42 -1.13
N ILE C 47 -13.88 -5.18 -1.20
CA ILE C 47 -14.62 -4.02 -1.67
C ILE C 47 -14.16 -3.62 -3.05
N TYR C 48 -12.88 -3.84 -3.36
CA TYR C 48 -12.33 -3.49 -4.67
C TYR C 48 -13.12 -4.18 -5.79
N GLN C 49 -13.46 -5.46 -5.60
CA GLN C 49 -14.19 -6.20 -6.62
C GLN C 49 -15.56 -5.60 -6.88
N ARG C 50 -16.08 -4.83 -5.91
CA ARG C 50 -17.40 -4.24 -6.03
C ARG C 50 -17.36 -2.92 -6.81
N ILE C 51 -16.29 -2.13 -6.65
CA ILE C 51 -16.16 -0.89 -7.42
C ILE C 51 -16.08 -1.24 -8.91
N GLN C 52 -15.76 -2.49 -9.23
CA GLN C 52 -15.64 -2.96 -10.61
C GLN C 52 -16.92 -3.69 -11.04
N ALA C 53 -17.96 -3.73 -10.19
CA ALA C 53 -19.18 -4.46 -10.49
C ALA C 53 -20.45 -3.63 -10.29
N GLY C 54 -20.37 -2.48 -9.63
CA GLY C 54 -21.52 -1.61 -9.44
C GLY C 54 -21.29 -0.70 -8.23
N LEU C 55 -21.89 0.50 -8.25
CA LEU C 55 -21.61 1.51 -7.25
C LEU C 55 -22.90 2.01 -6.59
N THR C 56 -22.76 2.61 -5.41
CA THR C 56 -23.86 3.18 -4.64
C THR C 56 -23.42 4.47 -3.94
N ALA C 57 -22.17 4.88 -4.14
CA ALA C 57 -21.62 6.08 -3.53
C ALA C 57 -20.49 6.65 -4.39
N PRO C 58 -20.77 7.02 -5.66
CA PRO C 58 -19.79 7.59 -6.58
C PRO C 58 -19.07 8.82 -6.02
N ASP C 59 -18.06 9.30 -6.75
CA ASP C 59 -17.26 10.46 -6.36
C ASP C 59 -18.10 11.74 -6.26
N MET A 1 -6.10 10.76 4.33
CA MET A 1 -5.75 9.47 4.97
C MET A 1 -6.95 8.55 5.00
N LEU A 2 -6.78 7.31 4.54
CA LEU A 2 -7.83 6.30 4.59
C LEU A 2 -7.23 5.07 5.26
N ILE A 3 -7.66 4.80 6.49
CA ILE A 3 -7.19 3.68 7.28
C ILE A 3 -8.02 2.45 6.96
N LEU A 4 -7.38 1.28 7.00
CA LEU A 4 -8.01 -0.02 6.86
C LEU A 4 -7.32 -0.98 7.82
N THR A 5 -7.98 -2.08 8.16
CA THR A 5 -7.40 -3.09 9.04
C THR A 5 -7.35 -4.43 8.31
N ARG A 6 -6.26 -5.19 8.51
CA ARG A 6 -6.09 -6.49 7.88
C ARG A 6 -5.37 -7.45 8.81
N LYS A 7 -5.89 -8.68 8.92
CA LYS A 7 -5.22 -9.76 9.64
C LYS A 7 -4.10 -10.25 8.74
N VAL A 8 -3.03 -10.83 9.28
CA VAL A 8 -1.95 -11.31 8.42
C VAL A 8 -2.51 -12.35 7.43
N GLY A 9 -2.18 -12.18 6.14
CA GLY A 9 -2.61 -13.08 5.07
C GLY A 9 -3.67 -12.43 4.18
N GLU A 10 -4.30 -11.34 4.63
CA GLU A 10 -5.33 -10.65 3.86
C GLU A 10 -4.70 -9.66 2.87
N SER A 11 -5.54 -8.92 2.11
CA SER A 11 -5.04 -8.04 1.06
C SER A 11 -5.86 -6.76 0.94
N ILE A 12 -5.31 -5.80 0.19
CA ILE A 12 -5.82 -4.45 -0.01
C ILE A 12 -5.54 -4.06 -1.48
N ASN A 13 -6.18 -3.00 -1.99
CA ASN A 13 -6.03 -2.59 -3.37
C ASN A 13 -5.96 -1.07 -3.52
N ILE A 14 -5.31 -0.63 -4.59
CA ILE A 14 -5.11 0.78 -4.91
C ILE A 14 -5.20 0.96 -6.43
N GLY A 15 -5.80 2.08 -6.86
CA GLY A 15 -5.98 2.35 -8.28
C GLY A 15 -6.74 1.21 -8.94
N ASP A 16 -6.34 0.87 -10.16
CA ASP A 16 -6.91 -0.24 -10.91
C ASP A 16 -5.79 -1.14 -11.45
N ASP A 17 -4.56 -0.91 -10.98
CA ASP A 17 -3.38 -1.62 -11.43
C ASP A 17 -2.44 -1.97 -10.26
N ILE A 18 -2.86 -1.75 -9.01
CA ILE A 18 -2.02 -2.07 -7.86
C ILE A 18 -2.79 -2.88 -6.84
N THR A 19 -2.06 -3.78 -6.17
CA THR A 19 -2.58 -4.64 -5.11
C THR A 19 -1.56 -4.69 -3.98
N ILE A 20 -2.03 -4.97 -2.76
CA ILE A 20 -1.20 -4.98 -1.56
C ILE A 20 -1.57 -6.21 -0.74
N THR A 21 -0.60 -6.78 -0.01
CA THR A 21 -0.84 -7.95 0.80
C THR A 21 -0.02 -7.88 2.08
N ILE A 22 -0.68 -8.08 3.23
CA ILE A 22 0.00 -8.13 4.52
C ILE A 22 0.58 -9.54 4.70
N LEU A 23 1.83 -9.71 4.31
CA LEU A 23 2.50 -11.00 4.36
C LEU A 23 2.68 -11.46 5.81
N GLY A 24 2.83 -10.53 6.76
CA GLY A 24 2.90 -10.89 8.17
C GLY A 24 3.63 -9.85 9.00
N VAL A 25 3.94 -10.20 10.26
CA VAL A 25 4.69 -9.33 11.16
C VAL A 25 5.79 -10.13 11.85
N SER A 26 6.77 -9.40 12.41
CA SER A 26 7.86 -9.98 13.16
C SER A 26 8.34 -8.93 14.16
N GLY A 27 7.81 -9.00 15.38
CA GLY A 27 8.03 -7.94 16.35
C GLY A 27 7.20 -6.73 15.91
N GLN A 28 7.86 -5.59 15.74
CA GLN A 28 7.20 -4.36 15.31
C GLN A 28 7.39 -4.16 13.82
N GLN A 29 8.07 -5.11 13.16
CA GLN A 29 8.17 -5.09 11.72
C GLN A 29 6.89 -5.64 11.11
N VAL A 30 6.67 -5.32 9.85
CA VAL A 30 5.55 -5.81 9.08
C VAL A 30 6.06 -6.10 7.67
N ARG A 31 5.95 -7.35 7.22
CA ARG A 31 6.24 -7.68 5.84
C ARG A 31 5.01 -7.29 5.02
N ILE A 32 5.22 -6.34 4.11
CA ILE A 32 4.17 -5.85 3.23
C ILE A 32 4.60 -6.17 1.81
N GLY A 33 3.70 -6.79 1.04
CA GLY A 33 3.96 -7.12 -0.34
C GLY A 33 3.18 -6.18 -1.22
N ILE A 34 3.70 -5.90 -2.41
CA ILE A 34 3.04 -5.00 -3.35
C ILE A 34 3.08 -5.66 -4.73
N ASN A 35 2.04 -5.45 -5.52
CA ASN A 35 1.92 -6.04 -6.84
C ASN A 35 1.42 -4.99 -7.81
N ALA A 36 2.36 -4.47 -8.61
CA ALA A 36 2.08 -3.43 -9.59
C ALA A 36 2.97 -3.67 -10.82
N PRO A 37 2.55 -3.22 -12.01
CA PRO A 37 3.34 -3.33 -13.21
C PRO A 37 4.59 -2.47 -13.09
N LYS A 38 5.69 -2.86 -13.74
CA LYS A 38 6.91 -2.04 -13.71
C LYS A 38 6.65 -0.69 -14.38
N ASP A 39 5.46 -0.53 -14.97
CA ASP A 39 5.01 0.71 -15.60
C ASP A 39 4.83 1.82 -14.58
N VAL A 40 4.90 1.49 -13.29
CA VAL A 40 4.78 2.45 -12.20
C VAL A 40 5.84 2.15 -11.14
N ALA A 41 6.15 3.15 -10.31
CA ALA A 41 7.19 3.00 -9.31
C ALA A 41 6.61 2.64 -7.95
N VAL A 42 7.42 1.97 -7.13
CA VAL A 42 7.05 1.68 -5.74
C VAL A 42 8.34 1.54 -4.92
N HIS A 43 8.38 2.20 -3.75
CA HIS A 43 9.55 2.20 -2.89
C HIS A 43 9.14 2.50 -1.46
N ARG A 44 10.01 2.22 -0.50
CA ARG A 44 9.75 2.63 0.88
C ARG A 44 10.07 4.14 0.98
N GLU A 45 9.53 4.82 2.00
CA GLU A 45 9.58 6.27 2.07
C GLU A 45 11.01 6.86 2.11
N GLU A 46 12.01 6.09 2.56
CA GLU A 46 13.39 6.59 2.64
C GLU A 46 14.12 6.39 1.31
N ILE A 47 13.48 5.72 0.34
CA ILE A 47 14.06 5.48 -0.98
C ILE A 47 13.28 6.27 -2.02
N TYR A 48 11.98 6.46 -1.84
CA TYR A 48 11.18 7.22 -2.78
C TYR A 48 11.75 8.62 -2.97
N GLN A 49 12.20 9.25 -1.88
CA GLN A 49 12.76 10.59 -1.94
C GLN A 49 14.04 10.63 -2.78
N ARG A 50 14.68 9.48 -2.97
CA ARG A 50 15.94 9.39 -3.70
C ARG A 50 15.68 9.25 -5.20
N ILE A 51 14.64 8.52 -5.61
CA ILE A 51 14.31 8.40 -7.03
C ILE A 51 13.95 9.79 -7.57
N GLN A 52 13.62 10.73 -6.66
CA GLN A 52 13.26 12.08 -7.02
C GLN A 52 14.44 13.05 -6.83
N ALA A 53 15.63 12.53 -6.48
CA ALA A 53 16.80 13.36 -6.20
C ALA A 53 18.06 12.89 -6.95
N GLY A 54 18.07 11.69 -7.53
CA GLY A 54 19.22 11.19 -8.26
C GLY A 54 19.19 9.67 -8.28
N LEU A 55 19.74 9.06 -9.34
CA LEU A 55 19.64 7.62 -9.53
C LEU A 55 21.02 6.99 -9.64
N THR A 56 21.06 5.67 -9.45
CA THR A 56 22.27 4.86 -9.53
C THR A 56 21.98 3.51 -10.17
N ALA A 57 20.73 3.28 -10.58
CA ALA A 57 20.30 2.04 -11.21
C ALA A 57 19.15 2.30 -12.20
N PRO A 58 19.36 3.15 -13.23
CA PRO A 58 18.37 3.45 -14.25
C PRO A 58 17.84 2.21 -14.97
N ASP A 59 16.89 2.43 -15.88
CA ASP A 59 16.33 1.38 -16.73
C ASP A 59 17.37 0.81 -17.70
N MET C 1 5.65 -9.23 -7.42
CA MET C 1 5.62 -8.92 -5.98
C MET C 1 6.90 -8.20 -5.56
N LEU C 2 6.77 -7.09 -4.84
CA LEU C 2 7.89 -6.37 -4.28
C LEU C 2 7.63 -6.21 -2.78
N ILE C 3 8.36 -6.98 -1.96
CA ILE C 3 8.22 -6.96 -0.52
C ILE C 3 9.02 -5.80 0.05
N LEU C 4 8.50 -5.19 1.12
CA LEU C 4 9.18 -4.17 1.89
C LEU C 4 8.83 -4.39 3.35
N THR C 5 9.84 -4.34 4.23
CA THR C 5 9.60 -4.41 5.67
C THR C 5 9.48 -3.00 6.21
N ARG C 6 8.65 -2.83 7.25
CA ARG C 6 8.44 -1.52 7.83
C ARG C 6 8.14 -1.65 9.31
N LYS C 7 8.75 -0.82 10.17
CA LYS C 7 8.44 -0.81 11.59
C LYS C 7 7.22 0.07 11.81
N VAL C 8 6.40 -0.21 12.81
CA VAL C 8 5.23 0.62 13.09
C VAL C 8 5.69 2.06 13.33
N GLY C 9 5.06 3.01 12.62
CA GLY C 9 5.40 4.42 12.72
C GLY C 9 6.15 4.95 11.50
N GLU C 10 6.41 4.11 10.49
CA GLU C 10 7.13 4.53 9.30
C GLU C 10 6.21 4.50 8.07
N SER C 11 6.75 4.76 6.87
CA SER C 11 5.93 4.91 5.68
C SER C 11 6.55 4.27 4.43
N ILE C 12 5.75 4.22 3.36
CA ILE C 12 6.07 3.63 2.06
C ILE C 12 5.39 4.48 0.99
N ASN C 13 5.77 4.32 -0.29
CA ASN C 13 5.27 5.15 -1.38
C ASN C 13 5.00 4.32 -2.64
N ILE C 14 4.06 4.83 -3.46
CA ILE C 14 3.67 4.20 -4.71
C ILE C 14 3.39 5.29 -5.73
N GLY C 15 3.75 5.06 -6.99
CA GLY C 15 3.59 6.04 -8.04
C GLY C 15 4.27 7.36 -7.64
N ASP C 16 3.64 8.48 -7.98
CA ASP C 16 4.11 9.81 -7.62
C ASP C 16 2.96 10.62 -6.99
N ASP C 17 1.85 9.94 -6.66
CA ASP C 17 0.67 10.56 -6.07
C ASP C 17 0.11 9.72 -4.92
N ILE C 18 0.79 8.65 -4.49
CA ILE C 18 0.28 7.82 -3.41
C ILE C 18 1.35 7.62 -2.34
N THR C 19 0.91 7.51 -1.09
CA THR C 19 1.77 7.26 0.07
C THR C 19 1.05 6.26 0.97
N ILE C 20 1.82 5.54 1.78
CA ILE C 20 1.32 4.48 2.63
C ILE C 20 1.99 4.61 3.99
N THR C 21 1.29 4.21 5.06
CA THR C 21 1.82 4.31 6.42
C THR C 21 1.40 3.08 7.22
N ILE C 22 2.22 2.69 8.20
CA ILE C 22 1.95 1.57 9.07
C ILE C 22 1.65 2.10 10.47
N LEU C 23 0.38 2.38 10.74
CA LEU C 23 -0.06 2.98 11.98
C LEU C 23 0.21 2.05 13.16
N GLY C 24 0.16 0.74 12.94
CA GLY C 24 0.51 -0.22 13.99
C GLY C 24 -0.11 -1.59 13.78
N VAL C 25 -0.02 -2.44 14.81
CA VAL C 25 -0.60 -3.78 14.76
C VAL C 25 -1.38 -4.05 16.04
N SER C 26 -2.23 -5.08 16.03
CA SER C 26 -3.01 -5.49 17.18
C SER C 26 -3.33 -6.98 17.04
N GLY C 27 -2.67 -7.81 17.84
CA GLY C 27 -2.78 -9.25 17.69
C GLY C 27 -2.16 -9.68 16.37
N GLN C 28 -2.99 -9.85 15.34
CA GLN C 28 -2.54 -10.11 13.99
C GLN C 28 -3.15 -9.10 13.02
N GLN C 29 -3.96 -8.17 13.51
CA GLN C 29 -4.42 -7.06 12.69
C GLN C 29 -3.28 -6.11 12.44
N VAL C 30 -3.42 -5.29 11.41
CA VAL C 30 -2.48 -4.25 11.09
C VAL C 30 -3.28 -3.03 10.65
N ARG C 31 -3.13 -1.91 11.36
CA ARG C 31 -3.71 -0.65 10.92
C ARG C 31 -2.77 -0.08 9.88
N ILE C 32 -3.29 0.05 8.65
CA ILE C 32 -2.53 0.58 7.53
C ILE C 32 -3.24 1.85 7.08
N GLY C 33 -2.45 2.89 6.78
CA GLY C 33 -3.00 4.17 6.33
C GLY C 33 -2.58 4.38 4.89
N ILE C 34 -3.41 5.11 4.13
CA ILE C 34 -3.14 5.39 2.73
C ILE C 34 -3.46 6.85 2.48
N ASN C 35 -2.69 7.48 1.60
CA ASN C 35 -2.85 8.89 1.28
C ASN C 35 -2.74 9.06 -0.22
N ALA C 36 -3.89 9.25 -0.87
CA ALA C 36 -3.99 9.39 -2.31
C ALA C 36 -5.09 10.40 -2.64
N PRO C 37 -5.03 11.04 -3.82
CA PRO C 37 -6.06 11.96 -4.27
C PRO C 37 -7.32 11.19 -4.65
N LYS C 38 -8.48 11.83 -4.53
CA LYS C 38 -9.74 11.24 -4.96
C LYS C 38 -9.76 11.03 -6.47
N ASP C 39 -8.69 11.46 -7.15
CA ASP C 39 -8.49 11.21 -8.57
C ASP C 39 -8.23 9.71 -8.82
N VAL C 40 -8.01 8.94 -7.75
CA VAL C 40 -7.78 7.51 -7.83
C VAL C 40 -8.54 6.80 -6.71
N ALA C 41 -8.76 5.50 -6.85
CA ALA C 41 -9.54 4.73 -5.89
C ALA C 41 -8.64 3.91 -4.98
N VAL C 42 -9.16 3.56 -3.80
CA VAL C 42 -8.46 2.67 -2.87
C VAL C 42 -9.50 1.92 -2.04
N HIS C 43 -9.30 0.61 -1.85
CA HIS C 43 -10.28 -0.23 -1.15
C HIS C 43 -9.62 -1.49 -0.60
N ARG C 44 -10.36 -2.24 0.24
CA ARG C 44 -9.90 -3.55 0.65
C ARG C 44 -10.02 -4.50 -0.54
N GLU C 45 -9.27 -5.59 -0.56
CA GLU C 45 -9.35 -6.55 -1.66
C GLU C 45 -10.73 -7.21 -1.71
N GLU C 46 -11.45 -7.23 -0.58
CA GLU C 46 -12.80 -7.78 -0.52
C GLU C 46 -13.86 -6.74 -0.93
N ILE C 47 -13.42 -5.51 -1.21
CA ILE C 47 -14.30 -4.43 -1.62
C ILE C 47 -13.97 -3.99 -3.04
N TYR C 48 -12.70 -4.03 -3.43
CA TYR C 48 -12.30 -3.63 -4.77
C TYR C 48 -13.04 -4.45 -5.83
N GLN C 49 -13.26 -5.73 -5.55
CA GLN C 49 -13.96 -6.60 -6.48
C GLN C 49 -15.42 -6.19 -6.62
N ARG C 50 -15.94 -5.44 -5.63
CA ARG C 50 -17.32 -4.99 -5.66
C ARG C 50 -17.45 -3.69 -6.46
N ILE C 51 -16.44 -2.80 -6.40
CA ILE C 51 -16.47 -1.61 -7.22
C ILE C 51 -16.32 -2.02 -8.69
N GLN C 52 -15.73 -3.20 -8.93
CA GLN C 52 -15.50 -3.69 -10.29
C GLN C 52 -16.64 -4.60 -10.75
N ALA C 53 -17.66 -4.76 -9.92
CA ALA C 53 -18.83 -5.52 -10.29
C ALA C 53 -19.72 -4.71 -11.26
N GLY C 54 -19.41 -3.43 -11.49
CA GLY C 54 -20.18 -2.65 -12.45
C GLY C 54 -20.51 -1.20 -12.08
N LEU C 55 -19.78 -0.60 -11.14
CA LEU C 55 -20.21 0.67 -10.58
C LEU C 55 -19.04 1.48 -10.01
N THR C 56 -19.33 2.50 -9.20
CA THR C 56 -18.30 3.29 -8.52
C THR C 56 -18.45 3.17 -7.01
N ALA C 57 -19.70 3.00 -6.54
CA ALA C 57 -20.03 2.63 -5.17
C ALA C 57 -21.53 2.35 -5.03
N PRO C 58 -22.42 3.15 -5.65
CA PRO C 58 -23.85 2.92 -5.63
C PRO C 58 -24.24 1.59 -6.25
N ASP C 59 -25.55 1.28 -6.18
CA ASP C 59 -26.11 0.08 -6.77
C ASP C 59 -26.05 0.10 -8.30
#